data_6S6N
# 
_entry.id   6S6N 
# 
_audit_conform.dict_name       mmcif_pdbx.dic 
_audit_conform.dict_version    5.391 
_audit_conform.dict_location   http://mmcif.pdb.org/dictionaries/ascii/mmcif_pdbx.dic 
# 
loop_
_database_2.database_id 
_database_2.database_code 
_database_2.pdbx_database_accession 
_database_2.pdbx_DOI 
PDB   6S6N         pdb_00006s6n 10.2210/pdb6s6n/pdb 
WWPDB D_1292103170 ?            ?                   
# 
loop_
_pdbx_audit_revision_history.ordinal 
_pdbx_audit_revision_history.data_content_type 
_pdbx_audit_revision_history.major_revision 
_pdbx_audit_revision_history.minor_revision 
_pdbx_audit_revision_history.revision_date 
1 'Structure model' 1 0 2020-08-19 
2 'Structure model' 1 1 2024-05-01 
# 
_pdbx_audit_revision_details.ordinal             1 
_pdbx_audit_revision_details.revision_ordinal    1 
_pdbx_audit_revision_details.data_content_type   'Structure model' 
_pdbx_audit_revision_details.provider            repository 
_pdbx_audit_revision_details.type                'Initial release' 
_pdbx_audit_revision_details.description         ? 
_pdbx_audit_revision_details.details             ? 
# 
loop_
_pdbx_audit_revision_group.ordinal 
_pdbx_audit_revision_group.revision_ordinal 
_pdbx_audit_revision_group.data_content_type 
_pdbx_audit_revision_group.group 
1 2 'Structure model' 'Data collection'        
2 2 'Structure model' 'Database references'    
3 2 'Structure model' 'Refinement description' 
# 
loop_
_pdbx_audit_revision_category.ordinal 
_pdbx_audit_revision_category.revision_ordinal 
_pdbx_audit_revision_category.data_content_type 
_pdbx_audit_revision_category.category 
1 2 'Structure model' chem_comp_atom                
2 2 'Structure model' chem_comp_bond                
3 2 'Structure model' database_2                    
4 2 'Structure model' pdbx_initial_refinement_model 
# 
loop_
_pdbx_audit_revision_item.ordinal 
_pdbx_audit_revision_item.revision_ordinal 
_pdbx_audit_revision_item.data_content_type 
_pdbx_audit_revision_item.item 
1 2 'Structure model' '_database_2.pdbx_DOI'                
2 2 'Structure model' '_database_2.pdbx_database_accession' 
# 
_pdbx_database_status.status_code                     REL 
_pdbx_database_status.status_code_sf                  REL 
_pdbx_database_status.status_code_mr                  ? 
_pdbx_database_status.entry_id                        6S6N 
_pdbx_database_status.recvd_initial_deposition_date   2019-07-03 
_pdbx_database_status.SG_entry                        N 
_pdbx_database_status.deposit_site                    PDBE 
_pdbx_database_status.process_site                    PDBE 
_pdbx_database_status.status_code_cs                  ? 
_pdbx_database_status.methods_development_category    ? 
_pdbx_database_status.pdb_format_compatible           Y 
_pdbx_database_status.status_code_nmr_data            ? 
# 
loop_
_audit_author.name 
_audit_author.pdbx_ordinal 
_audit_author.identifier_ORCID 
'Landau, M.'    1 ? 
'Engelberg, Y.' 2 ? 
# 
_citation.abstract                  ? 
_citation.abstract_id_CAS           ? 
_citation.book_id_ISBN              ? 
_citation.book_publisher            ? 
_citation.book_publisher_city       ? 
_citation.book_title                ? 
_citation.coordinate_linkage        ? 
_citation.country                   UK 
_citation.database_id_Medline       ? 
_citation.details                   ? 
_citation.id                        primary 
_citation.journal_abbrev            'Nat Commun' 
_citation.journal_id_ASTM           ? 
_citation.journal_id_CSD            ? 
_citation.journal_id_ISSN           2041-1723 
_citation.journal_full              ? 
_citation.journal_issue             ? 
_citation.journal_volume            11 
_citation.language                  ? 
_citation.page_first                3894 
_citation.page_last                 3894 
_citation.title                     'The Human LL-37(17-29) antimicrobial peptide reveals a functional supramolecular structure.' 
_citation.year                      2020 
_citation.database_id_CSD           ? 
_citation.pdbx_database_id_DOI      10.1038/s41467-020-17736-x 
_citation.pdbx_database_id_PubMed   32753597 
_citation.unpublished_flag          ? 
# 
loop_
_citation_author.citation_id 
_citation_author.name 
_citation_author.ordinal 
_citation_author.identifier_ORCID 
primary 'Engelberg, Y.' 1 ?                   
primary 'Landau, M.'    2 0000-0002-1743-3430 
# 
loop_
_entity.id 
_entity.type 
_entity.src_method 
_entity.pdbx_description 
_entity.formula_weight 
_entity.pdbx_number_of_molecules 
_entity.pdbx_ec 
_entity.pdbx_mutation 
_entity.pdbx_fragment 
_entity.details 
1 polymer syn 'Cathelicidin antimicrobial peptide' 1664.028 2  ? ? 'Antimicrobial core segment of gorilla LL37 (residues 17-29)' ? 
2 water   nat water                                18.015   56 ? ? ?                                                             ? 
# 
_entity_poly.entity_id                      1 
_entity_poly.type                           'polypeptide(L)' 
_entity_poly.nstd_linkage                   no 
_entity_poly.nstd_monomer                   no 
_entity_poly.pdbx_seq_one_letter_code       SKRIVQRIKDFLR 
_entity_poly.pdbx_seq_one_letter_code_can   SKRIVQRIKDFLR 
_entity_poly.pdbx_strand_id                 A,B 
_entity_poly.pdbx_target_identifier         ? 
# 
_pdbx_entity_nonpoly.entity_id   2 
_pdbx_entity_nonpoly.name        water 
_pdbx_entity_nonpoly.comp_id     HOH 
# 
loop_
_entity_poly_seq.entity_id 
_entity_poly_seq.num 
_entity_poly_seq.mon_id 
_entity_poly_seq.hetero 
1 1  SER n 
1 2  LYS n 
1 3  ARG n 
1 4  ILE n 
1 5  VAL n 
1 6  GLN n 
1 7  ARG n 
1 8  ILE n 
1 9  LYS n 
1 10 ASP n 
1 11 PHE n 
1 12 LEU n 
1 13 ARG n 
# 
_pdbx_entity_src_syn.entity_id              1 
_pdbx_entity_src_syn.pdbx_src_id            1 
_pdbx_entity_src_syn.pdbx_alt_source_flag   sample 
_pdbx_entity_src_syn.pdbx_beg_seq_num       1 
_pdbx_entity_src_syn.pdbx_end_seq_num       13 
_pdbx_entity_src_syn.organism_scientific    'Gorilla gorilla gorilla' 
_pdbx_entity_src_syn.organism_common_name   'Western lowland gorilla' 
_pdbx_entity_src_syn.ncbi_taxonomy_id       9595 
_pdbx_entity_src_syn.details                'Gorilla LL37(17-29), synthesized' 
# 
loop_
_chem_comp.id 
_chem_comp.type 
_chem_comp.mon_nstd_flag 
_chem_comp.name 
_chem_comp.pdbx_synonyms 
_chem_comp.formula 
_chem_comp.formula_weight 
ARG 'L-peptide linking' y ARGININE        ? 'C6 H15 N4 O2 1' 175.209 
ASP 'L-peptide linking' y 'ASPARTIC ACID' ? 'C4 H7 N O4'     133.103 
GLN 'L-peptide linking' y GLUTAMINE       ? 'C5 H10 N2 O3'   146.144 
HOH non-polymer         . WATER           ? 'H2 O'           18.015  
ILE 'L-peptide linking' y ISOLEUCINE      ? 'C6 H13 N O2'    131.173 
LEU 'L-peptide linking' y LEUCINE         ? 'C6 H13 N O2'    131.173 
LYS 'L-peptide linking' y LYSINE          ? 'C6 H15 N2 O2 1' 147.195 
PHE 'L-peptide linking' y PHENYLALANINE   ? 'C9 H11 N O2'    165.189 
SER 'L-peptide linking' y SERINE          ? 'C3 H7 N O3'     105.093 
VAL 'L-peptide linking' y VALINE          ? 'C5 H11 N O2'    117.146 
# 
loop_
_pdbx_poly_seq_scheme.asym_id 
_pdbx_poly_seq_scheme.entity_id 
_pdbx_poly_seq_scheme.seq_id 
_pdbx_poly_seq_scheme.mon_id 
_pdbx_poly_seq_scheme.ndb_seq_num 
_pdbx_poly_seq_scheme.pdb_seq_num 
_pdbx_poly_seq_scheme.auth_seq_num 
_pdbx_poly_seq_scheme.pdb_mon_id 
_pdbx_poly_seq_scheme.auth_mon_id 
_pdbx_poly_seq_scheme.pdb_strand_id 
_pdbx_poly_seq_scheme.pdb_ins_code 
_pdbx_poly_seq_scheme.hetero 
A 1 1  SER 1  1  1  SER SER A . n 
A 1 2  LYS 2  2  2  LYS LYS A . n 
A 1 3  ARG 3  3  3  ARG ARG A . n 
A 1 4  ILE 4  4  4  ILE ILE A . n 
A 1 5  VAL 5  5  5  VAL VAL A . n 
A 1 6  GLN 6  6  6  GLN GLN A . n 
A 1 7  ARG 7  7  7  ARG ARG A . n 
A 1 8  ILE 8  8  8  ILE ILE A . n 
A 1 9  LYS 9  9  9  LYS LYS A . n 
A 1 10 ASP 10 10 10 ASP ASP A . n 
A 1 11 PHE 11 11 11 PHE PHE A . n 
A 1 12 LEU 12 12 12 LEU LEU A . n 
A 1 13 ARG 13 13 13 ARG ARG A . n 
B 1 1  SER 1  1  1  SER SER B . n 
B 1 2  LYS 2  2  2  LYS LYS B . n 
B 1 3  ARG 3  3  3  ARG ARG B . n 
B 1 4  ILE 4  4  4  ILE ILE B . n 
B 1 5  VAL 5  5  5  VAL VAL B . n 
B 1 6  GLN 6  6  6  GLN GLN B . n 
B 1 7  ARG 7  7  7  ARG ARG B . n 
B 1 8  ILE 8  8  8  ILE ILE B . n 
B 1 9  LYS 9  9  9  LYS LYS B . n 
B 1 10 ASP 10 10 10 ASP ASP B . n 
B 1 11 PHE 11 11 11 PHE PHE B . n 
B 1 12 LEU 12 12 12 LEU LEU B . n 
B 1 13 ARG 13 13 13 ARG ARG B . n 
# 
loop_
_pdbx_nonpoly_scheme.asym_id 
_pdbx_nonpoly_scheme.entity_id 
_pdbx_nonpoly_scheme.mon_id 
_pdbx_nonpoly_scheme.ndb_seq_num 
_pdbx_nonpoly_scheme.pdb_seq_num 
_pdbx_nonpoly_scheme.auth_seq_num 
_pdbx_nonpoly_scheme.pdb_mon_id 
_pdbx_nonpoly_scheme.auth_mon_id 
_pdbx_nonpoly_scheme.pdb_strand_id 
_pdbx_nonpoly_scheme.pdb_ins_code 
C 2 HOH 1  101 70 HOH HOH A . 
C 2 HOH 2  102 37 HOH HOH A . 
C 2 HOH 3  103 15 HOH HOH A . 
C 2 HOH 4  104 7  HOH HOH A . 
C 2 HOH 5  105 76 HOH HOH A . 
C 2 HOH 6  106 35 HOH HOH A . 
C 2 HOH 7  107 32 HOH HOH A . 
C 2 HOH 8  108 1  HOH HOH A . 
C 2 HOH 9  109 68 HOH HOH A . 
C 2 HOH 10 110 8  HOH HOH A . 
C 2 HOH 11 111 4  HOH HOH A . 
C 2 HOH 12 112 18 HOH HOH A . 
C 2 HOH 13 113 59 HOH HOH A . 
C 2 HOH 14 114 41 HOH HOH A . 
C 2 HOH 15 115 30 HOH HOH A . 
C 2 HOH 16 116 22 HOH HOH A . 
C 2 HOH 17 117 66 HOH HOH A . 
C 2 HOH 18 118 64 HOH HOH A . 
C 2 HOH 19 119 25 HOH HOH A . 
C 2 HOH 20 120 56 HOH HOH A . 
C 2 HOH 21 121 55 HOH HOH A . 
C 2 HOH 22 122 75 HOH HOH A . 
C 2 HOH 23 123 43 HOH HOH A . 
C 2 HOH 24 124 63 HOH HOH A . 
C 2 HOH 25 125 46 HOH HOH A . 
C 2 HOH 26 126 50 HOH HOH A . 
C 2 HOH 27 127 23 HOH HOH A . 
C 2 HOH 28 128 48 HOH HOH A . 
C 2 HOH 29 129 9  HOH HOH A . 
C 2 HOH 30 130 65 HOH HOH A . 
C 2 HOH 31 131 62 HOH HOH A . 
C 2 HOH 32 132 2  HOH HOH A . 
D 2 HOH 1  101 57 HOH HOH B . 
D 2 HOH 2  102 10 HOH HOH B . 
D 2 HOH 3  103 40 HOH HOH B . 
D 2 HOH 4  104 60 HOH HOH B . 
D 2 HOH 5  105 16 HOH HOH B . 
D 2 HOH 6  106 27 HOH HOH B . 
D 2 HOH 7  107 33 HOH HOH B . 
D 2 HOH 8  108 19 HOH HOH B . 
D 2 HOH 9  109 13 HOH HOH B . 
D 2 HOH 10 110 5  HOH HOH B . 
D 2 HOH 11 111 14 HOH HOH B . 
D 2 HOH 12 112 17 HOH HOH B . 
D 2 HOH 13 113 21 HOH HOH B . 
D 2 HOH 14 114 31 HOH HOH B . 
D 2 HOH 15 115 6  HOH HOH B . 
D 2 HOH 16 116 28 HOH HOH B . 
D 2 HOH 17 117 34 HOH HOH B . 
D 2 HOH 18 118 73 HOH HOH B . 
D 2 HOH 19 119 24 HOH HOH B . 
D 2 HOH 20 120 72 HOH HOH B . 
D 2 HOH 21 121 39 HOH HOH B . 
D 2 HOH 22 122 53 HOH HOH B . 
D 2 HOH 23 123 12 HOH HOH B . 
D 2 HOH 24 124 51 HOH HOH B . 
# 
loop_
_software.citation_id 
_software.classification 
_software.compiler_name 
_software.compiler_version 
_software.contact_author 
_software.contact_author_email 
_software.date 
_software.description 
_software.dependencies 
_software.hardware 
_software.language 
_software.location 
_software.mods 
_software.name 
_software.os 
_software.os_version 
_software.type 
_software.version 
_software.pdbx_ordinal 
? refinement        ? ? ?                 ?                                       ?              ? ? ? ?   ? ? REFMAC      ? ? ? 
5.8.0253 1 
? 'data reduction'  ? ? 'Wolfgang Kabsch' Wolfgang.Kabsch@mpimf-heidelberg.mpg.de ?              ? ? ? ?   
http://www.mpimf-heidelberg.mpg.de/~kabsch/xds/                             ? XDS         ? ? package .        2 
? 'data scaling'    ? ? 'Wolfgang Kabsch' ?                                       ?              ? ? ? ?   
http://www.mpimf-heidelberg.mpg.de/~kabsch/xds/html_doc/xscale_program.html ? XSCALE      ? ? package .        3 
? phasing           ? ? 'Randy J. Read'   cimr-phaser@lists.cam.ac.uk             ?              ? ? ? ?   
http://www-structmed.cimr.cam.ac.uk/phaser/                                 ? PHASER      ? ? program .        4 
? 'data extraction' ? ? PDB               deposit@deposit.rcsb.org                'Apr. 1, 2019' ? ? ? C++ 
http://sw-tools.pdb.org/apps/PDB_EXTRACT/                                   ? PDB_EXTRACT ? ? package 3.25     5 
# 
_cell.angle_alpha                  90.000 
_cell.angle_alpha_esd              ? 
_cell.angle_beta                   90.000 
_cell.angle_beta_esd               ? 
_cell.angle_gamma                  120.000 
_cell.angle_gamma_esd              ? 
_cell.entry_id                     6S6N 
_cell.details                      ? 
_cell.formula_units_Z              ? 
_cell.length_a                     41.150 
_cell.length_a_esd                 ? 
_cell.length_b                     41.150 
_cell.length_b_esd                 ? 
_cell.length_c                     57.280 
_cell.length_c_esd                 ? 
_cell.volume                       ? 
_cell.volume_esd                   ? 
_cell.Z_PDB                        24 
_cell.reciprocal_angle_alpha       ? 
_cell.reciprocal_angle_beta        ? 
_cell.reciprocal_angle_gamma       ? 
_cell.reciprocal_angle_alpha_esd   ? 
_cell.reciprocal_angle_beta_esd    ? 
_cell.reciprocal_angle_gamma_esd   ? 
_cell.reciprocal_length_a          ? 
_cell.reciprocal_length_b          ? 
_cell.reciprocal_length_c          ? 
_cell.reciprocal_length_a_esd      ? 
_cell.reciprocal_length_b_esd      ? 
_cell.reciprocal_length_c_esd      ? 
_cell.pdbx_unique_axis             ? 
# 
_symmetry.entry_id                         6S6N 
_symmetry.cell_setting                     ? 
_symmetry.Int_Tables_number                178 
_symmetry.space_group_name_Hall            ? 
_symmetry.space_group_name_H-M             'P 61 2 2' 
_symmetry.pdbx_full_space_group_name_H-M   ? 
# 
_exptl.absorpt_coefficient_mu     ? 
_exptl.absorpt_correction_T_max   ? 
_exptl.absorpt_correction_T_min   ? 
_exptl.absorpt_correction_type    ? 
_exptl.absorpt_process_details    ? 
_exptl.entry_id                   6S6N 
_exptl.crystals_number            1 
_exptl.details                    ? 
_exptl.method                     'X-RAY DIFFRACTION' 
_exptl.method_details             ? 
# 
_exptl_crystal.colour                      ? 
_exptl_crystal.density_diffrn              ? 
_exptl_crystal.density_Matthews            2.10 
_exptl_crystal.density_method              ? 
_exptl_crystal.density_percent_sol         41.52 
_exptl_crystal.description                 ? 
_exptl_crystal.F_000                       ? 
_exptl_crystal.id                          1 
_exptl_crystal.preparation                 ? 
_exptl_crystal.size_max                    ? 
_exptl_crystal.size_mid                    ? 
_exptl_crystal.size_min                    ? 
_exptl_crystal.size_rad                    ? 
_exptl_crystal.colour_lustre               ? 
_exptl_crystal.colour_modifier             ? 
_exptl_crystal.colour_primary              ? 
_exptl_crystal.density_meas                ? 
_exptl_crystal.density_meas_esd            ? 
_exptl_crystal.density_meas_gt             ? 
_exptl_crystal.density_meas_lt             ? 
_exptl_crystal.density_meas_temp           ? 
_exptl_crystal.density_meas_temp_esd       ? 
_exptl_crystal.density_meas_temp_gt        ? 
_exptl_crystal.density_meas_temp_lt        ? 
_exptl_crystal.pdbx_crystal_image_url      ? 
_exptl_crystal.pdbx_crystal_image_format   ? 
_exptl_crystal.pdbx_mosaicity              ? 
_exptl_crystal.pdbx_mosaicity_esd          ? 
# 
_exptl_crystal_grow.apparatus       ? 
_exptl_crystal_grow.atmosphere      ? 
_exptl_crystal_grow.crystal_id      1 
_exptl_crystal_grow.details         ? 
_exptl_crystal_grow.method          'VAPOR DIFFUSION, HANGING DROP' 
_exptl_crystal_grow.method_ref      ? 
_exptl_crystal_grow.pH              ? 
_exptl_crystal_grow.pressure        ? 
_exptl_crystal_grow.pressure_esd    ? 
_exptl_crystal_grow.seeding         ? 
_exptl_crystal_grow.seeding_ref     ? 
_exptl_crystal_grow.temp            293 
_exptl_crystal_grow.temp_details    ? 
_exptl_crystal_grow.temp_esd        ? 
_exptl_crystal_grow.time            ? 
_exptl_crystal_grow.pdbx_details    'Reservoir contained 0.1 M HEPES pH 7.5, 1.4 M sodium citrate' 
_exptl_crystal_grow.pdbx_pH_range   ? 
# 
_diffrn.ambient_environment              ? 
_diffrn.ambient_temp                     100 
_diffrn.ambient_temp_details             ? 
_diffrn.ambient_temp_esd                 ? 
_diffrn.crystal_id                       1 
_diffrn.crystal_support                  ? 
_diffrn.crystal_treatment                ? 
_diffrn.details                          ? 
_diffrn.id                               1 
_diffrn.ambient_pressure                 ? 
_diffrn.ambient_pressure_esd             ? 
_diffrn.ambient_pressure_gt              ? 
_diffrn.ambient_pressure_lt              ? 
_diffrn.ambient_temp_gt                  ? 
_diffrn.ambient_temp_lt                  ? 
_diffrn.pdbx_serial_crystal_experiment   N 
# 
_diffrn_detector.details                      ? 
_diffrn_detector.detector                     PIXEL 
_diffrn_detector.diffrn_id                    1 
_diffrn_detector.type                         'DECTRIS PILATUS3 2M' 
_diffrn_detector.area_resol_mean              ? 
_diffrn_detector.dtime                        ? 
_diffrn_detector.pdbx_frames_total            ? 
_diffrn_detector.pdbx_collection_time_total   ? 
_diffrn_detector.pdbx_collection_date         2018-05-12 
_diffrn_detector.pdbx_frequency               ? 
# 
_diffrn_radiation.collimation                      ? 
_diffrn_radiation.diffrn_id                        1 
_diffrn_radiation.filter_edge                      ? 
_diffrn_radiation.inhomogeneity                    ? 
_diffrn_radiation.monochromator                    ? 
_diffrn_radiation.polarisn_norm                    ? 
_diffrn_radiation.polarisn_ratio                   ? 
_diffrn_radiation.probe                            ? 
_diffrn_radiation.type                             ? 
_diffrn_radiation.xray_symbol                      ? 
_diffrn_radiation.wavelength_id                    1 
_diffrn_radiation.pdbx_monochromatic_or_laue_m_l   M 
_diffrn_radiation.pdbx_wavelength_list             ? 
_diffrn_radiation.pdbx_wavelength                  ? 
_diffrn_radiation.pdbx_diffrn_protocol             'SINGLE WAVELENGTH' 
_diffrn_radiation.pdbx_analyzer                    ? 
_diffrn_radiation.pdbx_scattering_type             x-ray 
# 
_diffrn_radiation_wavelength.id           1 
_diffrn_radiation_wavelength.wavelength   0.873 
_diffrn_radiation_wavelength.wt           1.0 
# 
_diffrn_source.current                     ? 
_diffrn_source.details                     ? 
_diffrn_source.diffrn_id                   1 
_diffrn_source.power                       ? 
_diffrn_source.size                        ? 
_diffrn_source.source                      SYNCHROTRON 
_diffrn_source.target                      ? 
_diffrn_source.type                        'ESRF BEAMLINE ID23-2' 
_diffrn_source.voltage                     ? 
_diffrn_source.take-off_angle              ? 
_diffrn_source.pdbx_wavelength_list        0.873 
_diffrn_source.pdbx_wavelength             ? 
_diffrn_source.pdbx_synchrotron_beamline   ID23-2 
_diffrn_source.pdbx_synchrotron_site       ESRF 
# 
_reflns.B_iso_Wilson_estimate            13.999 
_reflns.entry_id                         6S6N 
_reflns.data_reduction_details           ? 
_reflns.data_reduction_method            ? 
_reflns.d_resolution_high                1.100 
_reflns.d_resolution_low                 35.640 
_reflns.details                          ? 
_reflns.limit_h_max                      ? 
_reflns.limit_h_min                      ? 
_reflns.limit_k_max                      ? 
_reflns.limit_k_min                      ? 
_reflns.limit_l_max                      ? 
_reflns.limit_l_min                      ? 
_reflns.number_all                       ? 
_reflns.number_obs                       12186 
_reflns.observed_criterion               ? 
_reflns.observed_criterion_F_max         ? 
_reflns.observed_criterion_F_min         ? 
_reflns.observed_criterion_I_max         ? 
_reflns.observed_criterion_I_min         ? 
_reflns.observed_criterion_sigma_F       ? 
_reflns.observed_criterion_sigma_I       ? 
_reflns.percent_possible_obs             99.400 
_reflns.R_free_details                   ? 
_reflns.Rmerge_F_all                     ? 
_reflns.Rmerge_F_obs                     ? 
_reflns.Friedel_coverage                 ? 
_reflns.number_gt                        ? 
_reflns.threshold_expression             ? 
_reflns.pdbx_redundancy                  18.242 
_reflns.pdbx_Rmerge_I_obs                0.056 
_reflns.pdbx_Rmerge_I_all                ? 
_reflns.pdbx_Rsym_value                  ? 
_reflns.pdbx_netI_over_av_sigmaI         ? 
_reflns.pdbx_netI_over_sigmaI            31.120 
_reflns.pdbx_res_netI_over_av_sigmaI_2   ? 
_reflns.pdbx_res_netI_over_sigmaI_2      ? 
_reflns.pdbx_chi_squared                 0.994 
_reflns.pdbx_scaling_rejects             ? 
_reflns.pdbx_d_res_high_opt              ? 
_reflns.pdbx_d_res_low_opt               ? 
_reflns.pdbx_d_res_opt_method            ? 
_reflns.phase_calculation_details        ? 
_reflns.pdbx_Rrim_I_all                  0.057 
_reflns.pdbx_Rpim_I_all                  ? 
_reflns.pdbx_d_opt                       ? 
_reflns.pdbx_number_measured_all         222293 
_reflns.pdbx_diffrn_id                   1 
_reflns.pdbx_ordinal                     1 
_reflns.pdbx_CC_half                     0.999 
_reflns.pdbx_R_split                     ? 
# 
loop_
_reflns_shell.d_res_high 
_reflns_shell.d_res_low 
_reflns_shell.meanI_over_sigI_all 
_reflns_shell.meanI_over_sigI_obs 
_reflns_shell.number_measured_all 
_reflns_shell.number_measured_obs 
_reflns_shell.number_possible 
_reflns_shell.number_unique_all 
_reflns_shell.number_unique_obs 
_reflns_shell.percent_possible_all 
_reflns_shell.percent_possible_obs 
_reflns_shell.Rmerge_F_all 
_reflns_shell.Rmerge_F_obs 
_reflns_shell.Rmerge_I_all 
_reflns_shell.Rmerge_I_obs 
_reflns_shell.meanI_over_sigI_gt 
_reflns_shell.meanI_over_uI_all 
_reflns_shell.meanI_over_uI_gt 
_reflns_shell.number_measured_gt 
_reflns_shell.number_unique_gt 
_reflns_shell.percent_possible_gt 
_reflns_shell.Rmerge_F_gt 
_reflns_shell.Rmerge_I_gt 
_reflns_shell.pdbx_redundancy 
_reflns_shell.pdbx_Rsym_value 
_reflns_shell.pdbx_chi_squared 
_reflns_shell.pdbx_netI_over_sigmaI_all 
_reflns_shell.pdbx_netI_over_sigmaI_obs 
_reflns_shell.pdbx_Rrim_I_all 
_reflns_shell.pdbx_Rpim_I_all 
_reflns_shell.pdbx_rejects 
_reflns_shell.pdbx_ordinal 
_reflns_shell.pdbx_diffrn_id 
_reflns_shell.pdbx_CC_half 
_reflns_shell.pdbx_R_split 
1.100 1.130  ? 3.140  ? 5198  877 ? 808 92.100  ? ? ? ? 0.552 ? ? ? ? ? ? ? ? 6.433  ? ? ? ? 0.598 ? ? 1  1 0.904 ? 
1.130 1.160  ? 5.550  ? 7586  857 ? 855 99.800  ? ? ? ? 0.393 ? ? ? ? ? ? ? ? 8.873  ? ? ? ? 0.418 ? ? 2  1 0.967 ? 
1.160 1.190  ? 8.480  ? 9201  840 ? 840 100.000 ? ? ? ? 0.304 ? ? ? ? ? ? ? ? 10.954 ? ? ? ? 0.319 ? ? 3  1 0.985 ? 
1.190 1.230  ? 11.730 ? 10562 809 ? 809 100.000 ? ? ? ? 0.248 ? ? ? ? ? ? ? ? 13.056 ? ? ? ? 0.259 ? ? 4  1 0.992 ? 
1.230 1.270  ? 14.270 ? 12926 790 ? 790 100.000 ? ? ? ? 0.241 ? ? ? ? ? ? ? ? 16.362 ? ? ? ? 0.249 ? ? 5  1 0.994 ? 
1.270 1.310  ? 17.080 ? 15585 761 ? 761 100.000 ? ? ? ? 0.220 ? ? ? ? ? ? ? ? 20.480 ? ? ? ? 0.225 ? ? 6  1 0.997 ? 
1.310 1.360  ? 20.280 ? 17092 752 ? 752 100.000 ? ? ? ? 0.201 ? ? ? ? ? ? ? ? 22.729 ? ? ? ? 0.206 ? ? 7  1 0.998 ? 
1.360 1.420  ? 22.570 ? 16319 717 ? 717 100.000 ? ? ? ? 0.172 ? ? ? ? ? ? ? ? 22.760 ? ? ? ? 0.176 ? ? 8  1 0.998 ? 
1.420 1.480  ? 28.470 ? 15696 684 ? 684 100.000 ? ? ? ? 0.130 ? ? ? ? ? ? ? ? 22.947 ? ? ? ? 0.133 ? ? 9  1 0.999 ? 
1.480 1.550  ? 35.380 ? 15213 661 ? 661 100.000 ? ? ? ? 0.100 ? ? ? ? ? ? ? ? 23.015 ? ? ? ? 0.102 ? ? 10 1 0.999 ? 
1.550 1.640  ? 42.580 ? 14460 637 ? 637 100.000 ? ? ? ? 0.079 ? ? ? ? ? ? ? ? 22.700 ? ? ? ? 0.081 ? ? 11 1 0.999 ? 
1.640 1.740  ? 43.350 ? 13461 600 ? 600 100.000 ? ? ? ? 0.075 ? ? ? ? ? ? ? ? 22.435 ? ? ? ? 0.076 ? ? 12 1 0.999 ? 
1.740 1.860  ? 47.720 ? 12620 566 ? 566 100.000 ? ? ? ? 0.070 ? ? ? ? ? ? ? ? 22.297 ? ? ? ? 0.072 ? ? 13 1 0.999 ? 
1.860 2.010  ? 54.950 ? 11585 531 ? 530 99.800  ? ? ? ? 0.056 ? ? ? ? ? ? ? ? 21.858 ? ? ? ? 0.058 ? ? 14 1 0.999 ? 
2.010 2.200  ? 63.350 ? 10837 493 ? 493 100.000 ? ? ? ? 0.047 ? ? ? ? ? ? ? ? 21.982 ? ? ? ? 0.048 ? ? 15 1 1.000 ? 
2.200 2.460  ? 67.680 ? 9996  457 ? 457 100.000 ? ? ? ? 0.043 ? ? ? ? ? ? ? ? 21.873 ? ? ? ? 0.044 ? ? 16 1 0.999 ? 
2.460 2.840  ? 70.080 ? 8489  403 ? 403 100.000 ? ? ? ? 0.041 ? ? ? ? ? ? ? ? 21.065 ? ? ? ? 0.042 ? ? 17 1 0.999 ? 
2.840 3.470  ? 69.220 ? 6670  355 ? 355 100.000 ? ? ? ? 0.040 ? ? ? ? ? ? ? ? 18.789 ? ? ? ? 0.041 ? ? 18 1 1.000 ? 
3.470 4.910  ? 73.230 ? 5743  284 ? 284 100.000 ? ? ? ? 0.040 ? ? ? ? ? ? ? ? 20.222 ? ? ? ? 0.041 ? ? 19 1 0.999 ? 
4.910 35.640 ? 63.460 ? 3054  184 ? 184 100.000 ? ? ? ? 0.042 ? ? ? ? ? ? ? ? 16.598 ? ? ? ? 0.044 ? ? 20 1 0.998 ? 
# 
_refine.aniso_B[1][1]                            0.1500 
_refine.aniso_B[1][2]                            0.0700 
_refine.aniso_B[1][3]                            0.0000 
_refine.aniso_B[2][2]                            0.1500 
_refine.aniso_B[2][3]                            0.0000 
_refine.aniso_B[3][3]                            -0.4700 
_refine.B_iso_max                                149.390 
_refine.B_iso_mean                               12.5050 
_refine.B_iso_min                                6.710 
_refine.correlation_coeff_Fo_to_Fc               0.9670 
_refine.correlation_coeff_Fo_to_Fc_free          0.9590 
_refine.details                                  
'HYDROGENS HAVE BEEN ADDED IN THE RIDING POSITIONS U VALUES      : REFINED INDIVIDUALLY' 
_refine.diff_density_max                         ? 
_refine.diff_density_max_esd                     ? 
_refine.diff_density_min                         ? 
_refine.diff_density_min_esd                     ? 
_refine.diff_density_rms                         ? 
_refine.diff_density_rms_esd                     ? 
_refine.entry_id                                 6S6N 
_refine.pdbx_refine_id                           'X-RAY DIFFRACTION' 
_refine.ls_abs_structure_details                 ? 
_refine.ls_abs_structure_Flack                   ? 
_refine.ls_abs_structure_Flack_esd               ? 
_refine.ls_abs_structure_Rogers                  ? 
_refine.ls_abs_structure_Rogers_esd              ? 
_refine.ls_d_res_high                            1.1000 
_refine.ls_d_res_low                             35.6400 
_refine.ls_extinction_coef                       ? 
_refine.ls_extinction_coef_esd                   ? 
_refine.ls_extinction_expression                 ? 
_refine.ls_extinction_method                     ? 
_refine.ls_goodness_of_fit_all                   ? 
_refine.ls_goodness_of_fit_all_esd               ? 
_refine.ls_goodness_of_fit_obs                   ? 
_refine.ls_goodness_of_fit_obs_esd               ? 
_refine.ls_hydrogen_treatment                    ? 
_refine.ls_matrix_type                           ? 
_refine.ls_number_constraints                    ? 
_refine.ls_number_parameters                     ? 
_refine.ls_number_reflns_all                     ? 
_refine.ls_number_reflns_obs                     10967 
_refine.ls_number_reflns_R_free                  1219 
_refine.ls_number_reflns_R_work                  ? 
_refine.ls_number_restraints                     ? 
_refine.ls_percent_reflns_obs                    99.4100 
_refine.ls_percent_reflns_R_free                 10.0000 
_refine.ls_R_factor_all                          ? 
_refine.ls_R_factor_obs                          0.1613 
_refine.ls_R_factor_R_free                       0.1788 
_refine.ls_R_factor_R_free_error                 ? 
_refine.ls_R_factor_R_free_error_details         ? 
_refine.ls_R_factor_R_work                       0.1595 
_refine.ls_R_Fsqd_factor_obs                     ? 
_refine.ls_R_I_factor_obs                        ? 
_refine.ls_redundancy_reflns_all                 ? 
_refine.ls_redundancy_reflns_obs                 ? 
_refine.ls_restrained_S_all                      ? 
_refine.ls_restrained_S_obs                      ? 
_refine.ls_shift_over_esd_max                    ? 
_refine.ls_shift_over_esd_mean                   ? 
_refine.ls_structure_factor_coef                 ? 
_refine.ls_weighting_details                     ? 
_refine.ls_weighting_scheme                      ? 
_refine.ls_wR_factor_all                         ? 
_refine.ls_wR_factor_obs                         ? 
_refine.ls_wR_factor_R_free                      ? 
_refine.ls_wR_factor_R_work                      ? 
_refine.occupancy_max                            ? 
_refine.occupancy_min                            ? 
_refine.solvent_model_details                    ? 
_refine.solvent_model_param_bsol                 ? 
_refine.solvent_model_param_ksol                 ? 
_refine.ls_R_factor_gt                           ? 
_refine.ls_goodness_of_fit_gt                    ? 
_refine.ls_goodness_of_fit_ref                   ? 
_refine.ls_shift_over_su_max                     ? 
_refine.ls_shift_over_su_max_lt                  ? 
_refine.ls_shift_over_su_mean                    ? 
_refine.ls_shift_over_su_mean_lt                 ? 
_refine.pdbx_ls_sigma_I                          ? 
_refine.pdbx_ls_sigma_F                          0.000 
_refine.pdbx_ls_sigma_Fsqd                       ? 
_refine.pdbx_data_cutoff_high_absF               ? 
_refine.pdbx_data_cutoff_high_rms_absF           ? 
_refine.pdbx_data_cutoff_low_absF                ? 
_refine.pdbx_isotropic_thermal_model             ? 
_refine.pdbx_ls_cross_valid_method               THROUGHOUT 
_refine.pdbx_method_to_determine_struct          'MOLECULAR REPLACEMENT' 
_refine.pdbx_starting_model                      'Poly Ala alpha-helix' 
_refine.pdbx_stereochemistry_target_values       ? 
_refine.pdbx_R_Free_selection_details            RANDOM 
_refine.pdbx_stereochem_target_val_spec_case     ? 
_refine.pdbx_overall_ESU_R                       0.0350 
_refine.pdbx_overall_ESU_R_Free                  0.0340 
_refine.pdbx_solvent_vdw_probe_radii             1.2000 
_refine.pdbx_solvent_ion_probe_radii             0.8000 
_refine.pdbx_solvent_shrinkage_radii             0.8000 
_refine.pdbx_real_space_R                        ? 
_refine.pdbx_density_correlation                 ? 
_refine.pdbx_pd_number_of_powder_patterns        ? 
_refine.pdbx_pd_number_of_points                 ? 
_refine.pdbx_pd_meas_number_of_points            ? 
_refine.pdbx_pd_proc_ls_prof_R_factor            ? 
_refine.pdbx_pd_proc_ls_prof_wR_factor           ? 
_refine.pdbx_pd_Marquardt_correlation_coeff      ? 
_refine.pdbx_pd_Fsqrd_R_factor                   ? 
_refine.pdbx_pd_ls_matrix_band_width             ? 
_refine.pdbx_overall_phase_error                 ? 
_refine.pdbx_overall_SU_R_free_Cruickshank_DPI   ? 
_refine.pdbx_overall_SU_R_free_Blow_DPI          ? 
_refine.pdbx_overall_SU_R_Blow_DPI               ? 
_refine.pdbx_TLS_residual_ADP_flag               ? 
_refine.pdbx_diffrn_id                           1 
_refine.overall_SU_B                             0.7590 
_refine.overall_SU_ML                            0.0170 
_refine.overall_SU_R_Cruickshank_DPI             0.0352 
_refine.overall_SU_R_free                        ? 
_refine.overall_FOM_free_R_set                   ? 
_refine.overall_FOM_work_R_set                   ? 
_refine.pdbx_average_fsc_overall                 ? 
_refine.pdbx_average_fsc_work                    ? 
_refine.pdbx_average_fsc_free                    ? 
# 
_refine_hist.pdbx_refine_id                   'X-RAY DIFFRACTION' 
_refine_hist.cycle_id                         final 
_refine_hist.details                          ? 
_refine_hist.d_res_high                       1.1000 
_refine_hist.d_res_low                        35.6400 
_refine_hist.number_atoms_solvent             56 
_refine_hist.number_atoms_total               290 
_refine_hist.number_reflns_all                ? 
_refine_hist.number_reflns_obs                ? 
_refine_hist.number_reflns_R_free             ? 
_refine_hist.number_reflns_R_work             ? 
_refine_hist.R_factor_all                     ? 
_refine_hist.R_factor_obs                     ? 
_refine_hist.R_factor_R_free                  ? 
_refine_hist.R_factor_R_work                  ? 
_refine_hist.pdbx_number_residues_total       26 
_refine_hist.pdbx_B_iso_mean_ligand           ? 
_refine_hist.pdbx_B_iso_mean_solvent          27.27 
_refine_hist.pdbx_number_atoms_protein        234 
_refine_hist.pdbx_number_atoms_nucleic_acid   0 
_refine_hist.pdbx_number_atoms_ligand         0 
_refine_hist.pdbx_number_atoms_lipid          ? 
_refine_hist.pdbx_number_atoms_carb           ? 
_refine_hist.pdbx_pseudo_atom_details         ? 
# 
loop_
_refine_ls_restr.pdbx_refine_id 
_refine_ls_restr.criterion 
_refine_ls_restr.dev_ideal 
_refine_ls_restr.dev_ideal_target 
_refine_ls_restr.number 
_refine_ls_restr.rejects 
_refine_ls_restr.type 
_refine_ls_restr.weight 
_refine_ls_restr.pdbx_restraint_function 
'X-RAY DIFFRACTION' ? 0.014  0.013  254 ? r_bond_refined_d       ? ? 
'X-RAY DIFFRACTION' ? 0.002  0.018  284 ? r_bond_other_d         ? ? 
'X-RAY DIFFRACTION' ? 1.708  1.689  337 ? r_angle_refined_deg    ? ? 
'X-RAY DIFFRACTION' ? 1.528  1.638  653 ? r_angle_other_deg      ? ? 
'X-RAY DIFFRACTION' ? 3.214  5.000  30  ? r_dihedral_angle_1_deg ? ? 
'X-RAY DIFFRACTION' ? 28.577 17.000 20  ? r_dihedral_angle_2_deg ? ? 
'X-RAY DIFFRACTION' ? 11.929 15.000 65  ? r_dihedral_angle_3_deg ? ? 
'X-RAY DIFFRACTION' ? 6.917  15.000 6   ? r_dihedral_angle_4_deg ? ? 
'X-RAY DIFFRACTION' ? 0.099  0.200  33  ? r_chiral_restr         ? ? 
'X-RAY DIFFRACTION' ? 0.007  0.020  279 ? r_gen_planes_refined   ? ? 
'X-RAY DIFFRACTION' ? 0.001  0.020  67  ? r_gen_planes_other     ? ? 
'X-RAY DIFFRACTION' ? 1.731  3.000  538 ? r_rigid_bond_restr     ? ? 
# 
_refine_ls_shell.pdbx_refine_id                   'X-RAY DIFFRACTION' 
_refine_ls_shell.d_res_high                       1.10 
_refine_ls_shell.d_res_low                        1.1270 
_refine_ls_shell.number_reflns_all                ? 
_refine_ls_shell.number_reflns_obs                ? 
_refine_ls_shell.number_reflns_R_free             81 
_refine_ls_shell.number_reflns_R_work             727 
_refine_ls_shell.percent_reflns_obs               92.1300 
_refine_ls_shell.percent_reflns_R_free            ? 
_refine_ls_shell.R_factor_all                     ? 
_refine_ls_shell.R_factor_obs                     ? 
_refine_ls_shell.R_factor_R_free                  0.5590 
_refine_ls_shell.R_factor_R_free_error            0.0000 
_refine_ls_shell.R_factor_R_work                  0.4780 
_refine_ls_shell.redundancy_reflns_all            ? 
_refine_ls_shell.redundancy_reflns_obs            ? 
_refine_ls_shell.wR_factor_all                    ? 
_refine_ls_shell.wR_factor_obs                    ? 
_refine_ls_shell.wR_factor_R_free                 ? 
_refine_ls_shell.wR_factor_R_work                 ? 
_refine_ls_shell.pdbx_total_number_of_bins_used   ? 
_refine_ls_shell.pdbx_phase_error                 ? 
_refine_ls_shell.pdbx_fsc_work                    ? 
_refine_ls_shell.pdbx_fsc_free                    ? 
# 
_struct.entry_id                     6S6N 
_struct.title                        'Crystal structure of the Gorilla LL37(17-29) antimicrobial peptide' 
_struct.pdbx_model_details           Antimicrobial 
_struct.pdbx_formula_weight          ? 
_struct.pdbx_formula_weight_method   ? 
_struct.pdbx_model_type_details      ? 
_struct.pdbx_CASP_flag               N 
# 
_struct_keywords.entry_id        6S6N 
_struct_keywords.text            'Helical and tubular fibril structure of a gorilla derived antimicrobial peptide, PROTEIN FIBRIL' 
_struct_keywords.pdbx_keywords   'PROTEIN FIBRIL' 
# 
loop_
_struct_asym.id 
_struct_asym.pdbx_blank_PDB_chainid_flag 
_struct_asym.pdbx_modified 
_struct_asym.entity_id 
_struct_asym.details 
A N N 1 ? 
B N N 1 ? 
C N N 2 ? 
D N N 2 ? 
# 
_struct_ref.id                         1 
_struct_ref.db_name                    UNP 
_struct_ref.db_code                    CAMP_GORGO 
_struct_ref.pdbx_db_accession          Q1KLY3 
_struct_ref.pdbx_db_isoform            ? 
_struct_ref.entity_id                  1 
_struct_ref.pdbx_seq_one_letter_code   SKRIVQRIKDFLR 
_struct_ref.pdbx_align_begin           150 
# 
loop_
_struct_ref_seq.align_id 
_struct_ref_seq.ref_id 
_struct_ref_seq.pdbx_PDB_id_code 
_struct_ref_seq.pdbx_strand_id 
_struct_ref_seq.seq_align_beg 
_struct_ref_seq.pdbx_seq_align_beg_ins_code 
_struct_ref_seq.seq_align_end 
_struct_ref_seq.pdbx_seq_align_end_ins_code 
_struct_ref_seq.pdbx_db_accession 
_struct_ref_seq.db_align_beg 
_struct_ref_seq.pdbx_db_align_beg_ins_code 
_struct_ref_seq.db_align_end 
_struct_ref_seq.pdbx_db_align_end_ins_code 
_struct_ref_seq.pdbx_auth_seq_align_beg 
_struct_ref_seq.pdbx_auth_seq_align_end 
1 1 6S6N A 1 ? 13 ? Q1KLY3 150 ? 162 ? 1 13 
2 1 6S6N B 1 ? 13 ? Q1KLY3 150 ? 162 ? 1 13 
# 
_pdbx_struct_assembly.id                   1 
_pdbx_struct_assembly.details              author_defined_assembly 
_pdbx_struct_assembly.method_details       ? 
_pdbx_struct_assembly.oligomeric_details   360-meric 
_pdbx_struct_assembly.oligomeric_count     360 
# 
loop_
_pdbx_struct_assembly_gen.assembly_id 
_pdbx_struct_assembly_gen.oper_expression 
_pdbx_struct_assembly_gen.asym_id_list 
1 
;1,2,3,4,5,6,7,8,9,10,11,12,13,14,15,21,22,23,24,25,26,27,28,29,30,31,32,33,34,35,41,42,43,44,45,46,47,48,49,50,51,52,53,54,55,61,62,63,64,65,66,67,68,69,70,71,72,73,74,75,81,82,83,84,85,86,87,88,89,90,91,92,93,94,95,101,102,103,104,105,106,107,108,109,110,111,112,113,114,115,121,122,123,124,125,126,127,128,129,130,131,132,133,134,135,141,142,143,144,145,146,147,148,149,150,151,152,153,154,155,161,162,163,164,165,166,167,168,169,170,171,172,173,174,175,181,182,183,184,185,186,187,188,189,190,191,192,193,194,195,201,202,203,204,205,206,207,208,209,210,211,212,213,214,215,221,222,223,224,225,226,227,228,229,230,231,232,233,234,235
;
A,C 
1 
;1,2,3,4,5,6,7,8,9,10,16,17,18,19,20,21,22,23,24,25,26,27,28,29,30,36,37,38,39,40,41,42,43,44,45,46,47,48,49,50,56,57,58,59,60,61,62,63,64,65,66,67,68,69,70,76,77,78,79,80,81,82,83,84,85,86,87,88,89,90,96,97,98,99,100,101,102,103,104,105,106,107,108,109,110,116,117,118,119,120,121,122,123,124,125,126,127,128,129,130,136,137,138,139,140,141,142,143,144,145,146,147,148,149,150,156,157,158,159,160,161,162,163,164,165,166,167,168,169,170,176,177,178,179,180,181,182,183,184,185,186,187,188,189,190,196,197,198,199,200,201,202,203,204,205,206,207,208,209,210,216,217,218,219,220,221,222,223,224,225,226,227,228,229,230,236,237,238,239,240
;
B,D 
# 
_pdbx_struct_assembly_auth_evidence.id                     1 
_pdbx_struct_assembly_auth_evidence.assembly_id            1 
_pdbx_struct_assembly_auth_evidence.experimental_support   microscopy 
_pdbx_struct_assembly_auth_evidence.details                ? 
# 
loop_
_pdbx_struct_oper_list.id 
_pdbx_struct_oper_list.type 
_pdbx_struct_oper_list.name 
_pdbx_struct_oper_list.symmetry_operation 
_pdbx_struct_oper_list.matrix[1][1] 
_pdbx_struct_oper_list.matrix[1][2] 
_pdbx_struct_oper_list.matrix[1][3] 
_pdbx_struct_oper_list.vector[1] 
_pdbx_struct_oper_list.matrix[2][1] 
_pdbx_struct_oper_list.matrix[2][2] 
_pdbx_struct_oper_list.matrix[2][3] 
_pdbx_struct_oper_list.vector[2] 
_pdbx_struct_oper_list.matrix[3][1] 
_pdbx_struct_oper_list.matrix[3][2] 
_pdbx_struct_oper_list.matrix[3][3] 
_pdbx_struct_oper_list.vector[3] 
1   'identity operation'         1_555  x,y,z               1.0000000000  0.0000000000  0.0000000000  0.0000000000   0.0000000000  1.0000000000  0.0000000000  0.0000000000   0.0000000000  0.0000000000  1.0000000000  0.0000000000   
2   'crystal symmetry operation' 1_554  x,y,z-1             1.0000000000  0.0000000000  0.0000000000  39.5393726555  0.0000000000  1.0000000000  0.0000000000  37.7728756501  0.0000000000  0.0000000000  1.0000000000  17.0542157583  
3   'crystal symmetry operation' 1_553  x,y,z-2             1.0000000000  0.0000000000  0.0000000000  79.0787453110  0.0000000000  1.0000000000  0.0000000000  75.5457513002  0.0000000000  0.0000000000  1.0000000000  34.1084315165  
4   'crystal symmetry operation' 1_552  x,y,z-3             1.0000000000  0.0000000000  0.0000000000  118.6181179666 0.0000000000  1.0000000000  0.0000000000  113.3186269503 0.0000000000  0.0000000000  1.0000000000  51.1626472748  
5   'crystal symmetry operation' 1_551  x,y,z-4             1.0000000000  0.0000000000  0.0000000000  158.1574906221 0.0000000000  1.0000000000  0.0000000000  151.0915026004 0.0000000000  0.0000000000  1.0000000000  68.2168630331  
6   'crystal symmetry operation' 1_665  x+1,y+1,z           1.0000000000  0.0000000000  0.0000000000  -23.0281136684 0.0000000000  1.0000000000  0.0000000000  30.7567495995  0.0000000000  0.0000000000  1.0000000000  -14.7326452121 
7   'crystal symmetry operation' 1_664  x+1,y+1,z-1         1.0000000000  0.0000000000  0.0000000000  16.5112589871  0.0000000000  1.0000000000  0.0000000000  68.5296252496  0.0000000000  0.0000000000  1.0000000000  2.3215705462   
8   'crystal symmetry operation' 1_663  x+1,y+1,z-2         1.0000000000  0.0000000000  0.0000000000  56.0506316426  0.0000000000  1.0000000000  0.0000000000  106.3025008998 0.0000000000  0.0000000000  1.0000000000  19.3757863045  
9   'crystal symmetry operation' 1_662  x+1,y+1,z-3         1.0000000000  0.0000000000  0.0000000000  95.5900042982  0.0000000000  1.0000000000  0.0000000000  144.0753765499 0.0000000000  0.0000000000  1.0000000000  36.4300020627  
10  'crystal symmetry operation' 1_661  x+1,y+1,z-4         1.0000000000  0.0000000000  0.0000000000  135.1293769537 0.0000000000  1.0000000000  0.0000000000  181.8482522000 0.0000000000  0.0000000000  1.0000000000  53.4842178210  
11  'crystal symmetry operation' 1_655  x+1,y,z             1.0000000000  0.0000000000  0.0000000000  -27.8582697265 0.0000000000  1.0000000000  0.0000000000  18.2478872343  0.0000000000  0.0000000000  1.0000000000  24.1713450046  
12  'crystal symmetry operation' 1_654  x+1,y,z-1           1.0000000000  0.0000000000  0.0000000000  11.6811029290  0.0000000000  1.0000000000  0.0000000000  56.0207628844  0.0000000000  0.0000000000  1.0000000000  41.2255607629  
13  'crystal symmetry operation' 1_653  x+1,y,z-2           1.0000000000  0.0000000000  0.0000000000  51.2204755845  0.0000000000  1.0000000000  0.0000000000  93.7936385345  0.0000000000  0.0000000000  1.0000000000  58.2797765211  
14  'crystal symmetry operation' 1_652  x+1,y,z-3           1.0000000000  0.0000000000  0.0000000000  90.7598482401  0.0000000000  1.0000000000  0.0000000000  131.5665141846 0.0000000000  0.0000000000  1.0000000000  75.3339922794  
15  'crystal symmetry operation' 1_651  x+1,y,z-4           1.0000000000  0.0000000000  0.0000000000  130.2992208956 0.0000000000  1.0000000000  0.0000000000  169.3393898347 0.0000000000  0.0000000000  1.0000000000  92.3882080377  
16  'crystal symmetry operation' 1_565  x,y+1,z             1.0000000000  0.0000000000  0.0000000000  4.8301560581   0.0000000000  1.0000000000  0.0000000000  12.5088623653  0.0000000000  0.0000000000  1.0000000000  -38.9039902167 
17  'crystal symmetry operation' 1_564  x,y+1,z-1           1.0000000000  0.0000000000  0.0000000000  44.3695287136  0.0000000000  1.0000000000  0.0000000000  50.2817380154  0.0000000000  0.0000000000  1.0000000000  -21.8497744584 
18  'crystal symmetry operation' 1_563  x,y+1,z-2           1.0000000000  0.0000000000  0.0000000000  83.9089013691  0.0000000000  1.0000000000  0.0000000000  88.0546136655  0.0000000000  0.0000000000  1.0000000000  -4.7955587001  
19  'crystal symmetry operation' 1_562  x,y+1,z-3           1.0000000000  0.0000000000  0.0000000000  123.4482740247 0.0000000000  1.0000000000  0.0000000000  125.8274893156 0.0000000000  0.0000000000  1.0000000000  12.2586570581  
20  'crystal symmetry operation' 1_561  x,y+1,z-4           1.0000000000  0.0000000000  0.0000000000  162.9876466802 0.0000000000  1.0000000000  0.0000000000  163.6003649657 0.0000000000  0.0000000000  1.0000000000  29.3128728164  
21  'crystal symmetry operation' 2_555  -y,x-y,z+1/3        0.2147345713  0.9406478316  -0.2628130909 -32.7921322151 0.4249570464  0.1522969357  0.8923100090  6.7282273600   0.8793751035  -0.3032940822 -0.3670315070 -3.0039665060  
22  'crystal symmetry operation' 2_554  -y,x-y,z-2/3        0.2147345713  0.9406478316  -0.2628130909 6.7472404404   0.4249570464  0.1522969357  0.8923100090  44.5011030101  0.8793751035  -0.3032940822 -0.3670315070 14.0502492523  
23  'crystal symmetry operation' 2_553  -y,x-y,z-5/3        0.2147345713  0.9406478316  -0.2628130909 46.2866130959  0.4249570464  0.1522969357  0.8923100090  82.2739786602  0.8793751035  -0.3032940822 -0.3670315070 31.1044650106  
24  'crystal symmetry operation' 2_552  -y,x-y,z-8/3        0.2147345713  0.9406478316  -0.2628130909 85.8259857514  0.4249570464  0.1522969357  0.8923100090  120.0468543103 0.8793751035  -0.3032940822 -0.3670315070 48.1586807688  
25  'crystal symmetry operation' 2_551  -y,x-y,z-11/3       0.2147345713  0.9406478316  -0.2628130909 125.3653584069 0.4249570464  0.1522969357  0.8923100090  157.8197299604 0.8793751035  -0.3032940822 -0.3670315070 65.2128965271  
26  'crystal symmetry operation' 2_455  -y-1,x-y,z+1/3      0.2147345713  0.9406478316  -0.2628130909 -4.9338624886  0.4249570464  0.1522969357  0.8923100090  -11.5196598743 0.8793751035  -0.3032940822 -0.3670315070 -27.1753115106 
27  'crystal symmetry operation' 2_454  -y-1,x-y,z-2/3      0.2147345713  0.9406478316  -0.2628130909 34.6055101669  0.4249570464  0.1522969357  0.8923100090  26.2532157758  0.8793751035  -0.3032940822 -0.3670315070 -10.1210957523 
28  'crystal symmetry operation' 2_453  -y-1,x-y,z-5/3      0.2147345713  0.9406478316  -0.2628130909 74.1448828224  0.4249570464  0.1522969357  0.8923100090  64.0260914259  0.8793751035  -0.3032940822 -0.3670315070 6.9331200060   
29  'crystal symmetry operation' 2_452  -y-1,x-y,z-8/3      0.2147345713  0.9406478316  -0.2628130909 113.6842554779 0.4249570464  0.1522969357  0.8923100090  101.7989670760 0.8793751035  -0.3032940822 -0.3670315070 23.9873357642  
30  'crystal symmetry operation' 2_451  -y-1,x-y,z-11/3     0.2147345713  0.9406478316  -0.2628130909 153.2236281334 0.4249570464  0.1522969357  0.8923100090  139.5718427262 0.8793751035  -0.3032940822 -0.3670315070 41.0415515225  
31  'crystal symmetry operation' 2_565  -y,x-y+1,z+1/3      0.2147345713  0.9406478316  -0.2628130909 -27.9619761570 0.4249570464  0.1522969357  0.8923100090  19.2370897253  0.8793751035  -0.3032940822 -0.3670315070 -41.9079567226 
32  'crystal symmetry operation' 2_564  -y,x-y+1,z-2/3      0.2147345713  0.9406478316  -0.2628130909 11.5773964985  0.4249570464  0.1522969357  0.8923100090  57.0099653754  0.8793751035  -0.3032940822 -0.3670315070 -24.8537409644 
33  'crystal symmetry operation' 2_563  -y,x-y+1,z-5/3      0.2147345713  0.9406478316  -0.2628130909 51.1167691540  0.4249570464  0.1522969357  0.8923100090  94.7828410255  0.8793751035  -0.3032940822 -0.3670315070 -7.7995252061  
34  'crystal symmetry operation' 2_562  -y,x-y+1,z-8/3      0.2147345713  0.9406478316  -0.2628130909 90.6561418095  0.4249570464  0.1522969357  0.8923100090  132.5557166756 0.8793751035  -0.3032940822 -0.3670315070 9.2546905522   
35  'crystal symmetry operation' 2_561  -y,x-y+1,z-11/3     0.2147345713  0.9406478316  -0.2628130909 130.1955144650 0.4249570464  0.1522969357  0.8923100090  170.3285923257 0.8793751035  -0.3032940822 -0.3670315070 26.3089063104  
36  'crystal symmetry operation' 2_445  -y-1,x-y-1,z+1/3    0.2147345713  0.9406478316  -0.2628130909 -9.7640185467  0.4249570464  0.1522969357  0.8923100090  -24.0285222395 0.8793751035  -0.3032940822 -0.3670315070 11.7286787061  
37  'crystal symmetry operation' 2_444  -y-1,x-y-1,z-2/3    0.2147345713  0.9406478316  -0.2628130909 29.7753541088  0.4249570464  0.1522969357  0.8923100090  13.7443534106  0.8793751035  -0.3032940822 -0.3670315070 28.7828944644  
38  'crystal symmetry operation' 2_443  -y-1,x-y-1,z-5/3    0.2147345713  0.9406478316  -0.2628130909 69.3147267643  0.4249570464  0.1522969357  0.8923100090  51.5172290607  0.8793751035  -0.3032940822 -0.3670315070 45.8371102226  
39  'crystal symmetry operation' 2_442  -y-1,x-y-1,z-8/3    0.2147345713  0.9406478316  -0.2628130909 108.8540994198 0.4249570464  0.1522969357  0.8923100090  89.2901047108  0.8793751035  -0.3032940822 -0.3670315070 62.8913259809  
40  'crystal symmetry operation' 2_441  -y-1,x-y-1,z-11/3   0.2147345713  0.9406478316  -0.2628130909 148.3934720753 0.4249570464  0.1522969357  0.8923100090  127.0629803609 0.8793751035  -0.3032940822 -0.3670315070 79.9455417392  
41  'crystal symmetry operation' 3_555  -x+y,-x,z+2/3       0.2147345713  0.4249570464  0.8793751035  -32.7153624702 0.9406478316  0.1522969357  -0.3032940822 -8.8628012620  -0.2628130909 0.8923100090  -0.3670315070 -32.7786323534 
42  'crystal symmetry operation' 3_554  -x+y,-x,z-1/3       0.2147345713  0.4249570464  0.8793751035  6.8240101853   0.9406478316  0.1522969357  -0.3032940822 28.9100743881  -0.2628130909 0.8923100090  -0.3670315070 -15.7244165952 
43  'crystal symmetry operation' 3_553  -x+y,-x,z-4/3       0.2147345713  0.4249570464  0.8793751035  46.3633828408  0.9406478316  0.1522969357  -0.3032940822 66.6829500382  -0.2628130909 0.8923100090  -0.3670315070 1.3297991631   
44  'crystal symmetry operation' 3_552  -x+y,-x,z-7/3       0.2147345713  0.4249570464  0.8793751035  85.9027554964  0.9406478316  0.1522969357  -0.3032940822 104.4558256883 -0.2628130909 0.8923100090  -0.3670315070 18.3840149214  
45  'crystal symmetry operation' 3_551  -x+y,-x,z-10/3      0.2147345713  0.4249570464  0.8793751035  125.4421281519 0.9406478316  0.1522969357  -0.3032940822 142.2287013384 -0.2628130909 0.8923100090  -0.3670315070 35.4382306796  
46  'crystal symmetry operation' 3_545  -x+y,-x-1,z+2/3     0.2147345713  0.4249570464  0.8793751035  -37.5455185283 0.9406478316  0.1522969357  -0.3032940822 -21.3716636273 -0.2628130909 0.8923100090  -0.3670315070 6.1253578632   
47  'crystal symmetry operation' 3_544  -x+y,-x-1,z-1/3     0.2147345713  0.4249570464  0.8793751035  1.9938541272   0.9406478316  0.1522969357  -0.3032940822 16.4012120228  -0.2628130909 0.8923100090  -0.3670315070 23.1795736215  
48  'crystal symmetry operation' 3_543  -x+y,-x-1,z-4/3     0.2147345713  0.4249570464  0.8793751035  41.5332267828  0.9406478316  0.1522969357  -0.3032940822 54.1740876729  -0.2628130909 0.8923100090  -0.3670315070 40.2337893798  
49  'crystal symmetry operation' 3_542  -x+y,-x-1,z-7/3     0.2147345713  0.4249570464  0.8793751035  81.0725994383  0.9406478316  0.1522969357  -0.3032940822 91.9469633230  -0.2628130909 0.8923100090  -0.3670315070 57.2880051380  
50  'crystal symmetry operation' 3_541  -x+y,-x-1,z-10/3    0.2147345713  0.4249570464  0.8793751035  120.6119720938 0.9406478316  0.1522969357  -0.3032940822 129.7198389731 -0.2628130909 0.8923100090  -0.3670315070 74.3422208963  
51  'crystal symmetry operation' 3_445  -x+y-1,-x-1,z+2/3   0.2147345713  0.4249570464  0.8793751035  -9.6872488018  0.9406478316  0.1522969357  -0.3032940822 -39.6195508616 -0.2628130909 0.8923100090  -0.3670315070 -18.0459871414 
52  'crystal symmetry operation' 3_444  -x+y-1,-x-1,z-1/3   0.2147345713  0.4249570464  0.8793751035  29.8521238537  0.9406478316  0.1522969357  -0.3032940822 -1.8466752115  -0.2628130909 0.8923100090  -0.3670315070 -0.9917713831  
53  'crystal symmetry operation' 3_443  -x+y-1,-x-1,z-4/3   0.2147345713  0.4249570464  0.8793751035  69.3914965092  0.9406478316  0.1522969357  -0.3032940822 35.9262004386  -0.2628130909 0.8923100090  -0.3670315070 16.0624443752  
54  'crystal symmetry operation' 3_442  -x+y-1,-x-1,z-7/3   0.2147345713  0.4249570464  0.8793751035  108.9308691648 0.9406478316  0.1522969357  -0.3032940822 73.6990760887  -0.2628130909 0.8923100090  -0.3670315070 33.1166601334  
55  'crystal symmetry operation' 3_441  -x+y-1,-x-1,z-10/3  0.2147345713  0.4249570464  0.8793751035  148.4702418203 0.9406478316  0.1522969357  -0.3032940822 111.4719517388 -0.2628130909 0.8923100090  -0.3670315070 50.1708758917  
56  'crystal symmetry operation' 3_655  -x+y+1,-x,z+2/3     0.2147345713  0.4249570464  0.8793751035  -60.5736321967 0.9406478316  0.1522969357  -0.3032940822 9.3850859722   -0.2628130909 0.8923100090  -0.3670315070 -8.6072873488  
57  'crystal symmetry operation' 3_654  -x+y+1,-x,z-1/3     0.2147345713  0.4249570464  0.8793751035  -21.0342595412 0.9406478316  0.1522969357  -0.3032940822 47.1579616223  -0.2628130909 0.8923100090  -0.3670315070 8.4469284094   
58  'crystal symmetry operation' 3_653  -x+y+1,-x,z-4/3     0.2147345713  0.4249570464  0.8793751035  18.5051131144  0.9406478316  0.1522969357  -0.3032940822 84.9308372724  -0.2628130909 0.8923100090  -0.3670315070 25.5011441677  
59  'crystal symmetry operation' 3_652  -x+y+1,-x,z-7/3     0.2147345713  0.4249570464  0.8793751035  58.0444857699  0.9406478316  0.1522969357  -0.3032940822 122.7037129226 -0.2628130909 0.8923100090  -0.3670315070 42.5553599260  
60  'crystal symmetry operation' 3_651  -x+y+1,-x,z-10/3    0.2147345713  0.4249570464  0.8793751035  97.5838584254  0.9406478316  0.1522969357  -0.3032940822 160.4765885727 -0.2628130909 0.8923100090  -0.3670315070 59.6095756842  
61  'crystal symmetry operation' 4_555  -x,-y,z+1/2         -0.0470205715 0.9104032520  0.4110413417  -37.0817676810 0.9104032520  -0.1302707524 0.3926772845  4.8724300070   0.4110413417  0.3926772845  -0.8227086760 -21.0126966132 
62  'crystal symmetry operation' 4_554  -x,-y,z-1/2         -0.0470205715 0.9104032520  0.4110413417  2.4576049746   0.9104032520  -0.1302707524 0.3926772845  42.6453056571  0.4110413417  0.3926772845  -0.8227086760 -3.9584808550  
63  'crystal symmetry operation' 4_553  -x,-y,z-3/2         -0.0470205715 0.9104032520  0.4110413417  41.9969776301  0.9104032520  -0.1302707524 0.3926772845  80.4181813072  0.4110413417  0.3926772845  -0.8227086760 13.0957349033  
64  'crystal symmetry operation' 4_552  -x,-y,z-5/2         -0.0470205715 0.9104032520  0.4110413417  81.5363502856  0.9104032520  -0.1302707524 0.3926772845  118.1910569573 0.4110413417  0.3926772845  -0.8227086760 30.1499506616  
65  'crystal symmetry operation' 4_551  -x,-y,z-7/2         -0.0470205715 0.9104032520  0.4110413417  121.0757229411 0.9104032520  -0.1302707524 0.3926772845  155.9639326074 0.4110413417  0.3926772845  -0.8227086760 47.2041664198  
66  'crystal symmetry operation' 4_445  -x-1,-y-1,z+1/2     -0.0470205715 0.9104032520  0.4110413417  -14.0536540126 0.9104032520  -0.1302707524 0.3926772845  -25.8843195926 0.4110413417  0.3926772845  -0.8227086760 -6.2800514012  
67  'crystal symmetry operation' 4_444  -x-1,-y-1,z-1/2     -0.0470205715 0.9104032520  0.4110413417  25.4857186430  0.9104032520  -0.1302707524 0.3926772845  11.8885560576  0.4110413417  0.3926772845  -0.8227086760 10.7741643571  
68  'crystal symmetry operation' 4_443  -x-1,-y-1,z-3/2     -0.0470205715 0.9104032520  0.4110413417  65.0250912985  0.9104032520  -0.1302707524 0.3926772845  49.6614317077  0.4110413417  0.3926772845  -0.8227086760 27.8283801154  
69  'crystal symmetry operation' 4_442  -x-1,-y-1,z-5/2     -0.0470205715 0.9104032520  0.4110413417  104.5644639540 0.9104032520  -0.1302707524 0.3926772845  87.4343073578  0.4110413417  0.3926772845  -0.8227086760 44.8825958737  
70  'crystal symmetry operation' 4_441  -x-1,-y-1,z-7/2     -0.0470205715 0.9104032520  0.4110413417  144.1038366095 0.9104032520  -0.1302707524 0.3926772845  125.2071830079 0.4110413417  0.3926772845  -0.8227086760 61.9368116319  
71  'crystal symmetry operation' 4_455  -x-1,-y,z+1/2       -0.0470205715 0.9104032520  0.4110413417  -9.2234979545  0.9104032520  -0.1302707524 0.3926772845  -13.3754572273 0.4110413417  0.3926772845  -0.8227086760 -45.1840416178 
72  'crystal symmetry operation' 4_454  -x-1,-y,z-1/2       -0.0470205715 0.9104032520  0.4110413417  30.3158747011  0.9104032520  -0.1302707524 0.3926772845  24.3974184228  0.4110413417  0.3926772845  -0.8227086760 -28.1298258596 
73  'crystal symmetry operation' 4_453  -x-1,-y,z-3/2       -0.0470205715 0.9104032520  0.4110413417  69.8552473566  0.9104032520  -0.1302707524 0.3926772845  62.1702940729  0.4110413417  0.3926772845  -0.8227086760 -11.0756101013 
74  'crystal symmetry operation' 4_452  -x-1,-y,z-5/2       -0.0470205715 0.9104032520  0.4110413417  109.3946200121 0.9104032520  -0.1302707524 0.3926772845  99.9431697230  0.4110413417  0.3926772845  -0.8227086760 5.9786056570   
75  'crystal symmetry operation' 4_451  -x-1,-y,z-7/2       -0.0470205715 0.9104032520  0.4110413417  148.9339926676 0.9104032520  -0.1302707524 0.3926772845  137.7160453731 0.4110413417  0.3926772845  -0.8227086760 23.0328214152  
76  'crystal symmetry operation' 4_545  -x,-y-1,z+1/2       -0.0470205715 0.9104032520  0.4110413417  -41.9119237391 0.9104032520  -0.1302707524 0.3926772845  -7.6364323583  0.4110413417  0.3926772845  -0.8227086760 17.8912936034  
77  'crystal symmetry operation' 4_544  -x,-y-1,z-1/2       -0.0470205715 0.9104032520  0.4110413417  -2.3725510835  0.9104032520  -0.1302707524 0.3926772845  30.1364432918  0.4110413417  0.3926772845  -0.8227086760 34.9455093617  
78  'crystal symmetry operation' 4_543  -x,-y-1,z-3/2       -0.0470205715 0.9104032520  0.4110413417  37.1668215720  0.9104032520  -0.1302707524 0.3926772845  67.9093189419  0.4110413417  0.3926772845  -0.8227086760 51.9997251200  
79  'crystal symmetry operation' 4_542  -x,-y-1,z-5/2       -0.0470205715 0.9104032520  0.4110413417  76.7061942275  0.9104032520  -0.1302707524 0.3926772845  105.6821945920 0.4110413417  0.3926772845  -0.8227086760 69.0539408783  
80  'crystal symmetry operation' 4_541  -x,-y-1,z-7/2       -0.0470205715 0.9104032520  0.4110413417  116.2455668830 0.9104032520  -0.1302707524 0.3926772845  143.4550702422 0.4110413417  0.3926772845  -0.8227086760 86.1081566365  
81  'crystal symmetry operation' 5_555  y,-x+y,z+5/6        0.7382448571  -0.0302445796 0.6738544326  -30.6492172361 0.4854462056  0.7174323119  -0.4996327244 -27.0377144530 -0.4683337618 0.6959713667  0.5443228310  -29.3782072794 
82  'crystal symmetry operation' 5_554  y,-x+y,z-1/6        0.7382448571  -0.0302445796 0.6738544326  8.8901554194   0.4854462056  0.7174323119  -0.4996327244 10.7351611971  -0.4683337618 0.6959713667  0.5443228310  -12.3239915211 
83  'crystal symmetry operation' 5_553  y,-x+y,z-7/6        0.7382448571  -0.0302445796 0.6738544326  48.4295280749  0.4854462056  0.7174323119  -0.4996327244 48.5080368472  -0.4683337618 0.6959713667  0.5443228310  4.7302242371   
84  'crystal symmetry operation' 5_552  y,-x+y,z-13/6       0.7382448571  -0.0302445796 0.6738544326  87.9689007304  0.4854462056  0.7174323119  -0.4996327244 86.2809124973  -0.4683337618 0.6959713667  0.5443228310  21.7844399954  
85  'crystal symmetry operation' 5_551  y,-x+y,z-19/6       0.7382448571  -0.0302445796 0.6738544326  127.5082733859 0.4854462056  0.7174323119  -0.4996327244 124.0537881474 -0.4683337618 0.6959713667  0.5443228310  38.8386557537  
86  'crystal symmetry operation' 5_655  y+1,-x+y,z+5/6      0.7382448571  -0.0302445796 0.6738544326  -58.5074869626 0.4854462056  0.7174323119  -0.4996327244 -8.7898272188  -0.4683337618 0.6959713667  0.5443228310  -5.2068622748  
87  'crystal symmetry operation' 5_654  y+1,-x+y,z-1/6      0.7382448571  -0.0302445796 0.6738544326  -18.9681143071 0.4854462056  0.7174323119  -0.4996327244 28.9830484313  -0.4683337618 0.6959713667  0.5443228310  11.8473534835  
88  'crystal symmetry operation' 5_653  y+1,-x+y,z-7/6      0.7382448571  -0.0302445796 0.6738544326  20.5712583484  0.4854462056  0.7174323119  -0.4996327244 66.7559240815  -0.4683337618 0.6959713667  0.5443228310  28.9015692417  
89  'crystal symmetry operation' 5_652  y+1,-x+y,z-13/6     0.7382448571  -0.0302445796 0.6738544326  60.1106310039  0.4854462056  0.7174323119  -0.4996327244 104.5287997316 -0.4683337618 0.6959713667  0.5443228310  45.9557850000  
90  'crystal symmetry operation' 5_651  y+1,-x+y,z-19/6     0.7382448571  -0.0302445796 0.6738544326  99.6500036595  0.4854462056  0.7174323119  -0.4996327244 142.3016753817 -0.4683337618 0.6959713667  0.5443228310  63.0100007583  
91  'crystal symmetry operation' 5_545  y,-x+y-1,z+5/6      0.7382448571  -0.0302445796 0.6738544326  -35.4793732942 0.4854462056  0.7174323119  -0.4996327244 -39.5465768183 -0.4683337618 0.6959713667  0.5443228310  9.5257829373   
92  'crystal symmetry operation' 5_544  y,-x+y-1,z-1/6      0.7382448571  -0.0302445796 0.6738544326  4.0599993613   0.4854462056  0.7174323119  -0.4996327244 -1.7737011682  -0.4683337618 0.6959713667  0.5443228310  26.5799986955  
93  'crystal symmetry operation' 5_543  y,-x+y-1,z-7/6      0.7382448571  -0.0302445796 0.6738544326  43.5993720168  0.4854462056  0.7174323119  -0.4996327244 35.9991744819  -0.4683337618 0.6959713667  0.5443228310  43.6342144538  
94  'crystal symmetry operation' 5_542  y,-x+y-1,z-13/6     0.7382448571  -0.0302445796 0.6738544326  83.1387446723  0.4854462056  0.7174323119  -0.4996327244 73.7720501320  -0.4683337618 0.6959713667  0.5443228310  60.6884302121  
95  'crystal symmetry operation' 5_541  y,-x+y-1,z-19/6     0.7382448571  -0.0302445796 0.6738544326  122.6781173278 0.4854462056  0.7174323119  -0.4996327244 111.5449257821 -0.4683337618 0.6959713667  0.5443228310  77.7426459703  
96  'crystal symmetry operation' 5_665  y+1,-x+y+1,z+5/6    0.7382448571  -0.0302445796 0.6738544326  -53.6773309045 0.4854462056  0.7174323119  -0.4996327244 3.7190351465   -0.4683337618 0.6959713667  0.5443228310  -44.1108524915 
97  'crystal symmetry operation' 5_664  y+1,-x+y+1,z-1/6    0.7382448571  -0.0302445796 0.6738544326  -14.1379582490 0.4854462056  0.7174323119  -0.4996327244 41.4919107966  -0.4683337618 0.6959713667  0.5443228310  -27.0566367332 
98  'crystal symmetry operation' 5_663  y+1,-x+y+1,z-7/6    0.7382448571  -0.0302445796 0.6738544326  25.4014144065  0.4854462056  0.7174323119  -0.4996327244 79.2647864467  -0.4683337618 0.6959713667  0.5443228310  -10.0024209750 
99  'crystal symmetry operation' 5_662  y+1,-x+y+1,z-13/6   0.7382448571  -0.0302445796 0.6738544326  64.9407870620  0.4854462056  0.7174323119  -0.4996327244 117.0376620968 -0.4683337618 0.6959713667  0.5443228310  7.0517947833   
100 'crystal symmetry operation' 5_661  y+1,-x+y+1,z-19/6   0.7382448571  -0.0302445796 0.6738544326  104.4801597176 0.4854462056  0.7174323119  -0.4996327244 154.8105377469 -0.4683337618 0.6959713667  0.5443228310  24.1060105416  
101 'crystal symmetry operation' 6_555  x-y,x,z+1/6         0.7382448571  0.4854462056  -0.4683337618 -17.5461960960 -0.0302445796 0.7174323119  0.6959713667  1.1442727190   0.6738544326  -0.4996327244 0.5443228310  6.0811971541   
102 'crystal symmetry operation' 6_554  x-y,x,z-5/6         0.7382448571  0.4854462056  -0.4683337618 21.9931765595  -0.0302445796 0.7174323119  0.6959713667  38.9171483691  0.6738544326  -0.4996327244 0.5443228310  23.1354129124  
103 'crystal symmetry operation' 6_553  x-y,x,z-11/6        0.7382448571  0.4854462056  -0.4683337618 61.5325492151  -0.0302445796 0.7174323119  0.6959713667  76.6900240192  0.6738544326  -0.4996327244 0.5443228310  40.1896286706  
104 'crystal symmetry operation' 6_552  x-y,x,z-17/6        0.7382448571  0.4854462056  -0.4683337618 101.0719218706 -0.0302445796 0.7174323119  0.6959713667  114.4628996693 0.6738544326  -0.4996327244 0.5443228310  57.2438444289  
105 'crystal symmetry operation' 6_551  x-y,x,z-23/6        0.7382448571  0.4854462056  -0.4683337618 140.6112945261 -0.0302445796 0.7174323119  0.6959713667  152.2357753194 0.6738544326  -0.4996327244 0.5443228310  74.2980601872  
106 'crystal symmetry operation' 6_565  x-y,x+1,z+1/6       0.7382448571  0.4854462056  -0.4683337618 -12.7160400379 -0.0302445796 0.7174323119  0.6959713667  13.6531350842  0.6738544326  -0.4996327244 0.5443228310  -32.8227930626 
107 'crystal symmetry operation' 6_564  x-y,x+1,z-5/6       0.7382448571  0.4854462056  -0.4683337618 26.8233326176  -0.0302445796 0.7174323119  0.6959713667  51.4260107343  0.6738544326  -0.4996327244 0.5443228310  -15.7685773043 
108 'crystal symmetry operation' 6_563  x-y,x+1,z-11/6      0.7382448571  0.4854462056  -0.4683337618 66.3627052731  -0.0302445796 0.7174323119  0.6959713667  89.1988863844  0.6738544326  -0.4996327244 0.5443228310  1.2856384540   
109 'crystal symmetry operation' 6_562  x-y,x+1,z-17/6      0.7382448571  0.4854462056  -0.4683337618 105.9020779287 -0.0302445796 0.7174323119  0.6959713667  126.9717620345 0.6738544326  -0.4996327244 0.5443228310  18.3398542122  
110 'crystal symmetry operation' 6_561  x-y,x+1,z-23/6      0.7382448571  0.4854462056  -0.4683337618 145.4414505842 -0.0302445796 0.7174323119  0.6959713667  164.7446376846 0.6738544326  -0.4996327244 0.5443228310  35.3940699705  
111 'crystal symmetry operation' 6_665  x-y+1,x+1,z+1/6     0.7382448571  0.4854462056  -0.4683337618 -40.5743097644 -0.0302445796 0.7174323119  0.6959713667  31.9010223185  0.6738544326  -0.4996327244 0.5443228310  -8.6514480580  
112 'crystal symmetry operation' 6_664  x-y+1,x+1,z-5/6     0.7382448571  0.4854462056  -0.4683337618 -1.0349371089  -0.0302445796 0.7174323119  0.6959713667  69.6738979686  0.6738544326  -0.4996327244 0.5443228310  8.4027677003   
113 'crystal symmetry operation' 6_663  x-y+1,x+1,z-11/6    0.7382448571  0.4854462056  -0.4683337618 38.5044355467  -0.0302445796 0.7174323119  0.6959713667  107.4467736187 0.6738544326  -0.4996327244 0.5443228310  25.4569834586  
114 'crystal symmetry operation' 6_662  x-y+1,x+1,z-17/6    0.7382448571  0.4854462056  -0.4683337618 78.0438082022  -0.0302445796 0.7174323119  0.6959713667  145.2196492688 0.6738544326  -0.4996327244 0.5443228310  42.5111992168  
115 'crystal symmetry operation' 6_661  x-y+1,x+1,z-23/6    0.7382448571  0.4854462056  -0.4683337618 117.5831808577 -0.0302445796 0.7174323119  0.6959713667  182.9925249189 0.6738544326  -0.4996327244 0.5443228310  59.5654149751  
116 'crystal symmetry operation' 6_455  x-y-1,x,z+1/6       0.7382448571  0.4854462056  -0.4683337618 10.3120736305  -0.0302445796 0.7174323119  0.6959713667  -17.1036145153 0.6738544326  -0.4996327244 0.5443228310  -18.0901478505 
117 'crystal symmetry operation' 6_454  x-y-1,x,z-5/6       0.7382448571  0.4854462056  -0.4683337618 49.8514462860  -0.0302445796 0.7174323119  0.6959713667  20.6692611348  0.6738544326  -0.4996327244 0.5443228310  -1.0359320922  
118 'crystal symmetry operation' 6_453  x-y-1,x,z-11/6      0.7382448571  0.4854462056  -0.4683337618 89.3908189415  -0.0302445796 0.7174323119  0.6959713667  58.4421367849  0.6738544326  -0.4996327244 0.5443228310  16.0182836660  
119 'crystal symmetry operation' 6_452  x-y-1,x,z-17/6      0.7382448571  0.4854462056  -0.4683337618 128.9301915971 -0.0302445796 0.7174323119  0.6959713667  96.2150124350  0.6738544326  -0.4996327244 0.5443228310  33.0724994243  
120 'crystal symmetry operation' 6_451  x-y-1,x,z-23/6      0.7382448571  0.4854462056  -0.4683337618 168.4695642526 -0.0302445796 0.7174323119  0.6959713667  133.9878880851 0.6738544326  -0.4996327244 0.5443228310  50.1267151826  
121 'crystal symmetry operation' 7_555  y,x,-z+1/3          -0.3736644743 -0.8365446344 0.4007092903  -20.0336995091 -0.8365446344 0.1173035803  -0.5351943055 -19.7592057243 0.4007092903  -0.5351943055 -0.7436391060 -9.9364799150  
122 'crystal symmetry operation' 7_554  y,x,-z-2/3          -0.3736644743 -0.8365446344 0.4007092903  19.5056731464  -0.8365446344 0.1173035803  -0.5351943055 18.0136699258  0.4007092903  -0.5351943055 -0.7436391060 7.1177358432   
123 'crystal symmetry operation' 7_553  y,x,-z-5/3          -0.3736644743 -0.8365446344 0.4007092903  59.0450458019  -0.8365446344 0.1173035803  -0.5351943055 55.7865455759  0.4007092903  -0.5351943055 -0.7436391060 24.1719516015  
124 'crystal symmetry operation' 7_552  y,x,-z-8/3          -0.3736644743 -0.8365446344 0.4007092903  98.5844184575  -0.8365446344 0.1173035803  -0.5351943055 93.5594212260  0.4007092903  -0.5351943055 -0.7436391060 41.2261673598  
125 'crystal symmetry operation' 7_551  y,x,-z-11/3         -0.3736644743 -0.8365446344 0.4007092903  138.1237911130 -0.8365446344 0.1173035803  -0.5351943055 131.3322968761 0.4007092903  -0.5351943055 -0.7436391060 58.2803831180  
126 'crystal symmetry operation' 7_665  y+1,x+1,-z+1/3      -0.3736644743 -0.8365446344 0.4007092903  -43.0618131775 -0.8365446344 0.1173035803  -0.5351943055 10.9975438752  0.4007092903  -0.5351943055 -0.7436391060 -24.6691251271 
127 'crystal symmetry operation' 7_664  y+1,x+1,-z-2/3      -0.3736644743 -0.8365446344 0.4007092903  -3.5224405220  -0.8365446344 0.1173035803  -0.5351943055 48.7704195254  0.4007092903  -0.5351943055 -0.7436391060 -7.6149093688  
128 'crystal symmetry operation' 7_663  y+1,x+1,-z-5/3      -0.3736644743 -0.8365446344 0.4007092903  36.0169321335  -0.8365446344 0.1173035803  -0.5351943055 86.5432951755  0.4007092903  -0.5351943055 -0.7436391060 9.4393063894   
129 'crystal symmetry operation' 7_662  y+1,x+1,-z-8/3      -0.3736644743 -0.8365446344 0.4007092903  75.5563047891  -0.8365446344 0.1173035803  -0.5351943055 124.3161708256 0.4007092903  -0.5351943055 -0.7436391060 26.4935221477  
130 'crystal symmetry operation' 7_661  y+1,x+1,-z-11/3     -0.3736644743 -0.8365446344 0.4007092903  115.0956774446 -0.8365446344 0.1173035803  -0.5351943055 162.0890464757 0.4007092903  -0.5351943055 -0.7436391060 43.5477379060  
131 'crystal symmetry operation' 7_565  y,x+1,-z+1/3        -0.3736644743 -0.8365446344 0.4007092903  -15.2035434510 -0.8365446344 0.1173035803  -0.5351943055 -7.2503433590  0.4007092903  -0.5351943055 -0.7436391060 -48.8404701317 
132 'crystal symmetry operation' 7_564  y,x+1,-z-2/3        -0.3736644743 -0.8365446344 0.4007092903  24.3358292045  -0.8365446344 0.1173035803  -0.5351943055 30.5225322911  0.4007092903  -0.5351943055 -0.7436391060 -31.7862543734 
133 'crystal symmetry operation' 7_563  y,x+1,-z-5/3        -0.3736644743 -0.8365446344 0.4007092903  63.8752018600  -0.8365446344 0.1173035803  -0.5351943055 68.2954079412  0.4007092903  -0.5351943055 -0.7436391060 -14.7320386152 
134 'crystal symmetry operation' 7_562  y,x+1,-z-8/3        -0.3736644743 -0.8365446344 0.4007092903  103.4145745155 -0.8365446344 0.1173035803  -0.5351943055 106.0682835913 0.4007092903  -0.5351943055 -0.7436391060 2.3221771431   
135 'crystal symmetry operation' 7_561  y,x+1,-z-11/3       -0.3736644743 -0.8365446344 0.4007092903  142.9539471711 -0.8365446344 0.1173035803  -0.5351943055 143.8411592414 0.4007092903  -0.5351943055 -0.7436391060 19.3763929014  
136 'crystal symmetry operation' 7_655  y+1,x,-z+1/3        -0.3736644743 -0.8365446344 0.4007092903  -47.8919692356 -0.8365446344 0.1173035803  -0.5351943055 -1.5113184900  0.4007092903  -0.5351943055 -0.7436391060 14.2348650896  
137 'crystal symmetry operation' 7_654  y+1,x,-z-2/3        -0.3736644743 -0.8365446344 0.4007092903  -8.3525965801  -0.8365446344 0.1173035803  -0.5351943055 36.2615571601  0.4007092903  -0.5351943055 -0.7436391060 31.2890808478  
138 'crystal symmetry operation' 7_653  y+1,x,-z-5/3        -0.3736644743 -0.8365446344 0.4007092903  31.1867760754  -0.8365446344 0.1173035803  -0.5351943055 74.0344328102  0.4007092903  -0.5351943055 -0.7436391060 48.3432966061  
139 'crystal symmetry operation' 7_652  y+1,x,-z-8/3        -0.3736644743 -0.8365446344 0.4007092903  70.7261487310  -0.8365446344 0.1173035803  -0.5351943055 111.8073084603 0.4007092903  -0.5351943055 -0.7436391060 65.3975123644  
140 'crystal symmetry operation' 7_651  y+1,x,-z-11/3       -0.3736644743 -0.8365446344 0.4007092903  110.2655213865 -0.8365446344 0.1173035803  -0.5351943055 149.5801841104 0.4007092903  -0.5351943055 -0.7436391060 82.4517281226  
141 'crystal symmetry operation' 8_555  x-y,-y,-z           -0.0833604442 -0.6004226183 -0.7953261695 -14.6126244483 -0.6004226183 -0.6067076549 0.5209592124  10.0698274577  -0.7953261695 0.5209592124  -0.3099319009 -24.4436339434 
142 'crystal symmetry operation' 8_554  x-y,-y,-z-1         -0.0833604442 -0.6004226183 -0.7953261695 24.9267482072  -0.6004226183 -0.6067076549 0.5209592124  47.8427031079  -0.7953261695 0.5209592124  -0.3099319009 -7.3894181851  
143 'crystal symmetry operation' 8_553  x-y,-y,-z-2         -0.0833604442 -0.6004226183 -0.7953261695 64.4661208627  -0.6004226183 -0.6067076549 0.5209592124  85.6155787580  -0.7953261695 0.5209592124  -0.3099319009 9.6647975732   
144 'crystal symmetry operation' 8_552  x-y,-y,-z-3         -0.0833604442 -0.6004226183 -0.7953261695 104.0054935182 -0.6004226183 -0.6067076549 0.5209592124  123.3884544081 -0.7953261695 0.5209592124  -0.3099319009 26.7190133314  
145 'crystal symmetry operation' 8_551  x-y,-y,-z-4         -0.0833604442 -0.6004226183 -0.7953261695 143.5448661737 -0.6004226183 -0.6067076549 0.5209592124  161.1613300582 -0.7953261695 0.5209592124  -0.3099319009 43.7732290897  
146 'crystal symmetry operation' 8_545  x-y,-y-1,-z         -0.0833604442 -0.6004226183 -0.7953261695 -19.4427805064 -0.6004226183 -0.6067076549 0.5209592124  -2.4390349075  -0.7953261695 0.5209592124  -0.3099319009 14.4603562733  
147 'crystal symmetry operation' 8_544  x-y,-y-1,-z-1       -0.0833604442 -0.6004226183 -0.7953261695 20.0965921491  -0.6004226183 -0.6067076549 0.5209592124  35.3338407426  -0.7953261695 0.5209592124  -0.3099319009 31.5145720316  
148 'crystal symmetry operation' 8_543  x-y,-y-1,-z-2       -0.0833604442 -0.6004226183 -0.7953261695 59.6359648046  -0.6004226183 -0.6067076549 0.5209592124  73.1067163927  -0.7953261695 0.5209592124  -0.3099319009 48.5687877899  
149 'crystal symmetry operation' 8_542  x-y,-y-1,-z-3       -0.0833604442 -0.6004226183 -0.7953261695 99.1753374601  -0.6004226183 -0.6067076549 0.5209592124  110.8795920428 -0.7953261695 0.5209592124  -0.3099319009 65.6230035481  
150 'crystal symmetry operation' 8_541  x-y,-y-1,-z-4       -0.0833604442 -0.6004226183 -0.7953261695 138.7147101156 -0.6004226183 -0.6067076549 0.5209592124  148.6524676929 -0.7953261695 0.5209592124  -0.3099319009 82.6772193064  
151 'crystal symmetry operation' 8_655  x-y+1,-y,-z         -0.0833604442 -0.6004226183 -0.7953261695 -42.4708941748 -0.6004226183 -0.6067076549 0.5209592124  28.3177146920  -0.7953261695 0.5209592124  -0.3099319009 -0.2722889388  
152 'crystal symmetry operation' 8_654  x-y+1,-y,-z-1       -0.0833604442 -0.6004226183 -0.7953261695 -2.9315215193  -0.6004226183 -0.6067076549 0.5209592124  66.0905903421  -0.7953261695 0.5209592124  -0.3099319009 16.7819268195  
153 'crystal symmetry operation' 8_653  x-y+1,-y,-z-2       -0.0833604442 -0.6004226183 -0.7953261695 36.6078511362  -0.6004226183 -0.6067076549 0.5209592124  103.8634659922 -0.7953261695 0.5209592124  -0.3099319009 33.8361425778  
154 'crystal symmetry operation' 8_652  x-y+1,-y,-z-3       -0.0833604442 -0.6004226183 -0.7953261695 76.1472237917  -0.6004226183 -0.6067076549 0.5209592124  141.6363416423 -0.7953261695 0.5209592124  -0.3099319009 50.8903583360  
155 'crystal symmetry operation' 8_651  x-y+1,-y,-z-4       -0.0833604442 -0.6004226183 -0.7953261695 115.6865964472 -0.6004226183 -0.6067076549 0.5209592124  179.4092172925 -0.7953261695 0.5209592124  -0.3099319009 67.9445740943  
156 'crystal symmetry operation' 8_445  x-y-1,-y-1,-z       -0.0833604442 -0.6004226183 -0.7953261695 8.4154892201   -0.6004226183 -0.6067076549 0.5209592124  -20.6869221418 -0.7953261695 0.5209592124  -0.3099319009 -9.7109887313  
157 'crystal symmetry operation' 8_444  x-y-1,-y-1,-z-1     -0.0833604442 -0.6004226183 -0.7953261695 47.9548618756  -0.6004226183 -0.6067076549 0.5209592124  17.0859535083  -0.7953261695 0.5209592124  -0.3099319009 7.3432270270   
158 'crystal symmetry operation' 8_443  x-y-1,-y-1,-z-2     -0.0833604442 -0.6004226183 -0.7953261695 87.4942345311  -0.6004226183 -0.6067076549 0.5209592124  54.8588291584  -0.7953261695 0.5209592124  -0.3099319009 24.3974427853  
159 'crystal symmetry operation' 8_442  x-y-1,-y-1,-z-3     -0.0833604442 -0.6004226183 -0.7953261695 127.0336071866 -0.6004226183 -0.6067076549 0.5209592124  92.6317048085  -0.7953261695 0.5209592124  -0.3099319009 41.4516585435  
160 'crystal symmetry operation' 8_441  x-y-1,-y-1,-z-4     -0.0833604442 -0.6004226183 -0.7953261695 166.5729798421 -0.6004226183 -0.6067076549 0.5209592124  130.4045804586 -0.7953261695 0.5209592124  -0.3099319009 58.5058743018  
161 'crystal symmetry operation' 9_555  -x,-x+y,-z+2/3      -0.9724442243 0.0713623747  -0.2219451334 -53.0690771111 0.0713623747  -0.8151897968 -0.5747808336 -13.6609213774 -0.2219451334 -0.5747808336 0.7876340210  -10.9812517230 
162 'crystal symmetry operation' 9_554  -x,-x+y,-z-1/3      -0.9724442243 0.0713623747  -0.2219451334 -13.5297044556 0.0713623747  -0.8151897968 -0.5747808336 24.1119542728  -0.2219451334 -0.5747808336 0.7876340210  6.0729640353   
163 'crystal symmetry operation' 9_553  -x,-x+y,-z-4/3      -0.9724442243 0.0713623747  -0.2219451334 26.0096681999  0.0713623747  -0.8151897968 -0.5747808336 61.8848299229  -0.2219451334 -0.5747808336 0.7876340210  23.1271797936  
164 'crystal symmetry operation' 9_552  -x,-x+y,-z-7/3      -0.9724442243 0.0713623747  -0.2219451334 65.5490408554  0.0713623747  -0.8151897968 -0.5747808336 99.6577055730  -0.2219451334 -0.5747808336 0.7876340210  40.1813955518  
165 'crystal symmetry operation' 9_551  -x,-x+y,-z-10/3     -0.9724442243 0.0713623747  -0.2219451334 105.0884135109 0.0713623747  -0.8151897968 -0.5747808336 137.4305812231 -0.2219451334 -0.5747808336 0.7876340210  57.2356113101  
166 'crystal symmetry operation' 9_455  -x-1,-x+y,-z+2/3    -0.9724442243 0.0713623747  -0.2219451334 -25.2108073846 0.0713623747  -0.8151897968 -0.5747808336 -31.9088086116 -0.2219451334 -0.5747808336 0.7876340210  -35.1525967276 
167 'crystal symmetry operation' 9_454  -x-1,-x+y,-z-1/3    -0.9724442243 0.0713623747  -0.2219451334 14.3285652709  0.0713623747  -0.8151897968 -0.5747808336 5.8640670385   -0.2219451334 -0.5747808336 0.7876340210  -18.0983809693 
168 'crystal symmetry operation' 9_453  -x-1,-x+y,-z-4/3    -0.9724442243 0.0713623747  -0.2219451334 53.8679379264  0.0713623747  -0.8151897968 -0.5747808336 43.6369426886  -0.2219451334 -0.5747808336 0.7876340210  -1.0441652110  
169 'crystal symmetry operation' 9_452  -x-1,-x+y,-z-7/3    -0.9724442243 0.0713623747  -0.2219451334 93.4073105819  0.0713623747  -0.8151897968 -0.5747808336 81.4098183387  -0.2219451334 -0.5747808336 0.7876340210  16.0100505472  
170 'crystal symmetry operation' 9_451  -x-1,-x+y,-z-10/3   -0.9724442243 0.0713623747  -0.2219451334 132.9466832374 0.0713623747  -0.8151897968 -0.5747808336 119.1826939888 -0.2219451334 -0.5747808336 0.7876340210  33.0642663055  
171 'crystal symmetry operation' 9_445  -x-1,-x+y-1,-z+2/3  -0.9724442243 0.0713623747  -0.2219451334 -30.0409634427 0.0713623747  -0.8151897968 -0.5747808336 -44.4176709769 -0.2219451334 -0.5747808336 0.7876340210  3.7513934891   
172 'crystal symmetry operation' 9_444  -x-1,-x+y-1,-z-1/3  -0.9724442243 0.0713623747  -0.2219451334 9.4984092128   0.0713623747  -0.8151897968 -0.5747808336 -6.6447953268  -0.2219451334 -0.5747808336 0.7876340210  20.8056092474  
173 'crystal symmetry operation' 9_443  -x-1,-x+y-1,-z-4/3  -0.9724442243 0.0713623747  -0.2219451334 49.0377818683  0.0713623747  -0.8151897968 -0.5747808336 31.1280803233  -0.2219451334 -0.5747808336 0.7876340210  37.8598250056  
174 'crystal symmetry operation' 9_442  -x-1,-x+y-1,-z-7/3  -0.9724442243 0.0713623747  -0.2219451334 88.5771545238  0.0713623747  -0.8151897968 -0.5747808336 68.9009559734  -0.2219451334 -0.5747808336 0.7876340210  54.9140407639  
175 'crystal symmetry operation' 9_441  -x-1,-x+y-1,-z-10/3 -0.9724442243 0.0713623747  -0.2219451334 128.1165271793 0.0713623747  -0.8151897968 -0.5747808336 106.6738316235 -0.2219451334 -0.5747808336 0.7876340210  71.9682565222  
176 'crystal symmetry operation' 9_565  -x,-x+y+1,-z+2/3    -0.9724442243 0.0713623747  -0.2219451334 -48.2389210530 0.0713623747  -0.8151897968 -0.5747808336 -1.1520590121  -0.2219451334 -0.5747808336 0.7876340210  -49.8852419396 
177 'crystal symmetry operation' 9_564  -x,-x+y+1,-z-1/3    -0.9724442243 0.0713623747  -0.2219451334 -8.6995483975  0.0713623747  -0.8151897968 -0.5747808336 36.6208166380  -0.2219451334 -0.5747808336 0.7876340210  -32.8310261814 
178 'crystal symmetry operation' 9_563  -x,-x+y+1,-z-4/3    -0.9724442243 0.0713623747  -0.2219451334 30.8398242580  0.0713623747  -0.8151897968 -0.5747808336 74.3936922881  -0.2219451334 -0.5747808336 0.7876340210  -15.7768104231 
179 'crystal symmetry operation' 9_562  -x,-x+y+1,-z-7/3    -0.9724442243 0.0713623747  -0.2219451334 70.3791969135  0.0713623747  -0.8151897968 -0.5747808336 112.1665679382 -0.2219451334 -0.5747808336 0.7876340210  1.2774053352   
180 'crystal symmetry operation' 9_561  -x,-x+y+1,-z-10/3   -0.9724442243 0.0713623747  -0.2219451334 109.9185695690 0.0713623747  -0.8151897968 -0.5747808336 149.9394435883 -0.2219451334 -0.5747808336 0.7876340210  18.3316210934  
181 'crystal symmetry operation' 10_555 -y,-x,-z+5/6        -0.5793149542 -0.0738586176 -0.8117506320 -58.2129208643 -0.0738586176 -0.9870328279 0.1425170210  -14.6940985300 -0.8117506320 0.1425170210  0.5663477821  -28.8315383517 
182 'crystal symmetry operation' 10_554 -y,-x,-z-1/6        -0.5793149542 -0.0738586176 -0.8117506320 -18.6735482088 -0.0738586176 -0.9870328279 0.1425170210  23.0787771201  -0.8117506320 0.1425170210  0.5663477821  -11.7773225934 
183 'crystal symmetry operation' 10_553 -y,-x,-z-7/6        -0.5793149542 -0.0738586176 -0.8117506320 20.8658244467  -0.0738586176 -0.9870328279 0.1425170210  60.8516527702  -0.8117506320 0.1425170210  0.5663477821  5.2768931649   
184 'crystal symmetry operation' 10_552 -y,-x,-z-13/6       -0.5793149542 -0.0738586176 -0.8117506320 60.4051971022  -0.0738586176 -0.9870328279 0.1425170210  98.6245284203  -0.8117506320 0.1425170210  0.5663477821  22.3311089231  
185 'crystal symmetry operation' 10_551 -y,-x,-z-19/6       -0.5793149542 -0.0738586176 -0.8117506320 99.9445697577  -0.0738586176 -0.9870328279 0.1425170210  136.3974040704 -0.8117506320 0.1425170210  0.5663477821  39.3853246814  
186 'crystal symmetry operation' 10_445 -y-1,-x-1,-z+5/6    -0.5793149542 -0.0738586176 -0.8117506320 -35.1848071959 -0.0738586176 -0.9870328279 0.1425170210  -45.4508481295 -0.8117506320 0.1425170210  0.5663477821  -14.0988931396 
187 'crystal symmetry operation' 10_444 -y-1,-x-1,-z-1/6    -0.5793149542 -0.0738586176 -0.8117506320 4.3545654596   -0.0738586176 -0.9870328279 0.1425170210  -7.6779724794  -0.8117506320 0.1425170210  0.5663477821  2.9553226187   
188 'crystal symmetry operation' 10_443 -y-1,-x-1,-z-7/6    -0.5793149542 -0.0738586176 -0.8117506320 43.8939381151  -0.0738586176 -0.9870328279 0.1425170210  30.0949031707  -0.8117506320 0.1425170210  0.5663477821  20.0095383770  
189 'crystal symmetry operation' 10_442 -y-1,-x-1,-z-13/6   -0.5793149542 -0.0738586176 -0.8117506320 83.4333107706  -0.0738586176 -0.9870328279 0.1425170210  67.8677788208  -0.8117506320 0.1425170210  0.5663477821  37.0637541352  
190 'crystal symmetry operation' 10_441 -y-1,-x-1,-z-19/6   -0.5793149542 -0.0738586176 -0.8117506320 122.9726834261 -0.0738586176 -0.9870328279 0.1425170210  105.6406544709 -0.8117506320 0.1425170210  0.5663477821  54.1179698935  
191 'crystal symmetry operation' 10_545 -y,-x-1,-z+5/6      -0.5793149542 -0.0738586176 -0.8117506320 -63.0430769224 -0.0738586176 -0.9870328279 0.1425170210  -27.2029608952 -0.8117506320 0.1425170210  0.5663477821  10.0724518650  
192 'crystal symmetry operation' 10_544 -y,-x-1,-z-1/6      -0.5793149542 -0.0738586176 -0.8117506320 -23.5037042669 -0.0738586176 -0.9870328279 0.1425170210  10.5699147549  -0.8117506320 0.1425170210  0.5663477821  27.1266676233  
193 'crystal symmetry operation' 10_543 -y,-x-1,-z-7/6      -0.5793149542 -0.0738586176 -0.8117506320 16.0356683886  -0.0738586176 -0.9870328279 0.1425170210  48.3427904050  -0.8117506320 0.1425170210  0.5663477821  44.1808833816  
194 'crystal symmetry operation' 10_542 -y,-x-1,-z-13/6     -0.5793149542 -0.0738586176 -0.8117506320 55.5750410441  -0.0738586176 -0.9870328279 0.1425170210  86.1156660551  -0.8117506320 0.1425170210  0.5663477821  61.2350991398  
195 'crystal symmetry operation' 10_541 -y,-x-1,-z-19/6     -0.5793149542 -0.0738586176 -0.8117506320 95.1144136996  -0.0738586176 -0.9870328279 0.1425170210  123.8885417052 -0.8117506320 0.1425170210  0.5663477821  78.2893148981  
196 'crystal symmetry operation' 10_455 -y-1,-x,-z+5/6      -0.5793149542 -0.0738586176 -0.8117506320 -30.3546511378 -0.0738586176 -0.9870328279 0.1425170210  -32.9419857643 -0.8117506320 0.1425170210  0.5663477821  -53.0028833563 
197 'crystal symmetry operation' 10_454 -y-1,-x,-z-1/6      -0.5793149542 -0.0738586176 -0.8117506320 9.1847215177   -0.0738586176 -0.9870328279 0.1425170210  4.8308898858   -0.8117506320 0.1425170210  0.5663477821  -35.9486675980 
198 'crystal symmetry operation' 10_453 -y-1,-x,-z-7/6      -0.5793149542 -0.0738586176 -0.8117506320 48.7240941732  -0.0738586176 -0.9870328279 0.1425170210  42.6037655360  -0.8117506320 0.1425170210  0.5663477821  -18.8944518397 
199 'crystal symmetry operation' 10_452 -y-1,-x,-z-13/6     -0.5793149542 -0.0738586176 -0.8117506320 88.2634668287  -0.0738586176 -0.9870328279 0.1425170210  80.3766411861  -0.8117506320 0.1425170210  0.5663477821  -1.8402360815  
200 'crystal symmetry operation' 10_451 -y-1,-x,-z-19/6     -0.5793149542 -0.0738586176 -0.8117506320 127.8028394842 -0.0738586176 -0.9870328279 0.1425170210  118.1495168362 -0.8117506320 0.1425170210  0.5663477821  15.2139796768  
201 'crystal symmetry operation' 11_555 -x+y,y,-z+1/2       -0.8696189843 -0.3099806337 0.3842848278  -37.2744141548 -0.3099806337 -0.2630215927 -0.9136364969 -19.3412146120 0.3842848278  -0.9136364969 0.1326405770  -2.9549071512  
202 'crystal symmetry operation' 11_554 -x+y,y,-z-1/2       -0.8696189843 -0.3099806337 0.3842848278  2.2649585007   -0.3099806337 -0.2630215927 -0.9136364969 18.4316610381  0.3842848278  -0.9136364969 0.1326405770  14.0993086071  
203 'crystal symmetry operation' 11_553 -x+y,y,-z-3/2       -0.8696189843 -0.3099806337 0.3842848278  41.8043311562  -0.3099806337 -0.2630215927 -0.9136364969 56.2045366882  0.3842848278  -0.9136364969 0.1326405770  31.1535243654  
204 'crystal symmetry operation' 11_552 -x+y,y,-z-5/2       -0.8696189843 -0.3099806337 0.3842848278  81.3437038118  -0.3099806337 -0.2630215927 -0.9136364969 93.9774123383  0.3842848278  -0.9136364969 0.1326405770  48.2077401236  
205 'crystal symmetry operation' 11_551 -x+y,y,-z-7/2       -0.8696189843 -0.3099806337 0.3842848278  120.8830764673 -0.3099806337 -0.2630215927 -0.9136364969 131.7502879884 0.3842848278  -0.9136364969 0.1326405770  65.2619558819  
206 'crystal symmetry operation' 11_565 -x+y,y+1,-z+1/2     -0.8696189843 -0.3099806337 0.3842848278  -32.4442580967 -0.3099806337 -0.2630215927 -0.9136364969 -6.8323522467  0.3842848278  -0.9136364969 0.1326405770  -41.8588973678 
207 'crystal symmetry operation' 11_564 -x+y,y+1,-z-1/2     -0.8696189843 -0.3099806337 0.3842848278  7.0951145588   -0.3099806337 -0.2630215927 -0.9136364969 30.9405234034  0.3842848278  -0.9136364969 0.1326405770  -24.8046816096 
208 'crystal symmetry operation' 11_563 -x+y,y+1,-z-3/2     -0.8696189843 -0.3099806337 0.3842848278  46.6344872143  -0.3099806337 -0.2630215927 -0.9136364969 68.7133990535  0.3842848278  -0.9136364969 0.1326405770  -7.7504658513  
209 'crystal symmetry operation' 11_562 -x+y,y+1,-z-5/2     -0.8696189843 -0.3099806337 0.3842848278  86.1738598699  -0.3099806337 -0.2630215927 -0.9136364969 106.4862747036 0.3842848278  -0.9136364969 0.1326405770  9.3037499070   
210 'crystal symmetry operation' 11_561 -x+y,y+1,-z-7/2     -0.8696189843 -0.3099806337 0.3842848278  125.7132325254 -0.3099806337 -0.2630215927 -0.9136364969 144.2591503537 0.3842848278  -0.9136364969 0.1326405770  26.3579656652  
211 'crystal symmetry operation' 11_455 -x+y-1,y,-z+1/2     -0.8696189843 -0.3099806337 0.3842848278  -9.4161444283  -0.3099806337 -0.2630215927 -0.9136364969 -37.5891018463 0.3842848278  -0.9136364969 0.1326405770  -27.1262521558 
212 'crystal symmetry operation' 11_454 -x+y-1,y,-z-1/2     -0.8696189843 -0.3099806337 0.3842848278  30.1232282272  -0.3099806337 -0.2630215927 -0.9136364969 0.1837738038   0.3842848278  -0.9136364969 0.1326405770  -10.0720363975 
213 'crystal symmetry operation' 11_453 -x+y-1,y,-z-3/2     -0.8696189843 -0.3099806337 0.3842848278  69.6626008827  -0.3099806337 -0.2630215927 -0.9136364969 37.9566494539  0.3842848278  -0.9136364969 0.1326405770  6.9821793608   
214 'crystal symmetry operation' 11_452 -x+y-1,y,-z-5/2     -0.8696189843 -0.3099806337 0.3842848278  109.2019735382 -0.3099806337 -0.2630215927 -0.9136364969 75.7295251041  0.3842848278  -0.9136364969 0.1326405770  24.0363951190  
215 'crystal symmetry operation' 11_451 -x+y-1,y,-z-7/2     -0.8696189843 -0.3099806337 0.3842848278  148.7413461938 -0.3099806337 -0.2630215927 -0.9136364969 113.5024007542 0.3842848278  -0.9136364969 0.1326405770  41.0906108773  
216 'crystal symmetry operation' 11_665 -x+y+1,y+1,-z+1/2   -0.8696189843 -0.3099806337 0.3842848278  -60.3025278232 -0.3099806337 -0.2630215927 -0.9136364969 11.4155349875  0.3842848278  -0.9136364969 0.1326405770  -17.6875523632 
217 'crystal symmetry operation' 11_664 -x+y+1,y+1,-z-1/2   -0.8696189843 -0.3099806337 0.3842848278  -20.7631551677 -0.3099806337 -0.2630215927 -0.9136364969 49.1884106377  0.3842848278  -0.9136364969 0.1326405770  -0.6333366050  
218 'crystal symmetry operation' 11_663 -x+y+1,y+1,-z-3/2   -0.8696189843 -0.3099806337 0.3842848278  18.7762174879  -0.3099806337 -0.2630215927 -0.9136364969 86.9612862878  0.3842848278  -0.9136364969 0.1326405770  16.4208791533  
219 'crystal symmetry operation' 11_662 -x+y+1,y+1,-z-5/2   -0.8696189843 -0.3099806337 0.3842848278  58.3155901434  -0.3099806337 -0.2630215927 -0.9136364969 124.7341619379 0.3842848278  -0.9136364969 0.1326405770  33.4750949116  
220 'crystal symmetry operation' 11_661 -x+y+1,y+1,-z-7/2   -0.8696189843 -0.3099806337 0.3842848278  97.8549627989  -0.3099806337 -0.2630215927 -0.9136364969 162.5070375880 0.3842848278  -0.9136364969 0.1326405770  50.5293106698  
221 'crystal symmetry operation' 12_555 x,x-y,-z+1/6        0.0194647958  -0.9817656267 -0.1890962083 -11.9977523772 -0.9817656267 -0.0545394508 0.1821035491  -8.2014243270  -0.1890962083 0.1821035491  -0.9649253450 -22.1020279577 
222 'crystal symmetry operation' 12_554 x,x-y,-z-5/6        0.0194647958  -0.9817656267 -0.1890962083 27.5416202783  -0.9817656267 -0.0545394508 0.1821035491  29.5714513231  -0.1890962083 0.1821035491  -0.9649253450 -5.0478121994  
223 'crystal symmetry operation' 12_553 x,x-y,-z-11/6       0.0194647958  -0.9817656267 -0.1890962083 67.0809929338  -0.9817656267 -0.0545394508 0.1821035491  67.3443269732  -0.1890962083 0.1821035491  -0.9649253450 12.0064035589  
224 'crystal symmetry operation' 12_552 x,x-y,-z-17/6       0.0194647958  -0.9817656267 -0.1890962083 106.6203655893 -0.9817656267 -0.0545394508 0.1821035491  105.1172026233 -0.1890962083 0.1821035491  -0.9649253450 29.0606193171  
225 'crystal symmetry operation' 12_551 x,x-y,-z-23/6       0.0194647958  -0.9817656267 -0.1890962083 146.1597382449 -0.9817656267 -0.0545394508 0.1821035491  142.8900782735 -0.1890962083 0.1821035491  -0.9649253450 46.1148350754  
226 'crystal symmetry operation' 12_655 x+1,x-y,-z+1/6      0.0194647958  -0.9817656267 -0.1890962083 -39.8560221037 -0.9817656267 -0.0545394508 0.1821035491  10.0464629073  -0.1890962083 0.1821035491  -0.9649253450 2.0693170469   
227 'crystal symmetry operation' 12_654 x+1,x-y,-z-5/6      0.0194647958  -0.9817656267 -0.1890962083 -0.3166494482  -0.9817656267 -0.0545394508 0.1821035491  47.8193385574  -0.1890962083 0.1821035491  -0.9649253450 19.1235328052  
228 'crystal symmetry operation' 12_653 x+1,x-y,-z-11/6     0.0194647958  -0.9817656267 -0.1890962083 39.2227232073  -0.9817656267 -0.0545394508 0.1821035491  85.5922142075  -0.1890962083 0.1821035491  -0.9649253450 36.1777485635  
229 'crystal symmetry operation' 12_652 x+1,x-y,-z-17/6     0.0194647958  -0.9817656267 -0.1890962083 78.7620958629  -0.9817656267 -0.0545394508 0.1821035491  123.3650898576 -0.1890962083 0.1821035491  -0.9649253450 53.2319643217  
230 'crystal symmetry operation' 12_651 x+1,x-y,-z-23/6     0.0194647958  -0.9817656267 -0.1890962083 118.3014685184 -0.9817656267 -0.0545394508 0.1821035491  161.1379655077 -0.1890962083 0.1821035491  -0.9649253450 70.2861800800  
231 'crystal symmetry operation' 12_665 x+1,x-y+1,-z+1/6    0.0194647958  -0.9817656267 -0.1890962083 -35.0258660456 -0.9817656267 -0.0545394508 0.1821035491  22.5553252726  -0.1890962083 0.1821035491  -0.9649253450 -36.8346731697 
232 'crystal symmetry operation' 12_664 x+1,x-y+1,-z-5/6    0.0194647958  -0.9817656267 -0.1890962083 4.5135066099   -0.9817656267 -0.0545394508 0.1821035491  60.3282009227  -0.1890962083 0.1821035491  -0.9649253450 -19.7804574115 
233 'crystal symmetry operation' 12_663 x+1,x-y+1,-z-11/6   0.0194647958  -0.9817656267 -0.1890962083 44.0528792654  -0.9817656267 -0.0545394508 0.1821035491  98.1010765728  -0.1890962083 0.1821035491  -0.9649253450 -2.7262416532  
234 'crystal symmetry operation' 12_662 x+1,x-y+1,-z-17/6   0.0194647958  -0.9817656267 -0.1890962083 83.5922519209  -0.9817656267 -0.0545394508 0.1821035491  135.8739522229 -0.1890962083 0.1821035491  -0.9649253450 14.3279741051  
235 'crystal symmetry operation' 12_661 x+1,x-y+1,-z-23/6   0.0194647958  -0.9817656267 -0.1890962083 123.1316245765 -0.9817656267 -0.0545394508 0.1821035491  173.6468278730 -0.1890962083 0.1821035491  -0.9649253450 31.3821898633  
236 'crystal symmetry operation' 12_545 x,x-y-1,-z+1/6      0.0194647958  -0.9817656267 -0.1890962083 -16.8279084353 -0.9817656267 -0.0545394508 0.1821035491  -20.7102866922 -0.1890962083 0.1821035491  -0.9649253450 16.8019622590  
237 'crystal symmetry operation' 12_544 x,x-y-1,-z-5/6      0.0194647958  -0.9817656267 -0.1890962083 22.7114642202  -0.9817656267 -0.0545394508 0.1821035491  17.0625889579  -0.1890962083 0.1821035491  -0.9649253450 33.8561780173  
238 'crystal symmetry operation' 12_543 x,x-y-1,-z-11/6     0.0194647958  -0.9817656267 -0.1890962083 62.2508368757  -0.9817656267 -0.0545394508 0.1821035491  54.8354646080  -0.1890962083 0.1821035491  -0.9649253450 50.9103937755  
239 'crystal symmetry operation' 12_542 x,x-y-1,-z-17/6     0.0194647958  -0.9817656267 -0.1890962083 101.7902095312 -0.9817656267 -0.0545394508 0.1821035491  92.6083402581  -0.1890962083 0.1821035491  -0.9649253450 67.9646095338  
240 'crystal symmetry operation' 12_541 x,x-y-1,-z-23/6     0.0194647958  -0.9817656267 -0.1890962083 141.3295821868 -0.9817656267 -0.0545394508 0.1821035491  130.3812159082 -0.1890962083 0.1821035491  -0.9649253450 85.0188252921 
# 
loop_
_struct_conf.conf_type_id 
_struct_conf.id 
_struct_conf.pdbx_PDB_helix_id 
_struct_conf.beg_label_comp_id 
_struct_conf.beg_label_asym_id 
_struct_conf.beg_label_seq_id 
_struct_conf.pdbx_beg_PDB_ins_code 
_struct_conf.end_label_comp_id 
_struct_conf.end_label_asym_id 
_struct_conf.end_label_seq_id 
_struct_conf.pdbx_end_PDB_ins_code 
_struct_conf.beg_auth_comp_id 
_struct_conf.beg_auth_asym_id 
_struct_conf.beg_auth_seq_id 
_struct_conf.end_auth_comp_id 
_struct_conf.end_auth_asym_id 
_struct_conf.end_auth_seq_id 
_struct_conf.pdbx_PDB_helix_class 
_struct_conf.details 
_struct_conf.pdbx_PDB_helix_length 
HELX_P HELX_P1 AA1 SER A 1 ? ARG A 13 ? SER A 1 ARG A 13 1 ? 13 
HELX_P HELX_P2 AA2 LYS B 2 ? ARG B 13 ? LYS B 2 ARG B 13 1 ? 12 
# 
_struct_conf_type.id          HELX_P 
_struct_conf_type.criteria    ? 
_struct_conf_type.reference   ? 
# 
loop_
_pdbx_struct_special_symmetry.id 
_pdbx_struct_special_symmetry.PDB_model_num 
_pdbx_struct_special_symmetry.auth_asym_id 
_pdbx_struct_special_symmetry.auth_comp_id 
_pdbx_struct_special_symmetry.auth_seq_id 
_pdbx_struct_special_symmetry.PDB_ins_code 
_pdbx_struct_special_symmetry.label_asym_id 
_pdbx_struct_special_symmetry.label_comp_id 
_pdbx_struct_special_symmetry.label_seq_id 
1 1 B HOH 120 ? D HOH . 
2 1 B HOH 122 ? D HOH . 
# 
_pdbx_phasing_MR.entry_id                     6S6N 
_pdbx_phasing_MR.method_rotation              ? 
_pdbx_phasing_MR.method_translation           ? 
_pdbx_phasing_MR.model_details                ? 
_pdbx_phasing_MR.R_factor                     ? 
_pdbx_phasing_MR.R_rigid_body                 ? 
_pdbx_phasing_MR.correlation_coeff_Fo_to_Fc   ? 
_pdbx_phasing_MR.correlation_coeff_Io_to_Ic   ? 
_pdbx_phasing_MR.d_res_high_rotation          ? 
_pdbx_phasing_MR.d_res_low_rotation           ? 
_pdbx_phasing_MR.d_res_high_translation       ? 
_pdbx_phasing_MR.d_res_low_translation        ? 
_pdbx_phasing_MR.packing                      0.000 
_pdbx_phasing_MR.reflns_percent_rotation      ? 
_pdbx_phasing_MR.reflns_percent_translation   ? 
_pdbx_phasing_MR.sigma_F_rotation             ? 
_pdbx_phasing_MR.sigma_F_translation          ? 
_pdbx_phasing_MR.sigma_I_rotation             ? 
_pdbx_phasing_MR.sigma_I_translation          ? 
# 
_phasing.method   MR 
# 
loop_
_chem_comp_atom.comp_id 
_chem_comp_atom.atom_id 
_chem_comp_atom.type_symbol 
_chem_comp_atom.pdbx_aromatic_flag 
_chem_comp_atom.pdbx_stereo_config 
_chem_comp_atom.pdbx_ordinal 
ARG N    N N N 1   
ARG CA   C N S 2   
ARG C    C N N 3   
ARG O    O N N 4   
ARG CB   C N N 5   
ARG CG   C N N 6   
ARG CD   C N N 7   
ARG NE   N N N 8   
ARG CZ   C N N 9   
ARG NH1  N N N 10  
ARG NH2  N N N 11  
ARG OXT  O N N 12  
ARG H    H N N 13  
ARG H2   H N N 14  
ARG HA   H N N 15  
ARG HB2  H N N 16  
ARG HB3  H N N 17  
ARG HG2  H N N 18  
ARG HG3  H N N 19  
ARG HD2  H N N 20  
ARG HD3  H N N 21  
ARG HE   H N N 22  
ARG HH11 H N N 23  
ARG HH12 H N N 24  
ARG HH21 H N N 25  
ARG HH22 H N N 26  
ARG HXT  H N N 27  
ASP N    N N N 28  
ASP CA   C N S 29  
ASP C    C N N 30  
ASP O    O N N 31  
ASP CB   C N N 32  
ASP CG   C N N 33  
ASP OD1  O N N 34  
ASP OD2  O N N 35  
ASP OXT  O N N 36  
ASP H    H N N 37  
ASP H2   H N N 38  
ASP HA   H N N 39  
ASP HB2  H N N 40  
ASP HB3  H N N 41  
ASP HD2  H N N 42  
ASP HXT  H N N 43  
GLN N    N N N 44  
GLN CA   C N S 45  
GLN C    C N N 46  
GLN O    O N N 47  
GLN CB   C N N 48  
GLN CG   C N N 49  
GLN CD   C N N 50  
GLN OE1  O N N 51  
GLN NE2  N N N 52  
GLN OXT  O N N 53  
GLN H    H N N 54  
GLN H2   H N N 55  
GLN HA   H N N 56  
GLN HB2  H N N 57  
GLN HB3  H N N 58  
GLN HG2  H N N 59  
GLN HG3  H N N 60  
GLN HE21 H N N 61  
GLN HE22 H N N 62  
GLN HXT  H N N 63  
HOH O    O N N 64  
HOH H1   H N N 65  
HOH H2   H N N 66  
ILE N    N N N 67  
ILE CA   C N S 68  
ILE C    C N N 69  
ILE O    O N N 70  
ILE CB   C N S 71  
ILE CG1  C N N 72  
ILE CG2  C N N 73  
ILE CD1  C N N 74  
ILE OXT  O N N 75  
ILE H    H N N 76  
ILE H2   H N N 77  
ILE HA   H N N 78  
ILE HB   H N N 79  
ILE HG12 H N N 80  
ILE HG13 H N N 81  
ILE HG21 H N N 82  
ILE HG22 H N N 83  
ILE HG23 H N N 84  
ILE HD11 H N N 85  
ILE HD12 H N N 86  
ILE HD13 H N N 87  
ILE HXT  H N N 88  
LEU N    N N N 89  
LEU CA   C N S 90  
LEU C    C N N 91  
LEU O    O N N 92  
LEU CB   C N N 93  
LEU CG   C N N 94  
LEU CD1  C N N 95  
LEU CD2  C N N 96  
LEU OXT  O N N 97  
LEU H    H N N 98  
LEU H2   H N N 99  
LEU HA   H N N 100 
LEU HB2  H N N 101 
LEU HB3  H N N 102 
LEU HG   H N N 103 
LEU HD11 H N N 104 
LEU HD12 H N N 105 
LEU HD13 H N N 106 
LEU HD21 H N N 107 
LEU HD22 H N N 108 
LEU HD23 H N N 109 
LEU HXT  H N N 110 
LYS N    N N N 111 
LYS CA   C N S 112 
LYS C    C N N 113 
LYS O    O N N 114 
LYS CB   C N N 115 
LYS CG   C N N 116 
LYS CD   C N N 117 
LYS CE   C N N 118 
LYS NZ   N N N 119 
LYS OXT  O N N 120 
LYS H    H N N 121 
LYS H2   H N N 122 
LYS HA   H N N 123 
LYS HB2  H N N 124 
LYS HB3  H N N 125 
LYS HG2  H N N 126 
LYS HG3  H N N 127 
LYS HD2  H N N 128 
LYS HD3  H N N 129 
LYS HE2  H N N 130 
LYS HE3  H N N 131 
LYS HZ1  H N N 132 
LYS HZ2  H N N 133 
LYS HZ3  H N N 134 
LYS HXT  H N N 135 
PHE N    N N N 136 
PHE CA   C N S 137 
PHE C    C N N 138 
PHE O    O N N 139 
PHE CB   C N N 140 
PHE CG   C Y N 141 
PHE CD1  C Y N 142 
PHE CD2  C Y N 143 
PHE CE1  C Y N 144 
PHE CE2  C Y N 145 
PHE CZ   C Y N 146 
PHE OXT  O N N 147 
PHE H    H N N 148 
PHE H2   H N N 149 
PHE HA   H N N 150 
PHE HB2  H N N 151 
PHE HB3  H N N 152 
PHE HD1  H N N 153 
PHE HD2  H N N 154 
PHE HE1  H N N 155 
PHE HE2  H N N 156 
PHE HZ   H N N 157 
PHE HXT  H N N 158 
SER N    N N N 159 
SER CA   C N S 160 
SER C    C N N 161 
SER O    O N N 162 
SER CB   C N N 163 
SER OG   O N N 164 
SER OXT  O N N 165 
SER H    H N N 166 
SER H2   H N N 167 
SER HA   H N N 168 
SER HB2  H N N 169 
SER HB3  H N N 170 
SER HG   H N N 171 
SER HXT  H N N 172 
VAL N    N N N 173 
VAL CA   C N S 174 
VAL C    C N N 175 
VAL O    O N N 176 
VAL CB   C N N 177 
VAL CG1  C N N 178 
VAL CG2  C N N 179 
VAL OXT  O N N 180 
VAL H    H N N 181 
VAL H2   H N N 182 
VAL HA   H N N 183 
VAL HB   H N N 184 
VAL HG11 H N N 185 
VAL HG12 H N N 186 
VAL HG13 H N N 187 
VAL HG21 H N N 188 
VAL HG22 H N N 189 
VAL HG23 H N N 190 
VAL HXT  H N N 191 
# 
loop_
_chem_comp_bond.comp_id 
_chem_comp_bond.atom_id_1 
_chem_comp_bond.atom_id_2 
_chem_comp_bond.value_order 
_chem_comp_bond.pdbx_aromatic_flag 
_chem_comp_bond.pdbx_stereo_config 
_chem_comp_bond.pdbx_ordinal 
ARG N   CA   sing N N 1   
ARG N   H    sing N N 2   
ARG N   H2   sing N N 3   
ARG CA  C    sing N N 4   
ARG CA  CB   sing N N 5   
ARG CA  HA   sing N N 6   
ARG C   O    doub N N 7   
ARG C   OXT  sing N N 8   
ARG CB  CG   sing N N 9   
ARG CB  HB2  sing N N 10  
ARG CB  HB3  sing N N 11  
ARG CG  CD   sing N N 12  
ARG CG  HG2  sing N N 13  
ARG CG  HG3  sing N N 14  
ARG CD  NE   sing N N 15  
ARG CD  HD2  sing N N 16  
ARG CD  HD3  sing N N 17  
ARG NE  CZ   sing N N 18  
ARG NE  HE   sing N N 19  
ARG CZ  NH1  sing N N 20  
ARG CZ  NH2  doub N N 21  
ARG NH1 HH11 sing N N 22  
ARG NH1 HH12 sing N N 23  
ARG NH2 HH21 sing N N 24  
ARG NH2 HH22 sing N N 25  
ARG OXT HXT  sing N N 26  
ASP N   CA   sing N N 27  
ASP N   H    sing N N 28  
ASP N   H2   sing N N 29  
ASP CA  C    sing N N 30  
ASP CA  CB   sing N N 31  
ASP CA  HA   sing N N 32  
ASP C   O    doub N N 33  
ASP C   OXT  sing N N 34  
ASP CB  CG   sing N N 35  
ASP CB  HB2  sing N N 36  
ASP CB  HB3  sing N N 37  
ASP CG  OD1  doub N N 38  
ASP CG  OD2  sing N N 39  
ASP OD2 HD2  sing N N 40  
ASP OXT HXT  sing N N 41  
GLN N   CA   sing N N 42  
GLN N   H    sing N N 43  
GLN N   H2   sing N N 44  
GLN CA  C    sing N N 45  
GLN CA  CB   sing N N 46  
GLN CA  HA   sing N N 47  
GLN C   O    doub N N 48  
GLN C   OXT  sing N N 49  
GLN CB  CG   sing N N 50  
GLN CB  HB2  sing N N 51  
GLN CB  HB3  sing N N 52  
GLN CG  CD   sing N N 53  
GLN CG  HG2  sing N N 54  
GLN CG  HG3  sing N N 55  
GLN CD  OE1  doub N N 56  
GLN CD  NE2  sing N N 57  
GLN NE2 HE21 sing N N 58  
GLN NE2 HE22 sing N N 59  
GLN OXT HXT  sing N N 60  
HOH O   H1   sing N N 61  
HOH O   H2   sing N N 62  
ILE N   CA   sing N N 63  
ILE N   H    sing N N 64  
ILE N   H2   sing N N 65  
ILE CA  C    sing N N 66  
ILE CA  CB   sing N N 67  
ILE CA  HA   sing N N 68  
ILE C   O    doub N N 69  
ILE C   OXT  sing N N 70  
ILE CB  CG1  sing N N 71  
ILE CB  CG2  sing N N 72  
ILE CB  HB   sing N N 73  
ILE CG1 CD1  sing N N 74  
ILE CG1 HG12 sing N N 75  
ILE CG1 HG13 sing N N 76  
ILE CG2 HG21 sing N N 77  
ILE CG2 HG22 sing N N 78  
ILE CG2 HG23 sing N N 79  
ILE CD1 HD11 sing N N 80  
ILE CD1 HD12 sing N N 81  
ILE CD1 HD13 sing N N 82  
ILE OXT HXT  sing N N 83  
LEU N   CA   sing N N 84  
LEU N   H    sing N N 85  
LEU N   H2   sing N N 86  
LEU CA  C    sing N N 87  
LEU CA  CB   sing N N 88  
LEU CA  HA   sing N N 89  
LEU C   O    doub N N 90  
LEU C   OXT  sing N N 91  
LEU CB  CG   sing N N 92  
LEU CB  HB2  sing N N 93  
LEU CB  HB3  sing N N 94  
LEU CG  CD1  sing N N 95  
LEU CG  CD2  sing N N 96  
LEU CG  HG   sing N N 97  
LEU CD1 HD11 sing N N 98  
LEU CD1 HD12 sing N N 99  
LEU CD1 HD13 sing N N 100 
LEU CD2 HD21 sing N N 101 
LEU CD2 HD22 sing N N 102 
LEU CD2 HD23 sing N N 103 
LEU OXT HXT  sing N N 104 
LYS N   CA   sing N N 105 
LYS N   H    sing N N 106 
LYS N   H2   sing N N 107 
LYS CA  C    sing N N 108 
LYS CA  CB   sing N N 109 
LYS CA  HA   sing N N 110 
LYS C   O    doub N N 111 
LYS C   OXT  sing N N 112 
LYS CB  CG   sing N N 113 
LYS CB  HB2  sing N N 114 
LYS CB  HB3  sing N N 115 
LYS CG  CD   sing N N 116 
LYS CG  HG2  sing N N 117 
LYS CG  HG3  sing N N 118 
LYS CD  CE   sing N N 119 
LYS CD  HD2  sing N N 120 
LYS CD  HD3  sing N N 121 
LYS CE  NZ   sing N N 122 
LYS CE  HE2  sing N N 123 
LYS CE  HE3  sing N N 124 
LYS NZ  HZ1  sing N N 125 
LYS NZ  HZ2  sing N N 126 
LYS NZ  HZ3  sing N N 127 
LYS OXT HXT  sing N N 128 
PHE N   CA   sing N N 129 
PHE N   H    sing N N 130 
PHE N   H2   sing N N 131 
PHE CA  C    sing N N 132 
PHE CA  CB   sing N N 133 
PHE CA  HA   sing N N 134 
PHE C   O    doub N N 135 
PHE C   OXT  sing N N 136 
PHE CB  CG   sing N N 137 
PHE CB  HB2  sing N N 138 
PHE CB  HB3  sing N N 139 
PHE CG  CD1  doub Y N 140 
PHE CG  CD2  sing Y N 141 
PHE CD1 CE1  sing Y N 142 
PHE CD1 HD1  sing N N 143 
PHE CD2 CE2  doub Y N 144 
PHE CD2 HD2  sing N N 145 
PHE CE1 CZ   doub Y N 146 
PHE CE1 HE1  sing N N 147 
PHE CE2 CZ   sing Y N 148 
PHE CE2 HE2  sing N N 149 
PHE CZ  HZ   sing N N 150 
PHE OXT HXT  sing N N 151 
SER N   CA   sing N N 152 
SER N   H    sing N N 153 
SER N   H2   sing N N 154 
SER CA  C    sing N N 155 
SER CA  CB   sing N N 156 
SER CA  HA   sing N N 157 
SER C   O    doub N N 158 
SER C   OXT  sing N N 159 
SER CB  OG   sing N N 160 
SER CB  HB2  sing N N 161 
SER CB  HB3  sing N N 162 
SER OG  HG   sing N N 163 
SER OXT HXT  sing N N 164 
VAL N   CA   sing N N 165 
VAL N   H    sing N N 166 
VAL N   H2   sing N N 167 
VAL CA  C    sing N N 168 
VAL CA  CB   sing N N 169 
VAL CA  HA   sing N N 170 
VAL C   O    doub N N 171 
VAL C   OXT  sing N N 172 
VAL CB  CG1  sing N N 173 
VAL CB  CG2  sing N N 174 
VAL CB  HB   sing N N 175 
VAL CG1 HG11 sing N N 176 
VAL CG1 HG12 sing N N 177 
VAL CG1 HG13 sing N N 178 
VAL CG2 HG21 sing N N 179 
VAL CG2 HG22 sing N N 180 
VAL CG2 HG23 sing N N 181 
VAL OXT HXT  sing N N 182 
# 
_pdbx_initial_refinement_model.accession_code   ? 
_pdbx_initial_refinement_model.id               1 
_pdbx_initial_refinement_model.entity_id_list   ? 
_pdbx_initial_refinement_model.type             other 
_pdbx_initial_refinement_model.source_name      ? 
_pdbx_initial_refinement_model.details          'Poly Ala alpha-helix' 
# 
_atom_sites.entry_id                    6S6N 
_atom_sites.Cartn_transf_matrix[1][1]   ? 
_atom_sites.Cartn_transf_matrix[1][2]   ? 
_atom_sites.Cartn_transf_matrix[1][3]   ? 
_atom_sites.Cartn_transf_matrix[2][1]   ? 
_atom_sites.Cartn_transf_matrix[2][2]   ? 
_atom_sites.Cartn_transf_matrix[2][3]   ? 
_atom_sites.Cartn_transf_matrix[3][1]   ? 
_atom_sites.Cartn_transf_matrix[3][2]   ? 
_atom_sites.Cartn_transf_matrix[3][3]   ? 
_atom_sites.Cartn_transf_vector[1]      ? 
_atom_sites.Cartn_transf_vector[2]      ? 
_atom_sites.Cartn_transf_vector[3]      ? 
_atom_sites.fract_transf_matrix[1][1]   -0.02003381 
_atom_sites.fract_transf_matrix[1][2]   0.01929291 
_atom_sites.fract_transf_matrix[1][3]   0.00371614 
_atom_sites.fract_transf_matrix[2][1]   -0.00716466 
_atom_sites.fract_transf_matrix[2][2]   0.01703396 
_atom_sites.fract_transf_matrix[2][3]   -0.02111710 
_atom_sites.fract_transf_matrix[3][1]   -0.01205095 
_atom_sites.fract_transf_matrix[3][2]   -0.01151255 
_atom_sites.fract_transf_matrix[3][3]   -0.00519784 
_atom_sites.fract_transf_vector[1]      -0.379403 
_atom_sites.fract_transf_vector[2]      -0.396201 
_atom_sites.fract_transf_vector[3]      -0.093610 
_atom_sites.solution_primary            ? 
_atom_sites.solution_secondary          ? 
_atom_sites.solution_hydrogens          ? 
_atom_sites.special_details             ? 
# 
loop_
_atom_type.symbol 
C  
N  
NA 
O  
# 
loop_
_atom_site.group_PDB 
_atom_site.id 
_atom_site.type_symbol 
_atom_site.label_atom_id 
_atom_site.label_alt_id 
_atom_site.label_comp_id 
_atom_site.label_asym_id 
_atom_site.label_entity_id 
_atom_site.label_seq_id 
_atom_site.pdbx_PDB_ins_code 
_atom_site.Cartn_x 
_atom_site.Cartn_y 
_atom_site.Cartn_z 
_atom_site.occupancy 
_atom_site.B_iso_or_equiv 
_atom_site.pdbx_formal_charge 
_atom_site.auth_seq_id 
_atom_site.auth_comp_id 
_atom_site.auth_asym_id 
_atom_site.auth_atom_id 
_atom_site.pdbx_PDB_model_num 
ATOM   1   N N   . SER A 1 1  ? -2.575  6.152   -3.233  1.00 17.15  ? 1   SER A N   1 
ATOM   2   C CA  . SER A 1 1  ? -2.567  5.787   -4.688  1.00 14.29  ? 1   SER A CA  1 
ATOM   3   C C   . SER A 1 1  ? -3.272  4.450   -4.913  1.00 11.85  ? 1   SER A C   1 
ATOM   4   O O   . SER A 1 1  ? -2.793  3.413   -4.396  1.00 11.71  ? 1   SER A O   1 
ATOM   5   C CB  . SER A 1 1  ? -1.151  5.694   -5.187  1.00 15.18  ? 1   SER A CB  1 
ATOM   6   O OG  . SER A 1 1  ? -1.089  5.013   -6.437  1.00 14.17  ? 1   SER A OG  1 
ATOM   7   N N   . LYS A 1 2  ? -4.326  4.430   -5.719  1.00 12.49  ? 2   LYS A N   1 
ATOM   8   C CA  A LYS A 1 2  ? -5.002  3.164   -6.061  0.50 12.39  ? 2   LYS A CA  1 
ATOM   9   C CA  B LYS A 1 2  ? -5.003  3.164   -6.062  0.50 12.52  ? 2   LYS A CA  1 
ATOM   10  C C   . LYS A 1 2  ? -4.027  2.245   -6.797  1.00 10.32  ? 2   LYS A C   1 
ATOM   11  O O   . LYS A 1 2  ? -4.008  1.040   -6.540  1.00 10.97  ? 2   LYS A O   1 
ATOM   12  C CB  A LYS A 1 2  ? -6.231  3.437   -6.924  0.50 14.87  ? 2   LYS A CB  1 
ATOM   13  C CB  B LYS A 1 2  ? -6.219  3.417   -6.950  0.50 16.32  ? 2   LYS A CB  1 
ATOM   14  C CG  A LYS A 1 2  ? -7.361  4.167   -6.218  0.50 17.45  ? 2   LYS A CG  1 
ATOM   15  C CG  B LYS A 1 2  ? -6.861  2.156   -7.514  0.50 19.52  ? 2   LYS A CG  1 
ATOM   16  C CD  A LYS A 1 2  ? -8.576  4.374   -7.110  0.50 22.88  ? 2   LYS A CD  1 
ATOM   17  C CD  B LYS A 1 2  ? -8.145  1.765   -6.832  0.50 24.35  ? 2   LYS A CD  1 
ATOM   18  C CE  A LYS A 1 2  ? -9.717  5.075   -6.404  0.50 26.51  ? 2   LYS A CE  1 
ATOM   19  C CE  B LYS A 1 2  ? -8.523  0.328   -7.114  0.50 25.60  ? 2   LYS A CE  1 
ATOM   20  N NZ  A LYS A 1 2  ? -10.482 4.133   -5.555  0.50 28.52  ? 2   LYS A NZ  1 
ATOM   21  N NZ  B LYS A 1 2  ? -8.245  -0.022  -8.524  0.50 26.40  ? 2   LYS A NZ  1 
ATOM   22  N N   . ARG A 1 3  ? -3.252  2.794   -7.718  1.00 9.56   ? 3   ARG A N   1 
ATOM   23  C CA  . ARG A 1 3  ? -2.297  1.979   -8.470  1.00 9.03   ? 3   ARG A CA  1 
ATOM   24  C C   . ARG A 1 3  ? -1.347  1.276   -7.518  1.00 8.40   ? 3   ARG A C   1 
ATOM   25  O O   . ARG A 1 3  ? -1.064  0.083   -7.703  1.00 8.71   ? 3   ARG A O   1 
ATOM   26  C CB  . ARG A 1 3  ? -1.510  2.875   -9.425  1.00 9.50   ? 3   ARG A CB  1 
ATOM   27  C CG  . ARG A 1 3  ? -0.448  2.120   -10.209 1.00 8.64   ? 3   ARG A CG  1 
ATOM   28  C CD  . ARG A 1 3  ? 0.368   3.032   -11.090 1.00 8.95   ? 3   ARG A CD  1 
ATOM   29  N NE  . ARG A 1 3  ? 1.192   3.933   -10.310 1.00 9.28   ? 3   ARG A NE  1 
ATOM   30  C CZ  . ARG A 1 3  ? 2.410   3.683   -9.852  1.00 8.54   ? 3   ARG A CZ  1 
ATOM   31  N NH1 . ARG A 1 3  ? 3.009   2.530   -10.085 1.00 8.50   ? 3   ARG A NH1 1 
ATOM   32  N NH2 . ARG A 1 3  ? 3.051   4.627   -9.186  1.00 10.56  ? 3   ARG A NH2 1 
ATOM   33  N N   . ILE A 1 4  ? -0.807  2.002   -6.551  1.00 8.47   ? 4   ILE A N   1 
ATOM   34  C CA  . ILE A 1 4  ? 0.187   1.411   -5.631  1.00 8.82   ? 4   ILE A CA  1 
ATOM   35  C C   . ILE A 1 4  ? -0.464  0.306   -4.819  1.00 8.23   ? 4   ILE A C   1 
ATOM   36  O O   . ILE A 1 4  ? 0.144   -0.758  -4.633  1.00 9.03   ? 4   ILE A O   1 
ATOM   37  C CB  . ILE A 1 4  ? 0.843   2.500   -4.782  1.00 10.43  ? 4   ILE A CB  1 
ATOM   38  C CG1 . ILE A 1 4  ? 1.737   3.357   -5.680  1.00 12.31  ? 4   ILE A CG1 1 
ATOM   39  C CG2 . ILE A 1 4  ? 1.604   1.905   -3.617  1.00 10.13  ? 4   ILE A CG2 1 
ATOM   40  C CD1 . ILE A 1 4  ? 2.353   4.533   -4.985  1.00 14.19  ? 4   ILE A CD1 1 
ATOM   41  N N   . VAL A 1 5  ? -1.653  0.555   -4.311  1.00 8.56   ? 5   VAL A N   1 
ATOM   42  C CA  . VAL A 1 5  ? -2.353  -0.499  -3.561  1.00 8.60   ? 5   VAL A CA  1 
ATOM   43  C C   . VAL A 1 5  ? -2.540  -1.735  -4.429  1.00 8.26   ? 5   VAL A C   1 
ATOM   44  O O   . VAL A 1 5  ? -2.273  -2.855  -3.975  1.00 8.89   ? 5   VAL A O   1 
ATOM   45  C CB  . VAL A 1 5  ? -3.685  0.015   -3.015  1.00 9.58   ? 5   VAL A CB  1 
ATOM   46  C CG1 . VAL A 1 5  ? -4.456  -1.143  -2.388  1.00 12.09  ? 5   VAL A CG1 1 
ATOM   47  C CG2 . VAL A 1 5  ? -3.444  1.135   -2.008  1.00 11.12  ? 5   VAL A CG2 1 
ATOM   48  N N   . GLN A 1 6  ? -2.987  -1.546  -5.660  1.00 8.53   ? 6   GLN A N   1 
ATOM   49  C CA  . GLN A 1 6  ? -3.237  -2.696  -6.537  1.00 9.04   ? 6   GLN A CA  1 
ATOM   50  C C   . GLN A 1 6  ? -1.926  -3.409  -6.878  1.00 8.04   ? 6   GLN A C   1 
ATOM   51  O O   . GLN A 1 6  ? -1.924  -4.630  -7.023  1.00 8.87   ? 6   GLN A O   1 
ATOM   52  C CB  . GLN A 1 6  ? -3.941  -2.260  -7.814  1.00 11.46  ? 6   GLN A CB  1 
ATOM   53  C CG  . GLN A 1 6  ? -5.385  -1.848  -7.583  0.70 14.22  ? 6   GLN A CG  1 
ATOM   54  C CD  . GLN A 1 6  ? -6.159  -2.918  -6.843  0.70 18.05  ? 6   GLN A CD  1 
ATOM   55  O OE1 . GLN A 1 6  ? -6.246  -4.065  -7.277  0.70 21.23  ? 6   GLN A OE1 1 
ATOM   56  N NE2 . GLN A 1 6  ? -6.690  -2.573  -5.680  0.70 22.51  ? 6   GLN A NE2 1 
ATOM   57  N N   . ARG A 1 7  ? -0.832  -2.672  -7.015  1.00 8.05   ? 7   ARG A N   1 
ATOM   58  C CA  . ARG A 1 7  ? 0.483   -3.293  -7.261  1.00 7.75   ? 7   ARG A CA  1 
ATOM   59  C C   . ARG A 1 7  ? 0.830   -4.211  -6.106  1.00 7.76   ? 7   ARG A C   1 
ATOM   60  O O   . ARG A 1 7  ? 1.329   -5.328  -6.334  1.00 8.50   ? 7   ARG A O   1 
ATOM   61  C CB  . ARG A 1 7  ? 1.562   -2.220  -7.452  1.00 8.17   ? 7   ARG A CB  1 
ATOM   62  C CG  . ARG A 1 7  ? 1.555   -1.485  -8.791  1.00 8.77   ? 7   ARG A CG  1 
ATOM   63  C CD  . ARG A 1 7  ? 2.031   -2.330  -9.939  1.00 9.08   ? 7   ARG A CD  1 
ATOM   64  N NE  . ARG A 1 7  ? 3.413   -2.763  -9.713  1.00 9.61   ? 7   ARG A NE  1 
ATOM   65  C CZ  . ARG A 1 7  ? 4.515   -2.031  -9.949  1.00 9.06   ? 7   ARG A CZ  1 
ATOM   66  N NH1 . ARG A 1 7  ? 4.437   -0.809  -10.438 1.00 9.05   ? 7   ARG A NH1 1 
ATOM   67  N NH2 . ARG A 1 7  ? 5.684   -2.545  -9.651  1.00 11.14  ? 7   ARG A NH2 1 
ATOM   68  N N   . ILE A 1 8  ? 0.663   -3.756  -4.883  1.00 7.25   ? 8   ILE A N   1 
ATOM   69  C CA  . ILE A 1 8  ? 1.037   -4.589  -3.727  1.00 7.51   ? 8   ILE A CA  1 
ATOM   70  C C   . ILE A 1 8  ? 0.109   -5.781  -3.655  1.00 7.44   ? 8   ILE A C   1 
ATOM   71  O O   . ILE A 1 8  ? 0.579   -6.907  -3.455  1.00 7.77   ? 8   ILE A O   1 
ATOM   72  C CB  . ILE A 1 8  ? 1.001   -3.748  -2.457  1.00 8.15   ? 8   ILE A CB  1 
ATOM   73  C CG1 . ILE A 1 8  ? 2.069   -2.665  -2.517  1.00 9.66   ? 8   ILE A CG1 1 
ATOM   74  C CG2 . ILE A 1 8  ? 1.207   -4.653  -1.264  1.00 7.77   ? 8   ILE A CG2 1 
ATOM   75  C CD1 . ILE A 1 8  ? 1.985   -1.635  -1.468  1.00 11.59  ? 8   ILE A CD1 1 
ATOM   76  N N   . LYS A 1 9  ? -1.184  -5.567  -3.825  1.00 7.74   ? 9   LYS A N   1 
ATOM   77  C CA  . LYS A 1 9  ? -2.145  -6.669  -3.793  1.00 8.58   ? 9   LYS A CA  1 
ATOM   78  C C   . LYS A 1 9  ? -1.792  -7.722  -4.836  1.00 7.92   ? 9   LYS A C   1 
ATOM   79  O O   . LYS A 1 9  ? -1.799  -8.923  -4.551  1.00 8.47   ? 9   LYS A O   1 
ATOM   80  C CB  . LYS A 1 9  ? -3.526  -6.098  -3.990  1.00 9.18   ? 9   LYS A CB  1 
ATOM   81  C CG  . LYS A 1 9  ? -4.610  -7.114  -3.799  1.00 10.15  ? 9   LYS A CG  1 
ATOM   82  C CD  . LYS A 1 9  ? -5.951  -6.460  -3.790  1.00 12.48  ? 9   LYS A CD  1 
ATOM   83  C CE  . LYS A 1 9  ? -7.065  -7.438  -3.577  1.00 13.90  ? 9   LYS A CE  1 
ATOM   84  N NZ  . LYS A 1 9  ? -8.278  -6.700  -3.194  1.00 17.14  ? 9   LYS A NZ  1 
ATOM   85  N N   . ASP A 1 10 ? -1.484  -7.264  -6.043  1.00 8.27   ? 10  ASP A N   1 
ATOM   86  C CA  . ASP A 1 10 ? -1.159  -8.217  -7.109  1.00 8.21   ? 10  ASP A CA  1 
ATOM   87  C C   . ASP A 1 10 ? 0.148   -8.958  -6.804  1.00 8.19   ? 10  ASP A C   1 
ATOM   88  O O   . ASP A 1 10 ? 0.280   -10.124 -7.145  1.00 9.22   ? 10  ASP A O   1 
ATOM   89  C CB  . ASP A 1 10 ? -1.058  -7.488  -8.433  1.00 8.82   ? 10  ASP A CB  1 
ATOM   90  C CG  . ASP A 1 10 ? -0.841  -8.474  -9.560  1.00 10.18  ? 10  ASP A CG  1 
ATOM   91  O OD1 . ASP A 1 10 ? -1.762  -9.276  -9.826  1.00 12.41  ? 10  ASP A OD1 1 
ATOM   92  O OD2 . ASP A 1 10 ? 0.259   -8.465  -10.132 1.00 12.39  ? 10  ASP A OD2 1 
ATOM   93  N N   . PHE A 1 11 ? 1.120   -8.304  -6.207  1.00 7.72   ? 11  PHE A N   1 
ATOM   94  C CA  . PHE A 1 11 ? 2.384   -8.981  -5.903  1.00 7.60   ? 11  PHE A CA  1 
ATOM   95  C C   . PHE A 1 11 ? 2.130   -10.119 -4.903  1.00 7.20   ? 11  PHE A C   1 
ATOM   96  O O   . PHE A 1 11 ? 2.799   -11.140 -4.973  1.00 8.04   ? 11  PHE A O   1 
ATOM   97  C CB  . PHE A 1 11 ? 3.347   -7.960  -5.334  1.00 7.54   ? 11  PHE A CB  1 
ATOM   98  C CG  . PHE A 1 11 ? 4.734   -8.462  -5.104  1.00 7.54   ? 11  PHE A CG  1 
ATOM   99  C CD1 . PHE A 1 11 ? 5.465   -8.992  -6.140  1.00 8.12   ? 11  PHE A CD1 1 
ATOM   100 C CD2 . PHE A 1 11 ? 5.344   -8.347  -3.876  1.00 8.28   ? 11  PHE A CD2 1 
ATOM   101 C CE1 . PHE A 1 11 ? 6.759   -9.433  -5.947  1.00 9.54   ? 11  PHE A CE1 1 
ATOM   102 C CE2 . PHE A 1 11 ? 6.642   -8.769  -3.688  1.00 9.37   ? 11  PHE A CE2 1 
ATOM   103 C CZ  . PHE A 1 11 ? 7.344   -9.323  -4.718  1.00 9.10   ? 11  PHE A CZ  1 
ATOM   104 N N   . LEU A 1 12 ? 1.181   -9.941  -3.991  1.00 7.64   ? 12  LEU A N   1 
ATOM   105 C CA  . LEU A 1 12 ? 0.927   -10.919 -2.905  1.00 8.04   ? 12  LEU A CA  1 
ATOM   106 C C   . LEU A 1 12 ? -0.103  -11.976 -3.263  1.00 8.73   ? 12  LEU A C   1 
ATOM   107 O O   . LEU A 1 12 ? -0.221  -12.929 -2.506  1.00 10.42  ? 12  LEU A O   1 
ATOM   108 C CB  . LEU A 1 12 ? 0.475   -10.175 -1.665  1.00 7.98   ? 12  LEU A CB  1 
ATOM   109 C CG  . LEU A 1 12 ? 1.503   -9.211  -1.115  1.00 8.44   ? 12  LEU A CG  1 
ATOM   110 C CD1 . LEU A 1 12 ? 1.011   -8.630  0.195   1.00 9.59   ? 12  LEU A CD1 1 
ATOM   111 C CD2 . LEU A 1 12 ? 2.862   -9.871  -0.959  1.00 9.88   ? 12  LEU A CD2 1 
ATOM   112 N N   . ARG A 1 13 ? -0.794  -11.831 -4.393  1.00 9.38   ? 13  ARG A N   1 
ATOM   113 C CA  . ARG A 1 13 ? -1.887  -12.763 -4.699  1.00 10.71  ? 13  ARG A CA  1 
ATOM   114 C C   . ARG A 1 13 ? -1.358  -14.175 -4.926  1.00 13.08  ? 13  ARG A C   1 
ATOM   115 O O   . ARG A 1 13 ? -2.160  -15.075 -4.655  1.00 19.22  ? 13  ARG A O   1 
ATOM   116 C CB  . ARG A 1 13 ? -2.701  -12.277 -5.884  1.00 12.06  ? 13  ARG A CB  1 
ATOM   117 C CG  . ARG A 1 13 ? -2.030  -12.466 -7.217  1.00 13.96  ? 13  ARG A CG  1 
ATOM   118 C CD  . ARG A 1 13 ? -3.014  -12.157 -8.296  1.00 15.27  ? 13  ARG A CD  1 
ATOM   119 N NE  . ARG A 1 13 ? -2.255  -12.065 -9.503  1.00 14.97  ? 13  ARG A NE  1 
ATOM   120 C CZ  . ARG A 1 13 ? -1.881  -13.053 -10.262 1.00 14.92  ? 13  ARG A CZ  1 
ATOM   121 N NH1 . ARG A 1 13 ? -1.203  -12.787 -11.367 1.00 20.87  ? 13  ARG A NH1 1 
ATOM   122 N NH2 . ARG A 1 13 ? -2.238  -14.292 -9.989  1.00 16.30  ? 13  ARG A NH2 1 
ATOM   123 O OXT . ARG A 1 13 ? -0.214  -14.413 -5.344  1.00 12.40  ? 13  ARG A OXT 1 
ATOM   124 N N   . SER B 1 1  ? -5.451  4.344   -2.426  1.00 15.49  ? 1   SER B N   1 
ATOM   125 C CA  . SER B 1 1  ? -5.732  5.022   -1.135  1.00 12.75  ? 1   SER B CA  1 
ATOM   126 C C   . SER B 1 1  ? -4.452  5.526   -0.453  1.00 10.90  ? 1   SER B C   1 
ATOM   127 O O   . SER B 1 1  ? -3.586  4.688   -0.117  1.00 10.43  ? 1   SER B O   1 
ATOM   128 C CB  . SER B 1 1  ? -6.443  4.030   -0.245  1.00 13.82  ? 1   SER B CB  1 
ATOM   129 O OG  . SER B 1 1  ? -6.439  4.490   1.089   1.00 11.15  ? 1   SER B OG  1 
ATOM   130 N N   . LYS B 1 2  ? -4.318  6.830   -0.224  1.00 11.52  ? 2   LYS B N   1 
ATOM   131 C CA  . LYS B 1 2  ? -3.138  7.349   0.501   1.00 11.99  ? 2   LYS B CA  1 
ATOM   132 C C   . LYS B 1 2  ? -3.090  6.761   1.907   1.00 10.07  ? 2   LYS B C   1 
ATOM   133 O O   . LYS B 1 2  ? -2.000  6.443   2.411   1.00 10.28  ? 2   LYS B O   1 
ATOM   134 C CB  . LYS B 1 2  ? -3.140  8.872   0.534   1.00 16.39  ? 2   LYS B CB  1 
ATOM   135 C CG  . LYS B 1 2  ? -2.916  9.535   -0.811  1.00 23.26  ? 2   LYS B CG  1 
ATOM   136 C CD  . LYS B 1 2  ? -2.807  11.035  -0.673  1.00 28.67  ? 2   LYS B CD  1 
ATOM   137 C CE  . LYS B 1 2  ? -2.625  11.745  -2.004  1.00 35.59  ? 2   LYS B CE  1 
ATOM   138 N NZ  . LYS B 1 2  ? -2.246  13.169  -1.817  1.00 43.53  ? 2   LYS B NZ  1 
ATOM   139 N N   . ARG B 1 3  ? -4.245  6.652   2.545   1.00 9.27   ? 3   ARG B N   1 
ATOM   140 C CA  . ARG B 1 3  ? -4.308  6.102   3.906   1.00 8.84   ? 3   ARG B CA  1 
ATOM   141 C C   . ARG B 1 3  ? -3.710  4.710   3.931   1.00 7.53   ? 3   ARG B C   1 
ATOM   142 O O   . ARG B 1 3  ? -2.920  4.381   4.826   1.00 8.49   ? 3   ARG B O   1 
ATOM   143 C CB  . ARG B 1 3  ? -5.764  6.059   4.344   1.00 9.61   ? 3   ARG B CB  1 
ATOM   144 C CG  . ARG B 1 3  ? -5.967  5.415   5.702   1.00 9.67   ? 3   ARG B CG  1 
ATOM   145 C CD  . ARG B 1 3  ? -7.426  5.331   6.078   1.00 10.21  ? 3   ARG B CD  1 
ATOM   146 N NE  . ARG B 1 3  ? -8.156  4.413   5.225   1.00 10.55  ? 3   ARG B NE  1 
ATOM   147 C CZ  . ARG B 1 3  ? -8.329  3.110   5.466   1.00 10.03  ? 3   ARG B CZ  1 
ATOM   148 N NH1 . ARG B 1 3  ? -7.791  2.529   6.526   1.00 9.86   ? 3   ARG B NH1 1 
ATOM   149 N NH2 . ARG B 1 3  ? -9.033  2.380   4.619   1.00 11.65  ? 3   ARG B NH2 1 
ATOM   150 N N   . ILE B 1 4  ? -4.125  3.874   3.009   1.00 7.66   ? 4   ILE B N   1 
ATOM   151 C CA  . ILE B 1 4  ? -3.664  2.478   2.990   1.00 7.86   ? 4   ILE B CA  1 
ATOM   152 C C   . ILE B 1 4  ? -2.166  2.429   2.713   1.00 7.44   ? 4   ILE B C   1 
ATOM   153 O O   . ILE B 1 4  ? -1.447  1.689   3.390   1.00 8.21   ? 4   ILE B O   1 
ATOM   154 C CB  . ILE B 1 4  ? -4.484  1.673   1.980   1.00 9.07   ? 4   ILE B CB  1 
ATOM   155 C CG1 . ILE B 1 4  ? -5.904  1.481   2.497   1.00 9.97   ? 4   ILE B CG1 1 
ATOM   156 C CG2 . ILE B 1 4  ? -3.803  0.353   1.664   1.00 9.36   ? 4   ILE B CG2 1 
ATOM   157 C CD1 . ILE B 1 4  ? -6.833  0.823   1.516   1.00 12.18  ? 4   ILE B CD1 1 
ATOM   158 N N   . VAL B 1 5  ? -1.707  3.188   1.737   1.00 8.01   ? 5   VAL B N   1 
ATOM   159 C CA  . VAL B 1 5  ? -0.265  3.150   1.447   1.00 8.57   ? 5   VAL B CA  1 
ATOM   160 C C   . VAL B 1 5  ? 0.533   3.575   2.671   1.00 7.93   ? 5   VAL B C   1 
ATOM   161 O O   . VAL B 1 5  ? 1.542   2.952   2.999   1.00 8.50   ? 5   VAL B O   1 
ATOM   162 C CB  . VAL B 1 5  ? 0.030   4.028   0.235   1.00 10.00  ? 5   VAL B CB  1 
ATOM   163 C CG1 . VAL B 1 5  ? 1.515   4.159   0.011   1.00 12.46  ? 5   VAL B CG1 1 
ATOM   164 C CG2 . VAL B 1 5  ? -0.610  3.464   -1.004  1.00 10.85  ? 5   VAL B CG2 1 
ATOM   165 N N   . GLN B 1 6  ? 0.120   4.660   3.301   1.00 7.69   ? 6   GLN B N   1 
ATOM   166 C CA  A GLN B 1 6  ? 0.890   5.177   4.455   0.50 8.51   ? 6   GLN B CA  1 
ATOM   167 C CA  B GLN B 1 6  ? 0.890   5.174   4.453   0.50 8.00   ? 6   GLN B CA  1 
ATOM   168 C C   . GLN B 1 6  ? 0.865   4.158   5.601   1.00 7.59   ? 6   GLN B C   1 
ATOM   169 O O   . GLN B 1 6  ? 1.867   4.030   6.317   1.00 8.40   ? 6   GLN B O   1 
ATOM   170 C CB  A GLN B 1 6  ? 0.361   6.534   4.890   0.50 9.29   ? 6   GLN B CB  1 
ATOM   171 C CB  B GLN B 1 6  ? 0.338   6.526   4.867   0.50 8.45   ? 6   GLN B CB  1 
ATOM   172 C CG  A GLN B 1 6  ? 1.161   7.157   6.024   0.50 10.77  ? 6   GLN B CG  1 
ATOM   173 C CG  B GLN B 1 6  ? 1.200   7.254   5.884   0.50 9.27   ? 6   GLN B CG  1 
ATOM   174 C CD  A GLN B 1 6  ? 2.593   7.419   5.620   0.50 11.67  ? 6   GLN B CD  1 
ATOM   175 C CD  B GLN B 1 6  ? 0.917   6.887   7.320   0.50 8.62   ? 6   GLN B CD  1 
ATOM   176 O OE1 A GLN B 1 6  ? 2.896   7.736   4.471   0.50 14.15  ? 6   GLN B OE1 1 
ATOM   177 O OE1 B GLN B 1 6  ? -0.112  6.295   7.665   0.50 9.47   ? 6   GLN B OE1 1 
ATOM   178 N NE2 A GLN B 1 6  ? 3.502   7.241   6.566   0.50 11.31  ? 6   GLN B NE2 1 
ATOM   179 N NE2 B GLN B 1 6  ? 1.877   7.221   8.174   0.50 10.03  ? 6   GLN B NE2 1 
ATOM   180 N N   . ARG B 1 7  ? -0.240  3.470   5.782   1.00 7.62   ? 7   ARG B N   1 
ATOM   181 C CA  . ARG B 1 7  ? -0.298  2.448   6.849   1.00 8.03   ? 7   ARG B CA  1 
ATOM   182 C C   . ARG B 1 7  ? 0.693   1.337   6.587   1.00 6.92   ? 7   ARG B C   1 
ATOM   183 O O   . ARG B 1 7  ? 1.351   0.885   7.521   1.00 7.97   ? 7   ARG B O   1 
ATOM   184 C CB  . ARG B 1 7  ? -1.682  1.851   6.911   1.00 9.99   ? 7   ARG B CB  1 
ATOM   185 C CG  . ARG B 1 7  ? -2.572  2.738   7.742   1.00 15.35  ? 7   ARG B CG  1 
ATOM   186 C CD  . ARG B 1 7  ? -3.887  2.141   8.047   1.00 17.44  ? 7   ARG B CD  1 
ATOM   187 N NE  . ARG B 1 7  ? -3.804  0.871   8.698   1.00 15.36  ? 7   ARG B NE  1 
ATOM   188 C CZ  . ARG B 1 7  ? -4.875  0.236   9.170   1.00 14.94  ? 7   ARG B CZ  1 
ATOM   189 N NH1 . ARG B 1 7  ? -6.051  0.801   9.098   1.00 13.67  ? 7   ARG B NH1 1 
ATOM   190 N NH2 . ARG B 1 7  ? -4.797  -0.961  9.700   1.00 14.28  ? 7   ARG B NH2 1 
ATOM   191 N N   . ILE B 1 8  ? 0.791   0.893   5.348   1.00 6.78   ? 8   ILE B N   1 
ATOM   192 C CA  . ILE B 1 8  ? 1.748   -0.176  5.033   1.00 6.87   ? 8   ILE B CA  1 
ATOM   193 C C   . ILE B 1 8  ? 3.157   0.340   5.255   1.00 6.91   ? 8   ILE B C   1 
ATOM   194 O O   . ILE B 1 8  ? 3.989   -0.334  5.847   1.00 7.14   ? 8   ILE B O   1 
ATOM   195 C CB  . ILE B 1 8  ? 1.523   -0.714  3.631   1.00 7.44   ? 8   ILE B CB  1 
ATOM   196 C CG1 . ILE B 1 8  ? 0.138   -1.353  3.528   1.00 8.46   ? 8   ILE B CG1 1 
ATOM   197 C CG2 . ILE B 1 8  ? 2.612   -1.720  3.279   1.00 7.81   ? 8   ILE B CG2 1 
ATOM   198 C CD1 . ILE B 1 8  ? -0.285  -1.682  2.118   1.00 9.44   ? 8   ILE B CD1 1 
ATOM   199 N N   . LYS B 1 9  ? 3.427   1.534   4.751   1.00 6.99   ? 9   LYS B N   1 
ATOM   200 C CA  . LYS B 1 9  ? 4.765   2.108   4.913   1.00 7.32   ? 9   LYS B CA  1 
ATOM   201 C C   . LYS B 1 9  ? 5.125   2.214   6.393   1.00 6.99   ? 9   LYS B C   1 
ATOM   202 O O   . LYS B 1 9  ? 6.244   1.861   6.787   1.00 7.99   ? 9   LYS B O   1 
ATOM   203 C CB  . LYS B 1 9  ? 4.811   3.456   4.243   1.00 8.64   ? 9   LYS B CB  1 
ATOM   204 C CG  . LYS B 1 9  ? 6.186   4.030   4.126   0.80 9.36   ? 9   LYS B CG  1 
ATOM   205 C CD  . LYS B 1 9  ? 6.230   5.239   3.196   0.80 11.33  ? 9   LYS B CD  1 
ATOM   206 C CE  . LYS B 1 9  ? 7.600   5.852   3.103   0.80 14.31  ? 9   LYS B CE  1 
ATOM   207 N NZ  . LYS B 1 9  ? 7.626   6.774   1.947   0.80 17.08  ? 9   LYS B NZ  1 
ATOM   208 N N   . ASP B 1 10 ? 4.207   2.681   7.197   1.00 7.07   ? 10  ASP B N   1 
ATOM   209 C CA  A ASP B 1 10 ? 4.484   2.828   8.644   0.50 7.47   ? 10  ASP B CA  1 
ATOM   210 C CA  B ASP B 1 10 ? 4.460   2.840   8.644   0.50 7.94   ? 10  ASP B CA  1 
ATOM   211 C C   . ASP B 1 10 ? 4.650   1.470   9.303   1.00 7.30   ? 10  ASP B C   1 
ATOM   212 O O   . ASP B 1 10 ? 5.446   1.347   10.226  1.00 8.44   ? 10  ASP B O   1 
ATOM   213 C CB  A ASP B 1 10 ? 3.388   3.607   9.346   0.50 8.16   ? 10  ASP B CB  1 
ATOM   214 C CB  B ASP B 1 10 ? 3.325   3.640   9.266   0.50 9.36   ? 10  ASP B CB  1 
ATOM   215 C CG  A ASP B 1 10 ? 3.586   5.083   9.142   0.50 9.42   ? 10  ASP B CG  1 
ATOM   216 C CG  B ASP B 1 10 ? 3.666   4.058   10.673  0.50 11.11  ? 10  ASP B CG  1 
ATOM   217 O OD1 A ASP B 1 10 ? 4.753   5.502   9.079   0.50 12.57  ? 10  ASP B OD1 1 
ATOM   218 O OD1 B ASP B 1 10 ? 4.704   4.739   10.838  0.50 12.95  ? 10  ASP B OD1 1 
ATOM   219 O OD2 A ASP B 1 10 ? 2.563   5.795   9.071   0.50 10.01  ? 10  ASP B OD2 1 
ATOM   220 O OD2 B ASP B 1 10 ? 2.943   3.628   11.588  0.50 15.44  ? 10  ASP B OD2 1 
ATOM   221 N N   . PHE B 1 11 ? 3.910   0.483   8.875   1.00 6.99   ? 11  PHE B N   1 
ATOM   222 C CA  . PHE B 1 11 ? 4.060   -0.865  9.469   1.00 6.85   ? 11  PHE B CA  1 
ATOM   223 C C   . PHE B 1 11 ? 5.463   -1.402  9.202   1.00 6.80   ? 11  PHE B C   1 
ATOM   224 O O   . PHE B 1 11 ? 6.046   -2.032  10.074  1.00 7.46   ? 11  PHE B O   1 
ATOM   225 C CB  . PHE B 1 11 ? 2.964   -1.760  8.906   1.00 7.42   ? 11  PHE B CB  1 
ATOM   226 C CG  . PHE B 1 11 ? 2.908   -3.135  9.512   1.00 7.31   ? 11  PHE B CG  1 
ATOM   227 C CD1 . PHE B 1 11 ? 2.795   -3.287  10.879  1.00 8.10   ? 11  PHE B CD1 1 
ATOM   228 C CD2 . PHE B 1 11 ? 2.921   -4.279  8.729   1.00 8.36   ? 11  PHE B CD2 1 
ATOM   229 C CE1 . PHE B 1 11 ? 2.717   -4.549  11.446  1.00 9.18   ? 11  PHE B CE1 1 
ATOM   230 C CE2 . PHE B 1 11 ? 2.797   -5.530  9.301   1.00 9.28   ? 11  PHE B CE2 1 
ATOM   231 C CZ  . PHE B 1 11 ? 2.711   -5.660  10.649  1.00 9.74   ? 11  PHE B CZ  1 
ATOM   232 N N   . LEU B 1 12 ? 6.000   -1.121  8.016   1.00 6.71   ? 12  LEU B N   1 
ATOM   233 C CA  . LEU B 1 12 ? 7.274   -1.722  7.607   1.00 7.10   ? 12  LEU B CA  1 
ATOM   234 C C   . LEU B 1 12 ? 8.478   -0.881  7.971   1.00 7.29   ? 12  LEU B C   1 
ATOM   235 O O   . LEU B 1 12 ? 9.594   -1.386  7.834   1.00 8.47   ? 12  LEU B O   1 
ATOM   236 C CB  . LEU B 1 12 ? 7.253   -1.935  6.104   1.00 7.30   ? 12  LEU B CB  1 
ATOM   237 C CG  . LEU B 1 12 ? 6.172   -2.882  5.602   1.00 7.23   ? 12  LEU B CG  1 
ATOM   238 C CD1 . LEU B 1 12 ? 6.316   -3.119  4.131   1.00 8.63   ? 12  LEU B CD1 1 
ATOM   239 C CD2 . LEU B 1 12 ? 6.175   -4.172  6.382   1.00 7.66   ? 12  LEU B CD2 1 
ATOM   240 N N   . ARG B 1 13 ? 8.291   0.343   8.432   1.00 7.72   ? 13  ARG B N   1 
ATOM   241 C CA  . ARG B 1 13 ? 9.467   1.208   8.632   1.00 8.73   ? 13  ARG B CA  1 
ATOM   242 C C   . ARG B 1 13 ? 10.351  0.725   9.790   1.00 9.74   ? 13  ARG B C   1 
ATOM   243 O O   . ARG B 1 13 ? 9.933   0.010   10.705  1.00 9.44   ? 13  ARG B O   1 
ATOM   244 C CB  . ARG B 1 13 ? 9.022   2.643   8.863   1.00 9.24   ? 13  ARG B CB  1 
ATOM   245 C CG  . ARG B 1 13 ? 8.393   2.915   10.208  1.00 9.75   ? 13  ARG B CG  1 
ATOM   246 C CD  . ARG B 1 13 ? 8.110   4.381   10.403  1.00 10.98  ? 13  ARG B CD  1 
ATOM   247 N NE  . ARG B 1 13 ? 7.466   4.619   11.670  1.00 12.43  ? 13  ARG B NE  1 
ATOM   248 C CZ  . ARG B 1 13 ? 8.077   4.673   12.854  1.00 11.37  ? 13  ARG B CZ  1 
ATOM   249 N NH1 . ARG B 1 13 ? 9.391   4.563   12.963  1.00 11.84  ? 13  ARG B NH1 1 
ATOM   250 N NH2 . ARG B 1 13 ? 7.377   4.930   13.938  1.00 14.03  ? 13  ARG B NH2 1 
ATOM   251 O OXT . ARG B 1 13 ? 11.520  1.164   9.741   1.00 16.12  ? 13  ARG B OXT 1 
HETATM 252 O O   . HOH C 2 .  ? 0.389   -10.845 -11.926 0.50 83.00  ? 101 HOH A O   1 
HETATM 253 O O   . HOH C 2 .  ? -4.362  -5.845  -7.613  1.00 24.84  ? 102 HOH A O   1 
HETATM 254 O O   . HOH C 2 .  ? -4.679  -14.662 -3.746  1.00 17.08  ? 103 HOH A O   1 
HETATM 255 O O   . HOH C 2 .  ? 3.183   -5.386  -8.374  1.00 12.17  ? 104 HOH A O   1 
HETATM 256 O O   . HOH C 2 .  ? 1.134   -5.910  -10.690 1.00 23.48  ? 105 HOH A O   1 
HETATM 257 O O   . HOH C 2 .  ? -4.512  -9.031  -9.666  1.00 26.94  ? 106 HOH A O   1 
HETATM 258 O O   . HOH C 2 .  ? -6.396  0.159   -5.235  1.00 24.42  ? 107 HOH A O   1 
HETATM 259 O O   . HOH C 2 .  ? 5.274   -12.123 -4.134  1.00 10.42  ? 108 HOH A O   1 
HETATM 260 O O   . HOH C 2 .  ? 1.960   7.153   -9.685  1.00 35.26  ? 109 HOH A O   1 
HETATM 261 O O   . HOH C 2 .  ? -5.351  6.940   -6.427  1.00 24.91  ? 110 HOH A O   1 
HETATM 262 O O   . HOH C 2 .  ? -3.227  -10.288 -2.551  1.00 10.79  ? 111 HOH A O   1 
HETATM 263 O O   . HOH C 2 .  ? 2.773   -9.448  -9.277  1.00 18.02  ? 112 HOH A O   1 
HETATM 264 O O   . HOH C 2 .  ? -8.753  -4.077  -4.429  1.00 31.92  ? 113 HOH A O   1 
HETATM 265 O O   . HOH C 2 .  ? 1.117   6.454   -7.570  1.00 27.56  ? 114 HOH A O   1 
HETATM 266 O O   . HOH C 2 .  ? 1.082   -13.882 -0.099  1.00 37.37  ? 115 HOH A O   1 
HETATM 267 O O   . HOH C 2 .  ? -0.547  6.254   -10.323 1.00 37.02  ? 116 HOH A O   1 
HETATM 268 O O   . HOH C 2 .  ? -3.517  -15.638 -7.760  1.00 18.01  ? 117 HOH A O   1 
HETATM 269 O O   . HOH C 2 .  ? -3.738  5.477   -8.857  1.00 27.62  ? 118 HOH A O   1 
HETATM 270 O O   . HOH C 2 .  ? -1.834  -1.468  -10.228 1.00 20.00  ? 119 HOH A O   1 
HETATM 271 O O   . HOH C 2 .  ? -5.514  7.260   -3.755  1.00 29.51  ? 120 HOH A O   1 
HETATM 272 O O   . HOH C 2 .  ? 0.205   7.087   -1.900  1.00 29.75  ? 121 HOH A O   1 
HETATM 273 O O   . HOH C 2 .  ? -12.179 1.164   -5.698  1.00 39.81  ? 122 HOH A O   1 
HETATM 274 O O   . HOH C 2 .  ? 4.737   -5.185  -5.121  0.50 10.88  ? 123 HOH A O   1 
HETATM 275 O O   . HOH C 2 .  ? -4.638  -8.835  -7.177  1.00 44.20  ? 124 HOH A O   1 
HETATM 276 O O   . HOH C 2 .  ? -1.215  -4.372  -10.705 1.00 28.96  ? 125 HOH A O   1 
HETATM 277 O O   . HOH C 2 .  ? 6.689   -4.969  -6.934  0.50 53.01  ? 126 HOH A O   1 
HETATM 278 O O   . HOH C 2 .  ? -6.300  -15.291 -5.918  1.00 31.79  ? 127 HOH A O   1 
HETATM 279 O O   . HOH C 2 .  ? 4.039   -10.009 -11.614 1.00 25.00  ? 128 HOH A O   1 
HETATM 280 O O   . HOH C 2 .  ? -5.228  -11.877 -3.651  1.00 16.14  ? 129 HOH A O   1 
HETATM 281 O O   . HOH C 2 .  ? 4.580   -7.457  -9.083  1.00 31.69  ? 130 HOH A O   1 
HETATM 282 O O   . HOH C 2 .  ? -6.142  -10.842 -5.980  1.00 43.05  ? 131 HOH A O   1 
HETATM 283 O O   . HOH C 2 .  ? 7.437   -13.090 -5.702  1.00 10.38  ? 132 HOH A O   1 
HETATM 284 O O   . HOH D 2 .  ? 13.150  1.366   11.543  1.00 32.39  ? 101 HOH B O   1 
HETATM 285 O O   . HOH D 2 .  ? -2.468  6.058   7.019   1.00 16.26  ? 102 HOH B O   1 
HETATM 286 O O   . HOH D 2 .  ? 5.248   7.865   10.087  0.50 14.02  ? 103 HOH B O   1 
HETATM 287 O O   . HOH D 2 .  ? -8.262  6.379   1.061   1.00 35.60  ? 104 HOH B O   1 
HETATM 288 O O   . HOH D 2 .  ? 2.748   6.698   2.026   1.00 23.20  ? 105 HOH B O   1 
HETATM 289 O O   . HOH D 2 .  ? 12.513  2.593   7.646   1.00 18.02  ? 106 HOH B O   1 
HETATM 290 O O   . HOH D 2 .  ? 6.564   5.663   7.008   1.00 31.05  ? 107 HOH B O   1 
HETATM 291 O O   . HOH D 2 .  ? 0.668   0.858   10.251  1.00 20.82  ? 108 HOH B O   1 
HETATM 292 O O   . HOH D 2 .  ? -6.382  8.473   -1.212  1.00 30.42  ? 109 HOH B O   1 
HETATM 293 O O   . HOH D 2 .  ? 8.617   1.580   5.283   1.00 10.80  ? 110 HOH B O   1 
HETATM 294 O O   . HOH D 2 .  ? 11.566  3.928   11.213  1.00 18.86  ? 111 HOH B O   1 
HETATM 295 O O   . HOH D 2 .  ? 0.309   7.607   1.162   1.00 21.08  ? 112 HOH B O   1 
HETATM 296 O O   . HOH D 2 .  ? -9.240  6.264   3.276   1.00 32.52  ? 113 HOH B O   1 
HETATM 297 O O   . HOH D 2 .  ? -9.076  3.590   1.930   1.00 34.18  ? 114 HOH B O   1 
HETATM 298 O O   . HOH D 2 .  ? -6.636  8.087   1.686   1.00 19.85  ? 115 HOH B O   1 
HETATM 299 O O   . HOH D 2 .  ? 3.084   0.892   12.610  1.00 23.77  ? 116 HOH B O   1 
HETATM 300 O O   . HOH D 2 .  ? 6.223   8.057   5.767   1.00 25.77  ? 117 HOH B O   1 
HETATM 301 O O   . HOH D 2 .  ? 8.983   9.402   0.924   1.00 41.67  ? 118 HOH B O   1 
HETATM 302 O O   . HOH D 2 .  ? -7.062  1.646   -3.032  1.00 21.83  ? 119 HOH B O   1 
HETATM 303 O O   . HOH D 2 .  ? 9.849   8.526   3.665   0.50 43.42  ? 120 HOH B O   1 
HETATM 304 O O   . HOH D 2 .  ? 5.626   7.696   12.734  1.00 16.84  ? 121 HOH B O   1 
HETATM 305 O O   . HOH D 2 .  ? -1.376  -3.076  8.744   0.50 149.39 ? 122 HOH B O   1 
HETATM 306 O O   . HOH D 2 .  ? 10.495  3.512   6.013   1.00 15.65  ? 123 HOH B O   1 
HETATM 307 O O   . HOH D 2 .  ? -1.441  -3.762  6.376   0.50 12.10  ? 124 HOH B O   1 
# 
loop_
_atom_site_anisotrop.id 
_atom_site_anisotrop.type_symbol 
_atom_site_anisotrop.pdbx_label_atom_id 
_atom_site_anisotrop.pdbx_label_alt_id 
_atom_site_anisotrop.pdbx_label_comp_id 
_atom_site_anisotrop.pdbx_label_asym_id 
_atom_site_anisotrop.pdbx_label_seq_id 
_atom_site_anisotrop.pdbx_PDB_ins_code 
_atom_site_anisotrop.U[1][1] 
_atom_site_anisotrop.U[2][2] 
_atom_site_anisotrop.U[3][3] 
_atom_site_anisotrop.U[1][2] 
_atom_site_anisotrop.U[1][3] 
_atom_site_anisotrop.U[2][3] 
_atom_site_anisotrop.pdbx_auth_seq_id 
_atom_site_anisotrop.pdbx_auth_comp_id 
_atom_site_anisotrop.pdbx_auth_asym_id 
_atom_site_anisotrop.pdbx_auth_atom_id 
1   N N   . SER A 1  ? 0.2124 0.2099 0.2291 0.0237  0.0406  0.0143  1   SER A N   
2   C CA  . SER A 1  ? 0.1979 0.1345 0.2103 0.0628  0.0620  0.0505  1   SER A CA  
3   C C   . SER A 1  ? 0.1486 0.1554 0.1461 0.0653  0.0551  0.0452  1   SER A C   
4   O O   . SER A 1  ? 0.1545 0.1568 0.1337 0.0678  0.0265  0.0360  1   SER A O   
5   C CB  . SER A 1  ? 0.1844 0.1639 0.2285 0.0332  0.0429  0.0174  1   SER A CB  
6   O OG  . SER A 1  ? 0.1804 0.1622 0.1955 0.0576  0.0511  0.0305  1   SER A OG  
7   N N   . LYS A 2  ? 0.1485 0.1687 0.1574 0.0849  0.0459  0.0647  2   LYS A N   
8   C CA  A LYS A 2  ? 0.1307 0.1846 0.1554 0.0745  0.0498  0.0515  2   LYS A CA  
9   C CA  B LYS A 2  ? 0.1254 0.1854 0.1648 0.0791  0.0436  0.0510  2   LYS A CA  
10  C C   . LYS A 2  ? 0.1097 0.1543 0.1277 0.0575  0.0274  0.0516  2   LYS A C   
11  O O   . LYS A 2  ? 0.1161 0.1509 0.1497 0.0417  0.0268  0.0634  2   LYS A O   
12  C CB  A LYS A 2  ? 0.1231 0.2236 0.2183 0.0732  0.0262  0.0477  2   LYS A CB  
13  C CB  B LYS A 2  ? 0.1108 0.2511 0.2581 0.0971  0.0154  0.0441  2   LYS A CB  
14  C CG  A LYS A 2  ? 0.1641 0.2259 0.2728 0.0906  0.0447  0.0242  2   LYS A CG  
15  C CG  B LYS A 2  ? 0.1337 0.2803 0.3275 0.1040  -0.0387 0.0206  2   LYS A CG  
16  C CD  A LYS A 2  ? 0.2394 0.2989 0.3308 0.0836  -0.0259 0.0257  2   LYS A CD  
17  C CD  B LYS A 2  ? 0.2320 0.3306 0.3624 0.0687  0.0306  0.0172  2   LYS A CD  
18  C CE  A LYS A 2  ? 0.3058 0.3499 0.3515 0.1037  0.0150  0.0133  2   LYS A CE  
19  C CE  B LYS A 2  ? 0.2691 0.3038 0.3995 0.1110  0.0229  0.0028  2   LYS A CE  
20  N NZ  A LYS A 2  ? 0.3622 0.3986 0.3228 0.0867  -0.0140 0.0462  2   LYS A NZ  
21  N NZ  B LYS A 2  ? 0.2682 0.3083 0.4265 0.0861  0.0777  -0.0086 2   LYS A NZ  
22  N N   . ARG A 3  ? 0.1146 0.1250 0.1234 0.0489  0.0195  0.0545  3   ARG A N   
23  C CA  . ARG A 3  ? 0.1125 0.1194 0.1109 0.0393  0.0165  0.0417  3   ARG A CA  
24  C C   . ARG A 3  ? 0.0998 0.1091 0.1101 0.0277  0.0208  0.0466  3   ARG A C   
25  O O   . ARG A 3  ? 0.1073 0.1180 0.1054 0.0318  0.0130  0.0397  3   ARG A O   
26  C CB  . ARG A 3  ? 0.1153 0.1398 0.1056 0.0281  0.0109  0.0423  3   ARG A CB  
27  C CG  . ARG A 3  ? 0.1164 0.1136 0.0981 0.0153  0.0091  0.0257  3   ARG A CG  
28  C CD  . ARG A 3  ? 0.1139 0.1374 0.0888 0.0121  0.0007  0.0344  3   ARG A CD  
29  N NE  . ARG A 3  ? 0.1170 0.1112 0.1245 0.0263  -0.0039 0.0204  3   ARG A NE  
30  C CZ  . ARG A 3  ? 0.1140 0.1067 0.1036 0.0147  0.0037  0.0330  3   ARG A CZ  
31  N NH1 . ARG A 3  ? 0.1088 0.1062 0.1079 0.0153  0.0014  0.0221  3   ARG A NH1 
32  N NH2 . ARG A 3  ? 0.1217 0.1164 0.1629 0.0221  -0.0098 0.0036  3   ARG A NH2 
33  N N   . ILE A 4  ? 0.1024 0.1121 0.1070 0.0425  0.0209  0.0347  4   ILE A N   
34  C CA  . ILE A 4  ? 0.1010 0.1249 0.1089 0.0488  0.0178  0.0361  4   ILE A CA  
35  C C   . ILE A 4  ? 0.1061 0.1201 0.0863 0.0441  0.0110  0.0293  4   ILE A C   
36  O O   . ILE A 4  ? 0.1274 0.1209 0.0946 0.0492  0.0094  0.0301  4   ILE A O   
37  C CB  . ILE A 4  ? 0.1069 0.1557 0.1334 0.0450  0.0045  0.0150  4   ILE A CB  
38  C CG1 . ILE A 4  ? 0.1286 0.1621 0.1768 0.0187  -0.0087 0.0351  4   ILE A CG1 
39  C CG2 . ILE A 4  ? 0.1132 0.1726 0.0992 0.0326  0.0050  0.0006  4   ILE A CG2 
40  C CD1 . ILE A 4  ? 0.1582 0.1580 0.2227 0.0163  0.0147  0.0038  4   ILE A CD1 
41  N N   . VAL A 5  ? 0.1080 0.1162 0.1008 0.0424  0.0191  0.0259  5   VAL A N   
42  C CA  . VAL A 5  ? 0.1315 0.1139 0.0812 0.0483  0.0204  0.0307  5   VAL A CA  
43  C C   . VAL A 5  ? 0.1069 0.1083 0.0985 0.0338  0.0309  0.0362  5   VAL A C   
44  O O   . VAL A 5  ? 0.1275 0.1121 0.0979 0.0460  0.0348  0.0344  5   VAL A O   
45  C CB  . VAL A 5  ? 0.1400 0.1209 0.1027 0.0500  0.0344  0.0297  5   VAL A CB  
46  C CG1 . VAL A 5  ? 0.1725 0.1364 0.1501 0.0504  0.0707  0.0397  5   VAL A CG1 
47  C CG2 . VAL A 5  ? 0.1681 0.1590 0.0955 0.0534  0.0248  0.0192  5   VAL A CG2 
48  N N   . GLN A 6  ? 0.1079 0.1206 0.0956 0.0404  0.0270  0.0368  6   GLN A N   
49  C CA  . GLN A 6  ? 0.1073 0.1294 0.1068 0.0367  0.0175  0.0245  6   GLN A CA  
50  C C   . GLN A 6  ? 0.1068 0.1233 0.0752 0.0374  0.0045  0.0221  6   GLN A C   
51  O O   . GLN A 6  ? 0.1224 0.1225 0.0920 0.0242  0.0071  0.0222  6   GLN A O   
52  C CB  . GLN A 6  ? 0.1387 0.1667 0.1298 0.0517  -0.0124 0.0130  6   GLN A CB  
53  C CG  . GLN A 6  ? 0.1381 0.1896 0.2123 0.0595  -0.0343 0.0073  6   GLN A CG  
54  C CD  . GLN A 6  ? 0.1628 0.2369 0.2860 0.0006  0.0078  -0.0154 6   GLN A CD  
55  O OE1 . GLN A 6  ? 0.1837 0.2370 0.3856 0.0115  0.0024  -0.0372 6   GLN A OE1 
56  N NE2 . GLN A 6  ? 0.2271 0.2655 0.3625 -0.0296 0.0949  -0.0476 6   GLN A NE2 
57  N N   . ARG A 7  ? 0.1116 0.1073 0.0866 0.0432  0.0170  0.0193  7   ARG A N   
58  C CA  . ARG A 7  ? 0.1144 0.1114 0.0687 0.0445  0.0207  0.0121  7   ARG A CA  
59  C C   . ARG A 7  ? 0.0983 0.1197 0.0766 0.0441  0.0279  0.0190  7   ARG A C   
60  O O   . ARG A 7  ? 0.1256 0.1243 0.0729 0.0564  0.0308  0.0234  7   ARG A O   
61  C CB  . ARG A 7  ? 0.1090 0.1204 0.0807 0.0379  0.0198  0.0133  7   ARG A CB  
62  C CG  . ARG A 7  ? 0.1185 0.1191 0.0955 0.0260  0.0235  0.0226  7   ARG A CG  
63  C CD  . ARG A 7  ? 0.1369 0.1168 0.0911 0.0162  0.0197  0.0217  7   ARG A CD  
64  N NE  . ARG A 7  ? 0.1309 0.1283 0.1057 0.0219  0.0384  0.0166  7   ARG A NE  
65  C CZ  . ARG A 7  ? 0.1288 0.1398 0.0756 0.0200  0.0161  0.0087  7   ARG A CZ  
66  N NH1 . ARG A 7  ? 0.1154 0.1342 0.0939 -0.0020 0.0280  0.0115  7   ARG A NH1 
67  N NH2 . ARG A 7  ? 0.1182 0.1773 0.1277 0.0279  0.0365  0.0345  7   ARG A NH2 
68  N N   . ILE A 8  ? 0.0961 0.1066 0.0728 0.0390  0.0198  0.0206  8   ILE A N   
69  C CA  . ILE A 8  ? 0.0982 0.1117 0.0754 0.0444  0.0163  0.0251  8   ILE A CA  
70  C C   . ILE A 8  ? 0.1078 0.1051 0.0698 0.0437  0.0130  0.0173  8   ILE A C   
71  O O   . ILE A 8  ? 0.1112 0.1066 0.0770 0.0463  0.0216  0.0176  8   ILE A O   
72  C CB  . ILE A 8  ? 0.1110 0.1239 0.0744 0.0442  0.0063  0.0209  8   ILE A CB  
73  C CG1 . ILE A 8  ? 0.1552 0.1365 0.0753 0.0197  -0.0072 0.0323  8   ILE A CG1 
74  C CG2 . ILE A 8  ? 0.1036 0.1242 0.0674 0.0387  0.0003  0.0142  8   ILE A CG2 
75  C CD1 . ILE A 8  ? 0.1911 0.1356 0.1133 0.0245  -0.0153 0.0213  8   ILE A CD1 
76  N N   . LYS A 9  ? 0.1053 0.1106 0.0782 0.0492  0.0213  0.0140  9   LYS A N   
77  C CA  . LYS A 9  ? 0.1032 0.1278 0.0950 0.0413  0.0376  0.0208  9   LYS A CA  
78  C C   . LYS A 9  ? 0.0910 0.1115 0.0984 0.0236  0.0258  0.0236  9   LYS A C   
79  O O   . LYS A 9  ? 0.0988 0.1100 0.1131 0.0331  0.0361  0.0260  9   LYS A O   
80  C CB  . LYS A 9  ? 0.1038 0.1375 0.1075 0.0446  0.0300  0.0237  9   LYS A CB  
81  C CG  . LYS A 9  ? 0.1258 0.1476 0.1121 0.0286  0.0188  0.0094  9   LYS A CG  
82  C CD  . LYS A 9  ? 0.1286 0.1866 0.1587 0.0345  0.0249  0.0316  9   LYS A CD  
83  C CE  . LYS A 9  ? 0.1320 0.2484 0.1476 0.0130  0.0229  0.0232  9   LYS A CE  
84  N NZ  . LYS A 9  ? 0.1603 0.3192 0.1716 0.0398  0.0358  -0.0172 9   LYS A NZ  
85  N N   . ASP A 10 ? 0.1073 0.1146 0.0922 0.0382  0.0251  0.0167  10  ASP A N   
86  C CA  . ASP A 10 ? 0.1095 0.1137 0.0885 0.0218  0.0080  0.0136  10  ASP A CA  
87  C C   . ASP A 10 ? 0.1199 0.1071 0.0839 0.0277  0.0110  0.0129  10  ASP A C   
88  O O   . ASP A 10 ? 0.1177 0.1121 0.1205 0.0225  0.0080  0.0019  10  ASP A O   
89  C CB  . ASP A 10 ? 0.1091 0.1371 0.0887 0.0296  0.0052  0.0178  10  ASP A CB  
90  C CG  . ASP A 10 ? 0.1494 0.1364 0.1008 0.0232  -0.0004 0.0147  10  ASP A CG  
91  O OD1 . ASP A 10 ? 0.1756 0.1570 0.1387 0.0056  -0.0069 -0.0123 10  ASP A OD1 
92  O OD2 . ASP A 10 ? 0.1860 0.1667 0.1178 -0.0047 0.0356  -0.0141 10  ASP A OD2 
93  N N   . PHE A 11 ? 0.1042 0.1051 0.0839 0.0398  0.0096  0.0075  11  PHE A N   
94  C CA  . PHE A 11 ? 0.0998 0.1047 0.0842 0.0370  0.0114  0.0046  11  PHE A CA  
95  C C   . PHE A 11 ? 0.1027 0.0970 0.0739 0.0386  0.0147  -0.0059 11  PHE A C   
96  O O   . PHE A 11 ? 0.1084 0.0960 0.1009 0.0409  0.0182  0.0049  11  PHE A O   
97  C CB  . PHE A 11 ? 0.1011 0.1041 0.0809 0.0303  0.0093  0.0089  11  PHE A CB  
98  C CG  . PHE A 11 ? 0.0931 0.1009 0.0924 0.0228  0.0220  0.0110  11  PHE A CG  
99  C CD1 . PHE A 11 ? 0.0962 0.1206 0.0916 0.0199  0.0180  -0.0023 11  PHE A CD1 
100 C CD2 . PHE A 11 ? 0.1147 0.1119 0.0879 0.0329  0.0205  0.0138  11  PHE A CD2 
101 C CE1 . PHE A 11 ? 0.0995 0.1198 0.1429 0.0277  0.0251  -0.0088 11  PHE A CE1 
102 C CE2 . PHE A 11 ? 0.1113 0.1309 0.1136 0.0254  0.0087  0.0315  11  PHE A CE2 
103 C CZ  . PHE A 11 ? 0.0858 0.1084 0.1511 0.0258  0.0150  0.0220  11  PHE A CZ  
104 N N   . LEU A 12 ? 0.1115 0.1084 0.0703 0.0460  0.0182  0.0049  12  LEU A N   
105 C CA  . LEU A 12 ? 0.1225 0.1077 0.0749 0.0520  0.0164  0.0079  12  LEU A CA  
106 C C   . LEU A 12 ? 0.1461 0.1016 0.0840 0.0439  0.0352  -0.0049 12  LEU A C   
107 O O   . LEU A 12 ? 0.1746 0.1173 0.1038 0.0383  0.0230  0.0102  12  LEU A O   
108 C CB  . LEU A 12 ? 0.1377 0.0982 0.0673 0.0403  0.0199  0.0120  12  LEU A CB  
109 C CG  . LEU A 12 ? 0.1287 0.1169 0.0751 0.0412  0.0128  0.0069  12  LEU A CG  
110 C CD1 . LEU A 12 ? 0.1527 0.1350 0.0764 0.0258  0.0166  -0.0010 12  LEU A CD1 
111 C CD2 . LEU A 12 ? 0.1430 0.1285 0.1037 0.0395  -0.0012 0.0025  12  LEU A CD2 
112 N N   . ARG A 13 ? 0.1305 0.1235 0.1024 0.0318  0.0254  0.0097  13  ARG A N   
113 C CA  . ARG A 13 ? 0.1382 0.1295 0.1392 0.0279  0.0140  -0.0057 13  ARG A CA  
114 C C   . ARG A 13 ? 0.1410 0.1359 0.2198 0.0307  -0.0043 -0.0156 13  ARG A C   
115 O O   . ARG A 13 ? 0.1804 0.1389 0.4105 0.0282  0.0567  0.0052  13  ARG A O   
116 C CB  . ARG A 13 ? 0.1573 0.1407 0.1601 0.0443  -0.0097 -0.0070 13  ARG A CB  
117 C CG  . ARG A 13 ? 0.1811 0.1932 0.1560 0.0419  -0.0137 0.0138  13  ARG A CG  
118 C CD  . ARG A 13 ? 0.2376 0.1727 0.1698 0.0240  -0.0581 -0.0022 13  ARG A CD  
119 N NE  . ARG A 13 ? 0.2359 0.1640 0.1686 -0.0202 -0.0600 0.0033  13  ARG A NE  
120 C CZ  . ARG A 13 ? 0.1983 0.1995 0.1689 -0.0162 -0.0447 -0.0142 13  ARG A CZ  
121 N NH1 . ARG A 13 ? 0.2831 0.3230 0.1865 -0.0301 -0.0141 0.0163  13  ARG A NH1 
122 N NH2 . ARG A 13 ? 0.2487 0.1710 0.1995 0.0103  -0.0574 -0.0305 13  ARG A NH2 
123 O OXT . ARG A 13 ? 0.1475 0.1453 0.1781 0.0439  -0.0093 -0.0338 13  ARG A OXT 
124 N N   . SER B 1  ? 0.1753 0.2256 0.1875 0.0058  0.0175  0.0173  1   SER B N   
125 C CA  . SER B 1  ? 0.1572 0.2088 0.1184 0.0414  -0.0024 0.0601  1   SER B CA  
126 C C   . SER B 1  ? 0.1573 0.1393 0.1173 0.0523  0.0167  0.0511  1   SER B C   
127 O O   . SER B 1  ? 0.1377 0.1336 0.1250 0.0456  0.0164  0.0371  1   SER B O   
128 C CB  . SER B 1  ? 0.1723 0.2108 0.1417 0.0156  0.0028  0.0424  1   SER B CB  
129 O OG  . SER B 1  ? 0.1365 0.1484 0.1387 0.0273  0.0055  0.0354  1   SER B OG  
130 N N   . LYS B 2  ? 0.1601 0.1323 0.1451 0.0511  0.0269  0.0602  2   LYS B N   
131 C CA  . LYS B 2  ? 0.1605 0.1187 0.1763 0.0350  0.0393  0.0548  2   LYS B CA  
132 C C   . LYS B 2  ? 0.1208 0.1061 0.1557 0.0247  0.0285  0.0291  2   LYS B C   
133 O O   . LYS B 2  ? 0.1207 0.1189 0.1510 0.0312  0.0222  0.0198  2   LYS B O   
134 C CB  . LYS B 2  ? 0.2567 0.1213 0.2445 0.0435  0.0513  0.0590  2   LYS B CB  
135 C CG  . LYS B 2  ? 0.4155 0.1912 0.2771 0.0638  0.0627  0.1090  2   LYS B CG  
136 C CD  . LYS B 2  ? 0.5259 0.2033 0.3600 0.0141  0.0913  0.0786  2   LYS B CD  
137 C CE  . LYS B 2  ? 0.6630 0.2713 0.4178 0.0348  0.0716  0.1513  2   LYS B CE  
138 N NZ  . LYS B 2  ? 0.7181 0.3187 0.6170 -0.0031 0.0389  0.1009  2   LYS B NZ  
139 N N   . ARG B 3  ? 0.1074 0.0988 0.1459 0.0459  0.0199  0.0292  3   ARG B N   
140 C CA  . ARG B 3  ? 0.1178 0.0891 0.1287 0.0390  0.0235  0.0111  3   ARG B CA  
141 C C   . ARG B 3  ? 0.0982 0.0909 0.0968 0.0324  0.0185  0.0115  3   ARG B C   
142 O O   . ARG B 3  ? 0.1185 0.0941 0.1099 0.0358  0.0039  0.0022  3   ARG B O   
143 C CB  . ARG B 3  ? 0.1242 0.0991 0.1417 0.0374  0.0346  -0.0012 3   ARG B CB  
144 C CG  . ARG B 3  ? 0.1255 0.1174 0.1243 0.0362  0.0284  -0.0128 3   ARG B CG  
145 C CD  . ARG B 3  ? 0.1283 0.1302 0.1292 0.0341  0.0231  -0.0016 3   ARG B CD  
146 N NE  . ARG B 3  ? 0.1338 0.1295 0.1373 0.0109  0.0064  0.0266  3   ARG B NE  
147 C CZ  . ARG B 3  ? 0.1229 0.1214 0.1367 0.0244  0.0258  0.0079  3   ARG B CZ  
148 N NH1 . ARG B 3  ? 0.1248 0.1168 0.1328 0.0180  0.0226  0.0040  3   ARG B NH1 
149 N NH2 . ARG B 3  ? 0.1454 0.1266 0.1707 0.0232  -0.0162 0.0205  3   ARG B NH2 
150 N N   . ILE B 4  ? 0.1094 0.0879 0.0938 0.0340  0.0051  0.0151  4   ILE B N   
151 C CA  . ILE B 4  ? 0.1161 0.0867 0.0956 0.0375  0.0019  0.0107  4   ILE B CA  
152 C C   . ILE B 4  ? 0.1195 0.0806 0.0825 0.0385  0.0056  0.0081  4   ILE B C   
153 O O   . ILE B 4  ? 0.1183 0.0992 0.0941 0.0490  0.0112  0.0141  4   ILE B O   
154 C CB  . ILE B 4  ? 0.1302 0.1042 0.1101 0.0180  -0.0032 0.0138  4   ILE B CB  
155 C CG1 . ILE B 4  ? 0.1243 0.1197 0.1345 0.0196  -0.0021 0.0156  4   ILE B CG1 
156 C CG2 . ILE B 4  ? 0.1632 0.0969 0.0952 0.0176  0.0056  0.0164  4   ILE B CG2 
157 C CD1 . ILE B 4  ? 0.1524 0.1623 0.1478 -0.0153 -0.0107 0.0212  4   ILE B CD1 
158 N N   . VAL B 5  ? 0.1134 0.0969 0.0939 0.0437  0.0069  0.0159  5   VAL B N   
159 C CA  . VAL B 5  ? 0.1166 0.1191 0.0899 0.0493  0.0064  0.0124  5   VAL B CA  
160 C C   . VAL B 5  ? 0.1130 0.1070 0.0812 0.0428  0.0150  0.0136  5   VAL B C   
161 O O   . VAL B 5  ? 0.1138 0.1231 0.0860 0.0492  0.0191  0.0207  5   VAL B O   
162 C CB  . VAL B 5  ? 0.1304 0.1710 0.0785 0.0590  0.0238  0.0143  5   VAL B CB  
163 C CG1 . VAL B 5  ? 0.1323 0.2413 0.0995 0.0583  0.0267  0.0315  5   VAL B CG1 
164 C CG2 . VAL B 5  ? 0.1449 0.1792 0.0879 0.0668  0.0130  0.0069  5   VAL B CG2 
165 N N   . GLN B 6  ? 0.1029 0.1089 0.0804 0.0401  0.0131  0.0107  6   GLN B N   
166 C CA  A GLN B 6  ? 0.1076 0.1236 0.0922 0.0216  0.0057  0.0123  6   GLN B CA  
167 C CA  B GLN B 6  ? 0.1018 0.1095 0.0925 0.0305  0.0087  0.0070  6   GLN B CA  
168 C C   . GLN B 6  ? 0.1032 0.1062 0.0789 0.0440  0.0120  -0.0036 6   GLN B C   
169 O O   . GLN B 6  ? 0.1109 0.1214 0.0865 0.0400  0.0031  0.0054  6   GLN B O   
170 C CB  A GLN B 6  ? 0.1333 0.1196 0.1000 0.0212  0.0048  0.0147  6   GLN B CB  
171 C CB  B GLN B 6  ? 0.1213 0.1051 0.0946 0.0320  0.0083  0.0112  6   GLN B CB  
172 C CG  A GLN B 6  ? 0.1549 0.1390 0.1151 0.0154  -0.0017 0.0026  6   GLN B CG  
173 C CG  B GLN B 6  ? 0.1373 0.1071 0.1078 0.0371  0.0035  -0.0010 6   GLN B CG  
174 C CD  A GLN B 6  ? 0.1731 0.1694 0.1009 -0.0131 0.0146  0.0102  6   GLN B CD  
175 C CD  B GLN B 6  ? 0.1198 0.1004 0.1073 0.0223  0.0114  -0.0057 6   GLN B CD  
176 O OE1 A GLN B 6  ? 0.2220 0.2133 0.1020 -0.0219 0.0216  0.0153  6   GLN B OE1 
177 O OE1 B GLN B 6  ? 0.1371 0.1234 0.0991 0.0072  0.0111  -0.0129 6   GLN B OE1 
178 N NE2 A GLN B 6  ? 0.1647 0.1425 0.1225 -0.0064 0.0091  0.0027  6   GLN B NE2 
179 N NE2 B GLN B 6  ? 0.1374 0.1255 0.1180 0.0209  0.0020  -0.0218 6   GLN B NE2 
180 N N   . ARG B 7  ? 0.0988 0.1090 0.0818 0.0456  0.0114  0.0059  7   ARG B N   
181 C CA  . ARG B 7  ? 0.1123 0.1270 0.0657 0.0465  0.0248  0.0026  7   ARG B CA  
182 C C   . ARG B 7  ? 0.0932 0.1010 0.0687 0.0280  0.0220  0.0143  7   ARG B C   
183 O O   . ARG B 7  ? 0.1116 0.1191 0.0720 0.0371  0.0159  0.0169  7   ARG B O   
184 C CB  . ARG B 7  ? 0.1139 0.1514 0.1144 0.0437  0.0299  0.0381  7   ARG B CB  
185 C CG  . ARG B 7  ? 0.1871 0.1930 0.2029 0.0649  0.0615  0.0034  7   ARG B CG  
186 C CD  . ARG B 7  ? 0.1971 0.1760 0.2894 0.0665  0.0483  0.0321  7   ARG B CD  
187 N NE  . ARG B 7  ? 0.1645 0.1811 0.2378 0.0462  0.0273  0.0318  7   ARG B NE  
188 C CZ  . ARG B 7  ? 0.1735 0.2457 0.1483 -0.0027 0.0309  -0.0434 7   ARG B CZ  
189 N NH1 . ARG B 7  ? 0.1643 0.2211 0.1337 -0.0178 0.0754  -0.0316 7   ARG B NH1 
190 N NH2 . ARG B 7  ? 0.1452 0.2570 0.1403 0.0099  0.0285  -0.0393 7   ARG B NH2 
191 N N   . ILE B 8  ? 0.0950 0.0952 0.0672 0.0278  0.0151  0.0170  8   ILE B N   
192 C CA  . ILE B 8  ? 0.1028 0.0861 0.0719 0.0324  0.0132  0.0205  8   ILE B CA  
193 C C   . ILE B 8  ? 0.1065 0.0894 0.0666 0.0291  0.0099  0.0182  8   ILE B C   
194 O O   . ILE B 8  ? 0.1004 0.0935 0.0771 0.0303  0.0107  0.0163  8   ILE B O   
195 C CB  . ILE B 8  ? 0.1126 0.0912 0.0789 0.0285  0.0099  0.0119  8   ILE B CB  
196 C CG1 . ILE B 8  ? 0.1212 0.0951 0.1048 0.0264  0.0009  0.0050  8   ILE B CG1 
197 C CG2 . ILE B 8  ? 0.1198 0.0960 0.0808 0.0308  0.0230  0.0118  8   ILE B CG2 
198 C CD1 . ILE B 8  ? 0.1322 0.1121 0.1144 0.0397  -0.0106 0.0042  8   ILE B CD1 
199 N N   . LYS B 9  ? 0.1002 0.0899 0.0752 0.0258  0.0130  0.0158  9   LYS B N   
200 C CA  . LYS B 9  ? 0.0939 0.0995 0.0848 0.0262  0.0148  0.0233  9   LYS B CA  
201 C C   . LYS B 9  ? 0.0956 0.0893 0.0806 0.0213  0.0186  0.0255  9   LYS B C   
202 O O   . LYS B 9  ? 0.0946 0.1124 0.0964 0.0227  0.0161  0.0317  9   LYS B O   
203 C CB  . LYS B 9  ? 0.1168 0.1092 0.1022 0.0253  0.0222  0.0370  9   LYS B CB  
204 C CG  . LYS B 9  ? 0.1153 0.1179 0.1221 0.0184  0.0238  0.0242  9   LYS B CG  
205 C CD  . LYS B 9  ? 0.1548 0.1098 0.1657 0.0169  0.0208  0.0302  9   LYS B CD  
206 C CE  . LYS B 9  ? 0.2059 0.1529 0.1846 -0.0442 0.0813  0.0130  9   LYS B CE  
207 N NZ  . LYS B 9  ? 0.2726 0.1707 0.2056 -0.0201 0.1141  0.0195  9   LYS B NZ  
208 N N   . ASP B 10 ? 0.0943 0.0916 0.0824 0.0248  0.0104  0.0149  10  ASP B N   
209 C CA  A ASP B 10 ? 0.0981 0.0985 0.0871 0.0193  0.0034  0.0106  10  ASP B CA  
210 C CA  B ASP B 10 ? 0.1119 0.1096 0.0801 0.0330  0.0129  0.0174  10  ASP B CA  
211 C C   . ASP B 10 ? 0.0980 0.0992 0.0800 0.0237  0.0103  0.0073  10  ASP B C   
212 O O   . ASP B 10 ? 0.1217 0.1124 0.0862 0.0212  -0.0028 0.0092  10  ASP B O   
213 C CB  A ASP B 10 ? 0.1268 0.0880 0.0951 0.0198  0.0123  -0.0005 10  ASP B CB  
214 C CB  B ASP B 10 ? 0.1680 0.1115 0.0759 0.0527  0.0323  0.0123  10  ASP B CB  
215 C CG  A ASP B 10 ? 0.1181 0.0895 0.1504 0.0218  0.0085  0.0082  10  ASP B CG  
216 C CG  B ASP B 10 ? 0.1959 0.1493 0.0769 0.0742  0.0277  0.0123  10  ASP B CG  
217 O OD1 A ASP B 10 ? 0.1442 0.0983 0.2350 -0.0119 0.0253  -0.0009 10  ASP B OD1 
218 O OD1 B ASP B 10 ? 0.2468 0.1419 0.1030 0.0818  -0.0444 -0.0210 10  ASP B OD1 
219 O OD2 A ASP B 10 ? 0.1293 0.1068 0.1440 0.0373  0.0076  -0.0050 10  ASP B OD2 
220 O OD2 B ASP B 10 ? 0.2683 0.2263 0.0920 0.1209  0.0752  0.0536  10  ASP B OD2 
221 N N   . PHE B 11 ? 0.0903 0.0998 0.0753 0.0215  0.0034  0.0184  11  PHE B N   
222 C CA  . PHE B 11 ? 0.1010 0.0993 0.0597 0.0248  0.0026  0.0209  11  PHE B CA  
223 C C   . PHE B 11 ? 0.1012 0.0930 0.0639 0.0206  0.0067  0.0141  11  PHE B C   
224 O O   . PHE B 11 ? 0.1052 0.1092 0.0690 0.0218  0.0049  0.0234  11  PHE B O   
225 C CB  . PHE B 11 ? 0.1058 0.1038 0.0720 0.0207  0.0064  0.0229  11  PHE B CB  
226 C CG  . PHE B 11 ? 0.0880 0.1037 0.0862 0.0223  0.0219  0.0258  11  PHE B CG  
227 C CD1 . PHE B 11 ? 0.1039 0.1163 0.0875 0.0194  0.0204  0.0276  11  PHE B CD1 
228 C CD2 . PHE B 11 ? 0.1178 0.1234 0.0763 0.0229  0.0257  0.0179  11  PHE B CD2 
229 C CE1 . PHE B 11 ? 0.1141 0.1302 0.1043 0.0133  0.0184  0.0442  11  PHE B CE1 
230 C CE2 . PHE B 11 ? 0.1103 0.1152 0.1271 0.0218  0.0310  0.0169  11  PHE B CE2 
231 C CZ  . PHE B 11 ? 0.1217 0.1201 0.1281 0.0231  0.0263  0.0480  11  PHE B CZ  
232 N N   . LEU B 12 ? 0.0983 0.0959 0.0606 0.0264  0.0071  0.0157  12  LEU B N   
233 C CA  . LEU B 12 ? 0.1037 0.0950 0.0707 0.0279  0.0137  0.0064  12  LEU B CA  
234 C C   . LEU B 12 ? 0.1049 0.1051 0.0669 0.0194  0.0089  0.0104  12  LEU B C   
235 O O   . LEU B 12 ? 0.1020 0.1368 0.0830 0.0286  0.0100  0.0058  12  LEU B O   
236 C CB  . LEU B 12 ? 0.1088 0.1001 0.0682 0.0189  0.0121  0.0113  12  LEU B CB  
237 C CG  . LEU B 12 ? 0.0946 0.0982 0.0818 0.0281  0.0164  0.0046  12  LEU B CG  
238 C CD1 . LEU B 12 ? 0.1254 0.1171 0.0851 0.0205  0.0103  -0.0101 12  LEU B CD1 
239 C CD2 . LEU B 12 ? 0.1073 0.0957 0.0879 0.0313  0.0131  0.0024  12  LEU B CD2 
240 N N   . ARG B 13 ? 0.1103 0.1068 0.0761 0.0157  0.0100  0.0107  13  ARG B N   
241 C CA  . ARG B 13 ? 0.1265 0.1232 0.0820 -0.0018 0.0012  0.0123  13  ARG B CA  
242 C C   . ARG B 13 ? 0.1261 0.1383 0.1055 0.0072  -0.0041 0.0252  13  ARG B C   
243 O O   . ARG B 13 ? 0.1424 0.1378 0.0782 0.0156  0.0018  0.0123  13  ARG B O   
244 C CB  . ARG B 13 ? 0.1303 0.1273 0.0932 0.0067  -0.0036 0.0032  13  ARG B CB  
245 C CG  . ARG B 13 ? 0.1395 0.1276 0.1031 -0.0014 0.0069  0.0156  13  ARG B CG  
246 C CD  . ARG B 13 ? 0.1600 0.1350 0.1223 0.0201  0.0047  0.0103  13  ARG B CD  
247 N NE  . ARG B 13 ? 0.1755 0.1575 0.1393 0.0105  0.0165  -0.0083 13  ARG B NE  
248 C CZ  . ARG B 13 ? 0.1637 0.1455 0.1228 0.0121  0.0210  0.0073  13  ARG B CZ  
249 N NH1 . ARG B 13 ? 0.1716 0.1368 0.1411 0.0288  -0.0005 -0.0088 13  ARG B NH1 
250 N NH2 . ARG B 13 ? 0.1973 0.2153 0.1204 0.0248  0.0320  0.0023  13  ARG B NH2 
251 O OXT . ARG B 13 ? 0.1463 0.2539 0.2120 -0.0361 -0.0512 0.1173  13  ARG B OXT 
252 O O   . HOH C .  ? 1.8875 0.6810 0.5850 0.2315  -0.4723 -0.1067 101 HOH A O   
253 O O   . HOH C .  ? 0.3123 0.2527 0.3785 0.0504  -0.0116 0.0033  102 HOH A O   
254 O O   . HOH C .  ? 0.2117 0.2100 0.2272 0.0200  0.0048  -0.0043 103 HOH A O   
255 O O   . HOH C .  ? 0.1815 0.1381 0.1425 0.0370  0.0620  0.0203  104 HOH A O   
256 O O   . HOH C .  ? 0.4419 0.2420 0.2080 -0.1234 0.1054  0.0021  105 HOH A O   
257 O O   . HOH C .  ? 0.4228 0.2861 0.3146 0.1076  0.0429  -0.0078 106 HOH A O   
258 O O   . HOH C .  ? 0.2144 0.3721 0.3414 0.0113  0.0532  0.0816  107 HOH A O   
259 O O   . HOH C .  ? 0.1149 0.1683 0.1123 0.0403  0.0259  0.0337  108 HOH A O   
260 O O   . HOH C .  ? 0.3172 0.2429 0.7794 0.0143  -0.1135 0.0449  109 HOH A O   
261 O O   . HOH C .  ? 0.2935 0.2411 0.4116 0.1065  0.0658  0.0947  110 HOH A O   
262 O O   . HOH C .  ? 0.1425 0.1280 0.1393 0.0486  0.0555  0.0258  111 HOH A O   
263 O O   . HOH C .  ? 0.2234 0.2399 0.2213 0.0156  0.0516  0.0187  112 HOH A O   
264 O O   . HOH C .  ? 0.3650 0.5713 0.2765 0.1524  0.0580  0.1362  113 HOH A O   
265 O O   . HOH C .  ? 0.3234 0.3000 0.4236 0.1236  0.1559  0.1294  114 HOH A O   
266 O O   . HOH C .  ? 0.6360 0.5547 0.2291 0.3006  -0.0997 -0.0906 115 HOH A O   
267 O O   . HOH C .  ? 0.4377 0.1286 0.8402 0.0917  -0.0138 0.1315  116 HOH A O   
268 O O   . HOH C .  ? 0.2845 0.2016 0.1982 0.0132  -0.0510 0.0397  117 HOH A O   
269 O O   . HOH C .  ? 0.2686 0.4767 0.3041 0.1640  0.0998  0.1679  118 HOH A O   
270 O O   . HOH C .  ? 0.2586 0.3108 0.1904 -0.0427 0.0183  0.0263  119 HOH A O   
271 O O   . HOH C .  ? 0.4319 0.4266 0.2624 0.2713  0.1283  0.1540  120 HOH A O   
272 O O   . HOH C .  ? 0.3888 0.3434 0.3979 0.0625  0.1326  0.1164  121 HOH A O   
273 O O   . HOH C .  ? 0.3488 0.8854 0.2782 0.0903  0.0871  0.2050  122 HOH A O   
274 O O   . HOH C .  ? 0.1051 0.0705 0.2375 -0.0116 0.0176  -0.0198 123 HOH A O   
275 O O   . HOH C .  ? 0.5169 0.6283 0.5341 0.2209  -0.1757 -0.1907 124 HOH A O   
276 O O   . HOH C .  ? 0.2870 0.4403 0.3730 -0.0138 0.0012  0.1483  125 HOH A O   
277 O O   . HOH C .  ? 0.7854 0.3753 0.8534 0.1143  0.0705  -0.1595 126 HOH A O   
278 O O   . HOH C .  ? 0.4582 0.5435 0.2059 0.1516  -0.0876 -0.0795 127 HOH A O   
279 O O   . HOH C .  ? 0.3075 0.2727 0.3694 0.0366  0.1035  0.0229  128 HOH A O   
280 O O   . HOH C .  ? 0.2029 0.2309 0.1792 0.0380  0.0401  -0.0364 129 HOH A O   
281 O O   . HOH C .  ? 0.3467 0.6228 0.2345 0.2003  0.0427  0.0335  130 HOH A O   
282 O O   . HOH C .  ? 0.6255 0.5696 0.4405 0.0362  0.0585  0.0623  131 HOH A O   
283 O O   . HOH C .  ? 0.1193 0.1470 0.1280 0.0396  0.0262  0.0325  132 HOH A O   
284 O O   . HOH D .  ? 0.5254 0.3799 0.3254 -0.1660 -0.2006 0.1816  101 HOH B O   
285 O O   . HOH D .  ? 0.2125 0.2111 0.1942 -0.0510 0.1066  -0.0651 102 HOH B O   
286 O O   . HOH D .  ? 0.1905 0.1487 0.1933 0.0973  0.0338  -0.0551 103 HOH B O   
287 O O   . HOH D .  ? 0.5194 0.3001 0.5331 0.0877  -0.2176 0.0691  104 HOH B O   
288 O O   . HOH D .  ? 0.2859 0.3837 0.2117 -0.0305 0.0576  0.0725  105 HOH B O   
289 O O   . HOH D .  ? 0.2232 0.3044 0.1570 -0.0067 -0.0020 0.0455  106 HOH B O   
290 O O   . HOH D .  ? 0.4339 0.4444 0.3012 -0.0518 0.1267  -0.1380 107 HOH B O   
291 O O   . HOH D .  ? 0.3952 0.2823 0.1133 0.0958  0.0582  0.0182  108 HOH B O   
292 O O   . HOH D .  ? 0.2816 0.2628 0.6112 0.1250  -0.0697 0.0823  109 HOH B O   
293 O O   . HOH D .  ? 0.1345 0.1765 0.0991 0.0413  0.0193  0.0364  110 HOH B O   
294 O O   . HOH D .  ? 0.1957 0.2538 0.2670 0.0265  0.0475  -0.0378 111 HOH B O   
295 O O   . HOH D .  ? 0.2290 0.2840 0.2878 0.0047  0.0587  0.0545  112 HOH B O   
296 O O   . HOH D .  ? 0.4787 0.3072 0.4495 0.0962  -0.1923 0.0454  113 HOH B O   
297 O O   . HOH D .  ? 0.3164 0.6190 0.3634 0.1791  0.0997  0.2270  114 HOH B O   
298 O O   . HOH D .  ? 0.2419 0.2417 0.2706 0.1172  0.0627  0.0586  115 HOH B O   
299 O O   . HOH D .  ? 0.1596 0.3418 0.4016 0.0692  0.0733  0.1603  116 HOH B O   
300 O O   . HOH D .  ? 0.3686 0.2341 0.3763 -0.0358 0.1526  -0.1059 117 HOH B O   
301 O O   . HOH D .  ? 0.7680 0.5219 0.2931 0.0166  -0.0381 -0.0687 118 HOH B O   
302 O O   . HOH D .  ? 0.2187 0.3735 0.2371 0.0182  -0.0110 0.0156  119 HOH B O   
303 O O   . HOH D .  ? 0.5357 0.5972 0.5167 -0.0171 0.1791  -0.1205 120 HOH B O   
304 O O   . HOH D .  ? 0.1832 0.2732 0.1833 0.0528  0.0180  0.0200  121 HOH B O   
305 O O   . HOH D .  ? 1.3526 3.2586 1.0647 -1.1289 0.2930  -0.2281 122 HOH B O   
306 O O   . HOH D .  ? 0.2502 0.2179 0.1266 -0.0207 0.0088  0.0347  123 HOH B O   
307 O O   . HOH D .  ? 0.1136 0.1456 0.2003 0.0327  -0.0702 -0.0723 124 HOH B O   
# 
